data_7BSP
#
_entry.id   7BSP
#
_cell.length_a   1.00
_cell.length_b   1.00
_cell.length_c   1.00
_cell.angle_alpha   90.00
_cell.angle_beta   90.00
_cell.angle_gamma   90.00
#
_symmetry.space_group_name_H-M   'P 1'
#
loop_
_entity.id
_entity.type
_entity.pdbx_description
1 polymer ATP11C
2 polymer CDC50A
3 branched 2-acetamido-2-deoxy-beta-D-glucopyranose-(1-3)-2-acetamido-2-deoxy-beta-D-glucopyranose
4 non-polymer 'PHOSPHOMETHYLPHOSPHONIC ACID ADENYLATE ESTER'
5 non-polymer 2-acetamido-2-deoxy-beta-D-glucopyranose
#
loop_
_entity_poly.entity_id
_entity_poly.type
_entity_poly.pdbx_seq_one_letter_code
_entity_poly.pdbx_strand_id
1 'polypeptide(L)'
;RFCAGEEKRVGTRTVFVGNHPVSETEAYIAQRFCDNRIVSSKYTLWNFLPKNLFEQFRRIANFYFLIIFLVQVTVDTPTS
PVTSGLPLFFVITVTAIKQGYEDWLRHRADNEVNKSTVYIIENAKRVRKESEKIKVGDVVEVQADETFPCDLILLSSCTT
DGTCYVTTASLDGESNCKTHYAVRDTIALCTAESIDTLRAAIECEQPQPDLYKFVGRINIYSNSLEAVARSLGPENLLLK
GATLKNTEKIYGVAVYTGMETKMALNYQGKSQKRSAVEKSINAFLIVYLFILLTKAAVCTTLKYVWQSTPYNDEPWYNQK
TQKERETLKVLKMFTDFLSFMVLFNFIIPVSMYVTVEMQKFLGSFFISWDKDFYDEEINEGALVNTSDLNEELGQVDYVF
TDKTGTLTENSMEFIECCIDGHKYKGVTQEVDGLSQTDGTLTYFDKVDKNREELFLRALCLCHTVEIKTNDAVDGATESA
ELTYISSSPDEIALVKGAKRYGFTFLGNRNGYMRVENQRKEIEEYELLHTLNFDAVRRRMSVIVKTQEGDILLFCKGADS
AVFPRVQNHEIELTKVHVERNAMDGYRTLCVAFKEIAPDDYERINRQLIEAKMALQDREEKMEKVFDDIETNMNLIGATA
VEDKLQDQAAETIEALHAAGLKVWVLTGDKMETAKSTCYACRLFQTNTELLELTTKTIEESERKEDRLHELLIEYRKKLL
HEFPKSTRSFKKAWTEHQEYGLIIDGSTLSLILNSSQDSSSNNYKSIFLQICMKCTAVLCCRMAPLQKAQIVRMVKNLKG
SPITLSIGDGANDVSMILESHVGIGIKGKEGRQAARNSDYSVPKFKHLKKLLLAHGHLYYVRIAHLVQYFFYKNLCFILP
QFLYQFFCGFSQQPLYDAAYLTMYNICFTSLPILAYSLLEQHINIDTLTSDPRLYMKISGNAMLQLGPFLYWTFLAAFEG
TVFFFGTYFLFQTASLEENGKVYGNWTFGTIVFTVLVFTVTLKLALDTRFWTWINHFVIWGSLAFYVFFSFFWGGIIWPF
LKQQRMYFVFAQMLSSVSTWLAIILLIFISLFPEILLIVLKNVR
;
A
2 'polypeptide(L)'
;MAMNYNAKDEVDGGPPCAPGGTAKTRRPDNTAFKQQRLPAWQPILTAGTVLPIFFIIGLIFIPIGIGIFVTSNNIREIEI
DYTGTEPSSPCNKCLSPDVTPCFCTINFTLEKSFEGNVFMYYGLSNFYQNHRRYVKSRDDSQLNGDSSALLNPSKECEPY
RRNEDKPIAPCGAIMNSMFNDTLELFLIGQDSYPIPIALKKKGIAWWTDKNVKFRNPPGGDNLEERFKGTTKPVNWLKPV
YMLDSDPDNNGFINEDFIVWMRTAALPTFRKLYRLIERKSDLHPTLPAGRYWLNVTYNYPVHYFDGRKRMILSTISWMGG
KNPFLGIAYIAVGSISFLLGVVLLVINHKYRNSSNTADITI
;
C
#
# COMPACT_ATOMS: atom_id res chain seq x y z
N THR A 12 8.41 -12.19 40.27
CA THR A 12 7.65 -12.74 41.38
C THR A 12 7.72 -14.27 41.37
N ARG A 13 8.39 -14.82 40.38
CA ARG A 13 8.51 -16.27 40.24
C ARG A 13 9.56 -16.79 41.22
N THR A 14 9.89 -18.07 41.10
CA THR A 14 10.90 -18.70 41.94
C THR A 14 11.59 -19.79 41.15
N VAL A 15 12.84 -20.07 41.50
CA VAL A 15 13.66 -21.05 40.80
C VAL A 15 14.63 -21.69 41.78
N PHE A 16 15.20 -22.81 41.36
CA PHE A 16 16.23 -23.51 42.12
C PHE A 16 17.26 -24.03 41.13
N VAL A 17 18.53 -23.87 41.47
CA VAL A 17 19.60 -24.13 40.50
C VAL A 17 19.49 -25.55 39.94
N GLY A 18 19.59 -26.55 40.81
CA GLY A 18 19.46 -27.92 40.38
C GLY A 18 18.05 -28.43 40.32
N ASN A 19 17.05 -27.55 40.41
CA ASN A 19 15.64 -27.89 40.45
C ASN A 19 15.26 -28.62 41.74
N HIS A 20 16.21 -28.89 42.62
CA HIS A 20 15.93 -29.51 43.90
C HIS A 20 16.30 -28.56 45.03
N PRO A 21 15.34 -28.12 45.83
CA PRO A 21 15.65 -27.14 46.89
C PRO A 21 16.28 -27.79 48.11
N VAL A 22 16.51 -26.98 49.14
CA VAL A 22 17.10 -27.49 50.38
C VAL A 22 16.12 -28.41 51.09
N GLN A 31 5.30 -30.11 35.31
CA GLN A 31 6.02 -28.88 35.01
C GLN A 31 5.16 -27.65 35.32
N ARG A 32 5.69 -26.76 36.16
CA ARG A 32 4.98 -25.55 36.54
C ARG A 32 5.40 -24.33 35.75
N PHE A 33 6.20 -24.49 34.70
CA PHE A 33 6.68 -23.37 33.91
C PHE A 33 6.67 -23.73 32.43
N CYS A 34 6.78 -22.71 31.59
CA CYS A 34 6.77 -22.91 30.15
C CYS A 34 7.91 -23.83 29.74
N ASP A 35 7.85 -24.28 28.49
CA ASP A 35 8.82 -25.21 27.93
C ASP A 35 9.58 -24.54 26.81
N ASN A 36 10.89 -24.80 26.75
CA ASN A 36 11.80 -24.11 25.83
C ASN A 36 11.61 -24.65 24.42
N ARG A 37 10.61 -24.10 23.73
CA ARG A 37 10.43 -24.32 22.30
C ARG A 37 9.92 -23.02 21.71
N ILE A 38 10.79 -22.32 20.98
CA ILE A 38 10.44 -21.02 20.43
C ILE A 38 9.66 -21.22 19.13
N VAL A 39 8.39 -20.82 19.16
CA VAL A 39 7.53 -20.93 17.98
C VAL A 39 7.26 -19.55 17.42
N SER A 40 8.10 -19.10 16.49
CA SER A 40 7.99 -17.76 15.95
C SER A 40 6.86 -17.64 14.93
N SER A 41 6.39 -18.75 14.38
CA SER A 41 5.37 -18.72 13.35
C SER A 41 4.04 -18.25 13.94
N LYS A 42 3.05 -18.13 13.07
CA LYS A 42 1.67 -17.86 13.47
C LYS A 42 0.71 -18.96 13.08
N TYR A 43 0.89 -19.58 11.92
CA TYR A 43 0.04 -20.66 11.45
C TYR A 43 0.63 -21.99 11.92
N THR A 44 0.12 -23.09 11.39
CA THR A 44 0.64 -24.41 11.72
C THR A 44 0.52 -25.28 10.48
N LEU A 45 0.67 -26.58 10.66
CA LEU A 45 0.46 -27.53 9.57
C LEU A 45 -0.97 -28.03 9.50
N TRP A 46 -1.82 -27.64 10.45
CA TRP A 46 -3.22 -28.05 10.49
C TRP A 46 -4.20 -26.90 10.39
N ASN A 47 -4.02 -25.84 11.18
CA ASN A 47 -4.97 -24.74 11.26
C ASN A 47 -4.62 -23.61 10.30
N PHE A 48 -3.89 -23.92 9.23
CA PHE A 48 -3.52 -22.89 8.27
C PHE A 48 -4.75 -22.27 7.62
N LEU A 49 -5.50 -23.07 6.87
CA LEU A 49 -6.66 -22.58 6.14
C LEU A 49 -7.66 -21.91 7.08
N PRO A 50 -8.23 -22.65 8.02
CA PRO A 50 -9.26 -22.06 8.89
C PRO A 50 -8.80 -20.76 9.55
N LYS A 51 -7.50 -20.51 9.53
CA LYS A 51 -6.95 -19.27 10.05
C LYS A 51 -6.63 -18.27 8.95
N ASN A 52 -5.87 -18.70 7.93
CA ASN A 52 -5.51 -17.78 6.85
C ASN A 52 -6.74 -17.18 6.21
N LEU A 53 -7.60 -18.02 5.63
CA LEU A 53 -8.81 -17.56 4.98
C LEU A 53 -9.53 -16.51 5.81
N PHE A 54 -9.88 -16.88 7.05
CA PHE A 54 -10.58 -15.93 7.91
C PHE A 54 -9.83 -14.62 8.01
N GLU A 55 -8.50 -14.68 8.20
CA GLU A 55 -7.73 -13.45 8.28
C GLU A 55 -7.72 -12.68 6.99
N GLN A 56 -8.22 -13.27 5.89
CA GLN A 56 -8.46 -12.54 4.66
C GLN A 56 -9.92 -12.13 4.51
N PHE A 57 -10.84 -13.07 4.63
CA PHE A 57 -12.24 -12.75 4.40
C PHE A 57 -12.83 -11.86 5.46
N ARG A 58 -12.08 -11.40 6.46
CA ARG A 58 -12.56 -10.34 7.32
C ARG A 58 -12.35 -8.97 6.69
N ARG A 59 -11.59 -8.90 5.61
CA ARG A 59 -11.35 -7.66 4.89
C ARG A 59 -12.52 -7.37 3.96
N ILE A 60 -12.87 -6.08 3.84
CA ILE A 60 -14.14 -5.72 3.19
C ILE A 60 -14.22 -6.32 1.79
N ALA A 61 -13.30 -5.93 0.91
CA ALA A 61 -13.42 -6.30 -0.50
C ALA A 61 -13.16 -7.78 -0.73
N ASN A 62 -12.47 -8.46 0.18
CA ASN A 62 -12.29 -9.90 0.03
C ASN A 62 -13.44 -10.69 0.61
N PHE A 63 -14.32 -10.04 1.36
CA PHE A 63 -15.51 -10.69 1.89
C PHE A 63 -16.71 -10.41 1.00
N TYR A 64 -16.96 -9.13 0.71
CA TYR A 64 -18.03 -8.76 -0.21
C TYR A 64 -18.04 -9.66 -1.43
N PHE A 65 -16.90 -9.78 -2.12
CA PHE A 65 -16.82 -10.66 -3.27
C PHE A 65 -17.17 -12.10 -2.94
N LEU A 66 -17.18 -12.48 -1.66
CA LEU A 66 -17.64 -13.80 -1.30
C LEU A 66 -19.16 -13.90 -1.36
N ILE A 67 -19.85 -12.96 -0.70
CA ILE A 67 -21.31 -12.90 -0.80
C ILE A 67 -21.74 -13.00 -2.25
N ILE A 68 -21.13 -12.19 -3.11
CA ILE A 68 -21.46 -12.20 -4.53
C ILE A 68 -21.11 -13.53 -5.19
N PHE A 69 -20.49 -14.45 -4.46
CA PHE A 69 -20.28 -15.79 -5.00
C PHE A 69 -21.44 -16.71 -4.67
N LEU A 70 -21.77 -16.84 -3.39
CA LEU A 70 -22.95 -17.62 -3.00
C LEU A 70 -24.17 -17.22 -3.83
N VAL A 71 -24.46 -15.92 -3.85
CA VAL A 71 -25.62 -15.39 -4.56
C VAL A 71 -25.63 -15.89 -5.99
N GLN A 72 -24.46 -16.23 -6.52
CA GLN A 72 -24.37 -16.78 -7.87
C GLN A 72 -24.50 -18.29 -7.91
N VAL A 73 -24.24 -18.98 -6.81
CA VAL A 73 -24.35 -20.43 -6.81
C VAL A 73 -25.76 -20.90 -6.48
N THR A 74 -26.52 -20.11 -5.70
CA THR A 74 -27.89 -20.49 -5.37
C THR A 74 -28.90 -19.86 -6.33
N VAL A 75 -28.92 -18.53 -6.39
CA VAL A 75 -29.87 -17.85 -7.25
C VAL A 75 -29.56 -18.15 -8.72
N ASP A 76 -30.55 -17.93 -9.58
CA ASP A 76 -30.37 -18.05 -11.02
C ASP A 76 -30.01 -16.66 -11.55
N THR A 77 -28.75 -16.50 -11.94
CA THR A 77 -28.19 -15.19 -12.23
C THR A 77 -27.52 -15.16 -13.59
N PRO A 78 -27.28 -13.97 -14.14
CA PRO A 78 -26.84 -13.87 -15.54
C PRO A 78 -25.47 -14.50 -15.80
N THR A 79 -24.45 -14.08 -15.07
CA THR A 79 -23.09 -14.51 -15.32
C THR A 79 -22.80 -15.81 -14.59
N SER A 80 -22.29 -16.80 -15.32
CA SER A 80 -21.94 -18.08 -14.73
C SER A 80 -21.08 -17.85 -13.48
N PRO A 81 -21.10 -18.76 -12.52
CA PRO A 81 -20.32 -18.54 -11.29
C PRO A 81 -18.85 -18.34 -11.55
N VAL A 82 -18.33 -18.79 -12.70
CA VAL A 82 -16.90 -18.66 -12.97
C VAL A 82 -16.47 -17.20 -12.92
N THR A 83 -17.23 -16.32 -13.55
CA THR A 83 -16.76 -14.95 -13.67
C THR A 83 -16.78 -14.20 -12.38
N SER A 84 -17.09 -14.81 -11.24
CA SER A 84 -16.93 -14.14 -9.97
C SER A 84 -16.31 -15.02 -8.90
N GLY A 85 -16.00 -16.27 -9.20
CA GLY A 85 -15.36 -17.13 -8.23
C GLY A 85 -13.92 -17.39 -8.57
N LEU A 86 -13.58 -17.26 -9.84
CA LEU A 86 -12.19 -17.42 -10.26
C LEU A 86 -11.40 -16.18 -9.86
N PRO A 87 -11.81 -14.99 -10.30
CA PRO A 87 -11.07 -13.78 -9.93
C PRO A 87 -11.14 -13.50 -8.44
N LEU A 88 -11.80 -14.37 -7.69
CA LEU A 88 -11.79 -14.33 -6.24
C LEU A 88 -11.07 -15.51 -5.63
N PHE A 89 -11.13 -16.68 -6.27
CA PHE A 89 -10.32 -17.80 -5.85
C PHE A 89 -8.85 -17.63 -6.20
N PHE A 90 -8.56 -16.80 -7.20
CA PHE A 90 -7.16 -16.56 -7.58
C PHE A 90 -6.51 -15.55 -6.65
N VAL A 91 -7.11 -14.38 -6.49
CA VAL A 91 -6.58 -13.34 -5.61
C VAL A 91 -6.32 -13.90 -4.22
N ILE A 92 -7.00 -14.99 -3.87
CA ILE A 92 -6.72 -15.66 -2.62
C ILE A 92 -5.51 -16.57 -2.74
N THR A 93 -5.55 -17.52 -3.67
CA THR A 93 -4.46 -18.47 -3.82
C THR A 93 -3.12 -17.79 -4.06
N VAL A 94 -3.10 -16.54 -4.53
CA VAL A 94 -1.84 -15.84 -4.70
C VAL A 94 -1.46 -15.03 -3.48
N THR A 95 -2.40 -14.80 -2.56
CA THR A 95 -2.02 -14.22 -1.27
C THR A 95 -1.75 -15.31 -0.24
N ALA A 96 -2.56 -16.36 -0.21
CA ALA A 96 -2.33 -17.45 0.72
C ALA A 96 -0.93 -18.01 0.55
N ILE A 97 -0.54 -18.34 -0.67
CA ILE A 97 0.77 -18.92 -0.92
C ILE A 97 1.85 -18.02 -0.35
N LYS A 98 1.95 -16.78 -0.86
CA LYS A 98 2.93 -15.85 -0.34
C LYS A 98 2.79 -15.70 1.16
N GLN A 99 1.63 -15.23 1.62
CA GLN A 99 1.39 -15.07 3.05
C GLN A 99 1.54 -16.38 3.81
N GLY A 100 1.45 -17.52 3.12
CA GLY A 100 1.70 -18.79 3.75
C GLY A 100 3.16 -19.20 3.71
N TYR A 101 3.73 -19.27 2.51
CA TYR A 101 5.14 -19.61 2.35
C TYR A 101 6.02 -18.64 3.13
N GLU A 102 5.83 -17.35 2.91
CA GLU A 102 6.61 -16.32 3.60
C GLU A 102 6.61 -16.58 5.10
N ASP A 103 5.60 -17.30 5.59
CA ASP A 103 5.60 -17.77 6.97
C ASP A 103 6.46 -19.02 7.14
N TRP A 104 6.28 -20.01 6.25
CA TRP A 104 7.02 -21.25 6.38
C TRP A 104 8.51 -21.02 6.48
N LEU A 105 9.01 -19.88 6.02
CA LEU A 105 10.42 -19.56 6.24
C LEU A 105 10.77 -19.59 7.71
N ARG A 106 9.85 -19.12 8.57
CA ARG A 106 10.12 -19.10 10.01
C ARG A 106 10.22 -20.50 10.57
N HIS A 107 9.21 -21.34 10.31
CA HIS A 107 9.25 -22.72 10.82
C HIS A 107 10.61 -23.36 10.59
N ARG A 108 11.04 -23.44 9.32
CA ARG A 108 12.33 -24.07 9.04
C ARG A 108 13.46 -23.28 9.68
N ALA A 109 13.27 -21.97 9.86
CA ALA A 109 14.24 -21.19 10.61
C ALA A 109 14.19 -21.53 12.10
N ASP A 110 13.03 -21.31 12.72
CA ASP A 110 12.83 -21.65 14.12
C ASP A 110 13.38 -23.03 14.46
N ASN A 111 12.88 -24.05 13.76
CA ASN A 111 13.24 -25.43 14.06
C ASN A 111 14.74 -25.59 14.24
N GLU A 112 15.52 -24.77 13.53
CA GLU A 112 16.97 -24.81 13.69
C GLU A 112 17.38 -24.34 15.07
N VAL A 113 17.03 -23.10 15.42
CA VAL A 113 17.51 -22.50 16.66
C VAL A 113 17.20 -23.39 17.85
N ASN A 114 15.94 -23.83 17.97
CA ASN A 114 15.53 -24.62 19.13
C ASN A 114 15.72 -26.10 18.91
N LYS A 115 16.63 -26.50 18.01
CA LYS A 115 16.97 -27.89 17.82
C LYS A 115 18.47 -28.05 17.64
N SER A 116 19.24 -27.14 18.23
CA SER A 116 20.68 -27.21 18.23
C SER A 116 21.18 -27.87 19.51
N THR A 117 22.47 -28.21 19.51
CA THR A 117 23.04 -28.91 20.65
C THR A 117 23.41 -27.93 21.75
N VAL A 118 22.98 -28.23 22.98
CA VAL A 118 23.35 -27.42 24.14
C VAL A 118 23.51 -28.35 25.34
N TYR A 119 24.73 -28.44 25.86
CA TYR A 119 25.01 -29.39 26.92
C TYR A 119 24.43 -28.93 28.25
N ILE A 120 24.02 -29.89 29.07
CA ILE A 120 23.41 -29.63 30.36
C ILE A 120 24.22 -30.35 31.44
N ILE A 121 23.87 -30.09 32.69
CA ILE A 121 24.53 -30.70 33.84
C ILE A 121 23.44 -31.30 34.71
N GLU A 122 23.15 -32.58 34.52
CA GLU A 122 22.14 -33.26 35.32
C GLU A 122 22.68 -33.61 36.70
N ASN A 123 23.67 -34.48 36.75
CA ASN A 123 24.34 -34.86 38.01
C ASN A 123 25.78 -35.21 37.65
N ALA A 124 26.67 -34.21 37.77
CA ALA A 124 28.07 -34.40 37.41
C ALA A 124 28.22 -34.95 35.99
N LYS A 125 27.26 -34.62 35.14
CA LYS A 125 27.24 -35.11 33.77
C LYS A 125 27.13 -33.93 32.80
N ARG A 126 27.94 -33.96 31.76
CA ARG A 126 27.88 -32.95 30.70
C ARG A 126 27.00 -33.43 29.56
N VAL A 127 25.71 -33.62 29.89
CA VAL A 127 24.77 -34.16 28.92
C VAL A 127 24.73 -33.28 27.67
N ARG A 128 24.35 -33.90 26.56
CA ARG A 128 24.22 -33.22 25.27
C ARG A 128 22.79 -33.39 24.79
N LYS A 129 21.93 -32.46 25.19
CA LYS A 129 20.52 -32.49 24.85
C LYS A 129 20.24 -31.55 23.69
N GLU A 130 18.96 -31.39 23.37
CA GLU A 130 18.51 -30.47 22.33
C GLU A 130 17.97 -29.21 22.99
N SER A 131 18.32 -28.05 22.43
CA SER A 131 17.97 -26.78 23.05
C SER A 131 16.49 -26.70 23.40
N GLU A 132 15.65 -27.50 22.76
CA GLU A 132 14.22 -27.51 23.08
C GLU A 132 13.92 -28.24 24.38
N LYS A 133 14.81 -29.13 24.83
CA LYS A 133 14.55 -29.95 26.00
C LYS A 133 14.73 -29.19 27.32
N ILE A 134 15.45 -28.07 27.31
CA ILE A 134 15.80 -27.42 28.57
C ILE A 134 14.55 -27.00 29.32
N LYS A 135 14.62 -27.04 30.64
CA LYS A 135 13.58 -26.58 31.53
C LYS A 135 14.13 -25.46 32.40
N VAL A 136 13.23 -24.85 33.19
CA VAL A 136 13.65 -23.77 34.07
C VAL A 136 14.43 -24.34 35.25
N GLY A 137 15.44 -23.59 35.69
CA GLY A 137 16.22 -24.00 36.83
C GLY A 137 17.08 -25.22 36.57
N ASP A 138 18.09 -25.07 35.71
CA ASP A 138 18.97 -26.19 35.40
C ASP A 138 20.24 -25.66 34.75
N VAL A 139 21.38 -26.22 35.14
CA VAL A 139 22.68 -25.68 34.76
C VAL A 139 22.90 -25.90 33.28
N VAL A 140 23.26 -24.83 32.59
CA VAL A 140 23.65 -24.91 31.18
C VAL A 140 25.15 -24.71 31.07
N GLU A 141 25.71 -25.13 29.94
CA GLU A 141 27.11 -24.88 29.62
C GLU A 141 27.21 -24.29 28.22
N VAL A 142 28.22 -23.47 28.00
CA VAL A 142 28.39 -22.80 26.71
C VAL A 142 29.87 -22.57 26.46
N GLN A 143 30.37 -23.06 25.33
CA GLN A 143 31.72 -22.77 24.88
C GLN A 143 31.75 -21.38 24.26
N ALA A 144 32.87 -21.02 23.66
CA ALA A 144 32.96 -19.74 22.98
C ALA A 144 32.29 -19.83 21.60
N ASP A 145 31.93 -18.67 21.06
CA ASP A 145 31.39 -18.52 19.72
C ASP A 145 29.97 -19.05 19.59
N GLU A 146 29.40 -19.62 20.64
CA GLU A 146 28.12 -20.32 20.56
C GLU A 146 26.99 -19.43 21.04
N THR A 147 25.84 -19.56 20.39
CA THR A 147 24.66 -18.80 20.77
C THR A 147 24.17 -19.23 22.15
N PHE A 148 23.19 -18.54 22.65
CA PHE A 148 22.73 -18.94 23.98
C PHE A 148 21.52 -19.85 23.87
N PRO A 149 21.36 -20.76 24.83
CA PRO A 149 20.15 -21.60 24.84
C PRO A 149 18.94 -20.88 25.40
N CYS A 150 19.14 -19.98 26.36
CA CYS A 150 18.04 -19.25 26.98
C CYS A 150 18.63 -18.22 27.93
N ASP A 151 17.76 -17.42 28.53
CA ASP A 151 18.23 -16.34 29.41
C ASP A 151 18.80 -16.97 30.68
N LEU A 152 20.11 -17.10 30.72
CA LEU A 152 20.78 -17.67 31.87
C LEU A 152 20.98 -16.61 32.94
N ILE A 153 21.67 -16.98 34.01
CA ILE A 153 22.21 -16.02 34.96
C ILE A 153 23.64 -16.43 35.25
N LEU A 154 24.60 -15.79 34.58
CA LEU A 154 25.98 -16.21 34.64
C LEU A 154 26.40 -16.52 36.07
N LEU A 155 26.79 -17.76 36.31
CA LEU A 155 27.14 -18.19 37.66
C LEU A 155 28.63 -18.39 37.85
N SER A 156 29.38 -18.63 36.78
CA SER A 156 30.84 -18.72 36.86
C SER A 156 31.38 -18.95 35.47
N SER A 157 32.66 -18.64 35.29
CA SER A 157 33.39 -18.90 34.06
C SER A 157 34.63 -19.73 34.37
N CYS A 158 35.31 -20.18 33.33
CA CYS A 158 36.51 -20.99 33.50
C CYS A 158 37.53 -20.26 34.38
N THR A 159 37.72 -18.96 34.14
CA THR A 159 38.65 -18.18 34.93
C THR A 159 37.98 -17.62 36.18
N THR A 160 38.79 -17.02 37.03
CA THR A 160 38.27 -16.17 38.10
C THR A 160 37.83 -14.85 37.51
N ASP A 161 37.48 -13.91 38.38
CA ASP A 161 37.00 -12.58 38.02
C ASP A 161 35.56 -12.64 37.52
N GLY A 162 34.98 -13.82 37.39
CA GLY A 162 33.58 -13.97 37.01
C GLY A 162 33.15 -13.03 35.91
N THR A 163 33.88 -13.00 34.80
CA THR A 163 33.56 -12.11 33.70
C THR A 163 33.53 -12.89 32.39
N CYS A 164 32.63 -12.48 31.50
CA CYS A 164 32.54 -13.08 30.18
C CYS A 164 31.79 -12.12 29.25
N TYR A 165 32.47 -11.65 28.21
CA TYR A 165 31.87 -10.66 27.34
C TYR A 165 30.68 -11.25 26.60
N VAL A 166 29.97 -10.37 25.87
CA VAL A 166 28.80 -10.75 25.09
C VAL A 166 28.64 -9.75 23.95
N THR A 167 28.08 -10.24 22.84
CA THR A 167 27.93 -9.44 21.63
C THR A 167 26.49 -9.62 21.15
N THR A 168 25.62 -8.70 21.55
CA THR A 168 24.20 -8.79 21.19
C THR A 168 24.02 -8.40 19.74
N ALA A 169 24.65 -9.15 18.84
CA ALA A 169 24.64 -8.83 17.41
C ALA A 169 23.39 -9.31 16.71
N SER A 170 22.45 -9.93 17.41
CA SER A 170 21.24 -10.44 16.79
C SER A 170 19.96 -9.93 17.43
N LEU A 171 20.01 -9.43 18.66
CA LEU A 171 18.80 -8.94 19.32
C LEU A 171 18.50 -7.51 18.89
N ASP A 172 19.44 -6.59 19.12
CA ASP A 172 19.26 -5.19 18.77
C ASP A 172 20.24 -4.71 17.72
N GLY A 173 21.11 -5.58 17.21
CA GLY A 173 22.03 -5.22 16.16
C GLY A 173 23.37 -4.70 16.63
N GLU A 174 23.60 -4.60 17.93
CA GLU A 174 24.88 -4.16 18.45
C GLU A 174 25.99 -5.02 17.86
N SER A 175 27.21 -4.46 17.74
CA SER A 175 28.31 -5.20 17.13
C SER A 175 29.59 -5.12 17.95
N ASN A 176 29.51 -4.72 19.21
CA ASN A 176 30.67 -4.68 20.09
C ASN A 176 30.60 -5.81 21.11
N CYS A 177 31.55 -5.84 22.02
CA CYS A 177 31.66 -6.89 23.02
C CYS A 177 31.40 -6.31 24.40
N LYS A 178 30.13 -6.25 24.79
CA LYS A 178 29.78 -5.88 26.15
C LYS A 178 30.34 -6.92 27.12
N THR A 179 30.39 -6.55 28.39
CA THR A 179 30.97 -7.39 29.42
C THR A 179 30.00 -7.53 30.57
N HIS A 180 29.62 -8.76 30.89
CA HIS A 180 28.75 -9.05 32.02
C HIS A 180 29.55 -9.56 33.20
N TYR A 181 28.85 -9.84 34.30
CA TYR A 181 29.49 -10.26 35.52
C TYR A 181 28.78 -11.49 36.09
N ALA A 182 29.54 -12.30 36.81
CA ALA A 182 29.02 -13.48 37.47
C ALA A 182 28.61 -13.14 38.90
N VAL A 183 28.31 -14.16 39.70
CA VAL A 183 27.96 -14.00 41.10
C VAL A 183 29.19 -14.28 41.94
N ARG A 184 29.53 -13.34 42.84
CA ARG A 184 30.73 -13.47 43.64
C ARG A 184 30.78 -14.82 44.36
N ASP A 185 29.72 -15.14 45.11
CA ASP A 185 29.73 -16.30 45.98
C ASP A 185 29.81 -17.61 45.22
N THR A 186 29.88 -17.55 43.88
CA THR A 186 29.90 -18.75 43.07
C THR A 186 31.05 -18.81 42.08
N ILE A 187 31.78 -17.71 41.88
CA ILE A 187 32.87 -17.71 40.90
C ILE A 187 33.82 -18.87 41.15
N ALA A 188 33.99 -19.28 42.41
CA ALA A 188 34.88 -20.40 42.70
C ALA A 188 34.43 -21.67 42.00
N LEU A 189 33.14 -21.80 41.72
CA LEU A 189 32.60 -23.01 41.12
C LEU A 189 32.88 -23.00 39.62
N CYS A 190 33.74 -23.91 39.17
CA CYS A 190 33.97 -24.10 37.74
C CYS A 190 34.46 -25.53 37.55
N THR A 191 33.58 -26.41 37.10
CA THR A 191 33.81 -27.84 37.03
C THR A 191 33.93 -28.47 38.40
N ALA A 192 33.86 -27.67 39.47
CA ALA A 192 33.98 -28.18 40.83
C ALA A 192 32.62 -28.67 41.31
N GLU A 193 32.01 -29.50 40.47
CA GLU A 193 30.74 -30.15 40.76
C GLU A 193 29.75 -29.19 41.39
N SER A 194 29.45 -28.08 40.71
CA SER A 194 28.42 -27.15 41.17
C SER A 194 27.09 -27.87 41.34
N ILE A 195 27.00 -29.09 40.79
CA ILE A 195 25.84 -29.95 40.90
C ILE A 195 25.66 -30.40 42.34
N ASP A 196 26.56 -29.96 43.22
CA ASP A 196 26.54 -30.42 44.61
C ASP A 196 25.34 -29.83 45.33
N THR A 197 24.14 -30.22 44.89
CA THR A 197 22.88 -29.71 45.44
C THR A 197 22.97 -28.22 45.72
N LEU A 198 23.62 -27.51 44.80
CA LEU A 198 23.87 -26.08 44.97
C LEU A 198 22.57 -25.35 45.28
N ARG A 199 22.51 -24.69 46.43
CA ARG A 199 21.29 -24.02 46.85
C ARG A 199 21.21 -22.63 46.23
N ALA A 200 19.98 -22.19 45.96
CA ALA A 200 19.77 -20.86 45.42
C ALA A 200 18.28 -20.62 45.29
N ALA A 201 17.90 -19.34 45.22
CA ALA A 201 16.52 -18.92 45.00
C ALA A 201 16.59 -17.72 44.06
N ILE A 202 16.21 -17.94 42.81
CA ILE A 202 16.33 -16.92 41.77
C ILE A 202 14.94 -16.38 41.53
N GLU A 203 14.62 -15.28 42.22
CA GLU A 203 13.33 -14.63 42.05
C GLU A 203 13.50 -13.44 41.10
N CYS A 204 12.76 -13.45 40.01
CA CYS A 204 12.81 -12.39 39.02
C CYS A 204 11.40 -11.95 38.68
N GLU A 205 11.22 -10.66 38.47
CA GLU A 205 9.93 -10.16 38.03
C GLU A 205 9.46 -10.96 36.81
N GLN A 206 8.15 -11.18 36.75
CA GLN A 206 7.59 -11.94 35.65
C GLN A 206 8.09 -11.37 34.32
N PRO A 207 8.52 -12.21 33.38
CA PRO A 207 9.28 -11.72 32.23
C PRO A 207 8.71 -10.48 31.58
N GLN A 208 9.48 -9.40 31.61
CA GLN A 208 9.11 -8.15 30.95
C GLN A 208 9.97 -7.97 29.72
N PRO A 209 9.38 -7.61 28.57
CA PRO A 209 10.14 -7.54 27.33
C PRO A 209 11.02 -6.30 27.19
N ASP A 210 11.27 -5.56 28.27
CA ASP A 210 12.08 -4.36 28.14
C ASP A 210 13.49 -4.67 27.69
N LEU A 211 13.95 -5.91 27.90
CA LEU A 211 15.20 -6.37 27.30
C LEU A 211 16.42 -5.71 27.91
N TYR A 212 16.22 -4.77 28.84
CA TYR A 212 17.34 -4.10 29.50
C TYR A 212 17.23 -4.01 31.00
N LYS A 213 16.05 -4.23 31.58
CA LYS A 213 15.87 -4.22 33.02
C LYS A 213 15.61 -5.64 33.51
N PHE A 214 16.24 -5.99 34.63
CA PHE A 214 16.08 -7.32 35.20
C PHE A 214 16.34 -7.23 36.69
N VAL A 215 15.29 -7.41 37.49
CA VAL A 215 15.38 -7.36 38.93
C VAL A 215 15.27 -8.79 39.46
N GLY A 216 16.28 -9.22 40.20
CA GLY A 216 16.29 -10.58 40.72
C GLY A 216 16.91 -10.67 42.10
N ARG A 217 17.31 -11.88 42.49
CA ARG A 217 17.92 -12.10 43.79
C ARG A 217 18.37 -13.55 43.86
N ILE A 218 19.36 -13.80 44.71
CA ILE A 218 19.86 -15.14 44.95
C ILE A 218 19.96 -15.37 46.45
N ASN A 219 19.65 -16.59 46.87
CA ASN A 219 19.64 -16.97 48.28
C ASN A 219 20.49 -18.20 48.49
N ILE A 220 21.70 -18.19 47.94
CA ILE A 220 22.59 -19.33 48.06
C ILE A 220 22.68 -19.78 49.51
N TYR A 221 22.75 -21.09 49.72
CA TYR A 221 22.87 -21.69 51.04
C TYR A 221 24.24 -22.33 51.18
N SER A 222 24.90 -22.09 52.30
CA SER A 222 26.21 -22.65 52.57
C SER A 222 26.06 -24.10 53.05
N ASN A 223 27.14 -24.67 53.58
CA ASN A 223 27.09 -26.05 54.07
C ASN A 223 25.98 -26.23 55.10
N SER A 224 26.10 -25.51 56.22
CA SER A 224 25.10 -25.61 57.27
C SER A 224 24.00 -24.56 57.12
N LEU A 225 24.37 -23.28 57.14
CA LEU A 225 23.39 -22.20 57.05
C LEU A 225 24.03 -21.01 56.36
N GLU A 226 23.28 -20.41 55.44
CA GLU A 226 23.70 -19.17 54.79
C GLU A 226 22.54 -18.58 54.00
N ALA A 227 22.33 -17.28 54.14
CA ALA A 227 21.26 -16.56 53.45
C ALA A 227 21.82 -15.34 52.73
N VAL A 228 22.94 -15.52 52.02
CA VAL A 228 23.53 -14.41 51.29
C VAL A 228 22.52 -13.89 50.29
N ALA A 229 22.10 -12.63 50.48
CA ALA A 229 21.09 -12.02 49.62
C ALA A 229 21.79 -11.25 48.49
N ARG A 230 22.47 -12.02 47.64
CA ARG A 230 23.22 -11.43 46.54
C ARG A 230 22.28 -10.92 45.47
N SER A 231 21.97 -9.62 45.51
CA SER A 231 21.08 -9.04 44.52
C SER A 231 21.59 -9.28 43.11
N LEU A 232 20.68 -9.22 42.15
CA LEU A 232 20.98 -9.41 40.74
C LEU A 232 20.73 -8.12 39.97
N GLY A 233 20.83 -8.21 38.65
CA GLY A 233 20.65 -7.07 37.79
C GLY A 233 20.92 -7.40 36.35
N PRO A 234 20.54 -6.51 35.44
CA PRO A 234 20.70 -6.79 34.01
C PRO A 234 22.12 -7.17 33.64
N GLU A 235 23.09 -6.81 34.48
CA GLU A 235 24.47 -7.19 34.23
C GLU A 235 24.75 -8.65 34.49
N ASN A 236 23.77 -9.41 34.95
CA ASN A 236 23.92 -10.85 35.16
C ASN A 236 23.11 -11.68 34.18
N LEU A 237 22.10 -11.10 33.54
CA LEU A 237 21.29 -11.83 32.58
C LEU A 237 22.03 -11.95 31.25
N LEU A 238 22.00 -13.14 30.66
CA LEU A 238 22.57 -13.37 29.34
C LEU A 238 21.44 -13.77 28.41
N LEU A 239 21.02 -12.82 27.56
CA LEU A 239 19.84 -13.01 26.74
C LEU A 239 19.97 -14.27 25.89
N LYS A 240 18.82 -14.74 25.40
CA LYS A 240 18.78 -15.92 24.54
C LYS A 240 18.97 -15.46 23.10
N GLY A 241 20.20 -15.55 22.62
CA GLY A 241 20.55 -15.11 21.30
C GLY A 241 21.70 -14.13 21.22
N ALA A 242 22.46 -13.96 22.29
CA ALA A 242 23.63 -13.07 22.31
C ALA A 242 24.87 -13.94 22.21
N THR A 243 25.44 -14.02 21.01
CA THR A 243 26.61 -14.85 20.79
C THR A 243 27.72 -14.51 21.77
N LEU A 244 28.09 -15.50 22.59
CA LEU A 244 29.22 -15.33 23.49
C LEU A 244 30.51 -15.17 22.69
N LYS A 245 31.46 -14.42 23.27
CA LYS A 245 32.69 -14.09 22.57
C LYS A 245 33.82 -13.89 23.56
N ASN A 246 35.04 -14.16 23.10
CA ASN A 246 36.25 -13.88 23.87
C ASN A 246 36.19 -14.52 25.25
N THR A 247 36.12 -15.85 25.25
CA THR A 247 36.11 -16.63 26.49
C THR A 247 36.18 -18.11 26.09
N GLU A 248 36.35 -18.96 27.08
CA GLU A 248 36.37 -20.41 26.85
C GLU A 248 35.00 -21.04 27.07
N LYS A 249 34.44 -20.90 28.26
CA LYS A 249 33.12 -21.45 28.56
C LYS A 249 32.64 -20.86 29.87
N ILE A 250 31.36 -21.05 30.15
CA ILE A 250 30.69 -20.54 31.35
C ILE A 250 29.73 -21.59 31.86
N TYR A 251 29.02 -21.25 32.94
CA TYR A 251 27.97 -22.09 33.49
C TYR A 251 26.82 -21.19 33.90
N GLY A 252 25.63 -21.44 33.33
CA GLY A 252 24.47 -20.62 33.58
C GLY A 252 23.37 -21.40 34.29
N VAL A 253 22.37 -20.64 34.75
CA VAL A 253 21.18 -21.21 35.37
C VAL A 253 19.98 -20.58 34.68
N ALA A 254 19.32 -21.35 33.82
CA ALA A 254 18.17 -20.83 33.10
C ALA A 254 17.16 -20.23 34.07
N VAL A 255 16.62 -19.06 33.70
CA VAL A 255 15.56 -18.42 34.46
C VAL A 255 14.29 -18.29 33.64
N TYR A 256 14.41 -17.95 32.35
CA TYR A 256 13.30 -17.96 31.42
C TYR A 256 13.63 -18.96 30.31
N THR A 257 12.61 -19.63 29.79
CA THR A 257 12.82 -20.79 28.96
C THR A 257 12.04 -20.71 27.65
N GLY A 258 12.13 -19.58 26.95
CA GLY A 258 11.54 -19.49 25.63
C GLY A 258 10.06 -19.17 25.65
N MET A 259 9.66 -18.19 24.84
CA MET A 259 8.28 -17.71 24.82
C MET A 259 7.95 -16.98 26.12
N GLU A 260 8.90 -17.01 27.06
CA GLU A 260 8.95 -16.07 28.15
C GLU A 260 10.28 -15.35 28.22
N THR A 261 11.32 -15.87 27.57
CA THR A 261 12.59 -15.17 27.46
C THR A 261 12.37 -13.77 26.93
N LYS A 262 13.31 -12.88 27.25
CA LYS A 262 13.15 -11.48 26.91
C LYS A 262 13.10 -11.28 25.40
N MET A 263 14.01 -11.92 24.66
CA MET A 263 14.03 -11.77 23.21
C MET A 263 12.70 -12.19 22.61
N ALA A 264 12.33 -13.46 22.79
CA ALA A 264 11.13 -14.00 22.16
C ALA A 264 9.92 -13.09 22.32
N LEU A 265 9.81 -12.38 23.44
CA LEU A 265 8.68 -11.50 23.64
C LEU A 265 8.65 -10.34 22.67
N ASN A 266 9.74 -10.08 21.96
CA ASN A 266 9.90 -8.87 21.14
C ASN A 266 9.61 -9.11 19.67
N TYR A 267 8.64 -9.98 19.36
CA TYR A 267 8.19 -10.15 17.99
C TYR A 267 7.02 -9.24 17.63
N GLN A 268 6.57 -8.39 18.56
CA GLN A 268 5.31 -7.67 18.40
C GLN A 268 5.58 -6.17 18.39
N GLY A 269 5.33 -5.53 17.25
CA GLY A 269 5.35 -4.09 17.14
C GLY A 269 4.30 -3.59 16.18
N LYS A 270 3.35 -4.45 15.83
CA LYS A 270 2.41 -4.20 14.75
C LYS A 270 1.44 -3.06 15.04
N SER A 271 1.40 -2.54 16.27
CA SER A 271 0.42 -1.51 16.58
C SER A 271 0.91 -0.15 16.12
N GLN A 272 1.39 -0.05 14.89
CA GLN A 272 1.75 1.23 14.29
C GLN A 272 1.39 1.36 12.82
N LYS A 273 1.05 0.27 12.14
CA LYS A 273 0.98 0.24 10.68
C LYS A 273 -0.41 0.66 10.18
N ARG A 274 -0.82 1.86 10.58
CA ARG A 274 -2.06 2.47 10.11
C ARG A 274 -1.68 3.70 9.29
N SER A 275 -1.43 3.50 8.01
CA SER A 275 -1.00 4.59 7.15
C SER A 275 -2.16 5.53 6.85
N ALA A 276 -1.83 6.66 6.22
CA ALA A 276 -2.83 7.60 5.74
C ALA A 276 -3.35 7.23 4.36
N VAL A 277 -2.82 6.17 3.75
CA VAL A 277 -3.30 5.67 2.49
C VAL A 277 -3.90 4.27 2.65
N GLU A 278 -4.31 3.94 3.87
CA GLU A 278 -4.96 2.67 4.15
C GLU A 278 -6.38 2.86 4.67
N LYS A 279 -6.77 4.09 5.01
CA LYS A 279 -8.16 4.38 5.31
C LYS A 279 -8.89 5.00 4.13
N SER A 280 -8.19 5.77 3.30
CA SER A 280 -8.79 6.23 2.05
C SER A 280 -9.29 5.05 1.23
N ILE A 281 -8.48 4.00 1.11
CA ILE A 281 -8.88 2.78 0.42
C ILE A 281 -10.15 2.24 1.06
N ASN A 282 -10.43 2.65 2.29
CA ASN A 282 -11.68 2.28 2.96
C ASN A 282 -12.71 3.39 2.92
N ALA A 283 -12.36 4.56 2.42
CA ALA A 283 -13.34 5.61 2.17
C ALA A 283 -13.81 5.63 0.73
N PHE A 284 -13.12 4.93 -0.16
CA PHE A 284 -13.59 4.79 -1.53
C PHE A 284 -14.64 3.69 -1.63
N LEU A 285 -14.27 2.47 -1.23
CA LEU A 285 -15.22 1.37 -1.20
C LEU A 285 -16.56 1.79 -0.62
N ILE A 286 -16.54 2.35 0.60
CA ILE A 286 -17.76 2.80 1.26
C ILE A 286 -18.53 3.73 0.34
N VAL A 287 -17.83 4.38 -0.59
CA VAL A 287 -18.51 5.14 -1.63
C VAL A 287 -19.08 4.18 -2.68
N TYR A 288 -18.22 3.37 -3.28
CA TYR A 288 -18.67 2.44 -4.31
C TYR A 288 -19.79 1.54 -3.80
N LEU A 289 -19.57 0.89 -2.65
CA LEU A 289 -20.64 0.11 -2.06
C LEU A 289 -21.92 0.92 -1.91
N PHE A 290 -21.83 2.25 -1.92
CA PHE A 290 -22.99 3.12 -1.93
C PHE A 290 -23.22 3.74 -3.30
N ILE A 291 -22.47 3.33 -4.30
CA ILE A 291 -22.79 3.60 -5.69
C ILE A 291 -23.28 2.35 -6.40
N LEU A 292 -22.70 1.20 -6.07
CA LEU A 292 -23.15 -0.07 -6.60
C LEU A 292 -24.58 -0.39 -6.20
N LEU A 293 -25.17 0.39 -5.31
CA LEU A 293 -26.60 0.26 -5.00
C LEU A 293 -27.43 1.16 -5.89
N THR A 294 -27.14 2.47 -5.86
CA THR A 294 -27.79 3.39 -6.79
C THR A 294 -27.79 2.82 -8.19
N LYS A 295 -26.65 2.30 -8.64
CA LYS A 295 -26.61 1.65 -9.95
C LYS A 295 -27.59 0.49 -10.02
N ALA A 296 -27.94 -0.09 -8.87
CA ALA A 296 -28.94 -1.14 -8.86
C ALA A 296 -30.34 -0.59 -8.68
N ALA A 297 -30.56 0.19 -7.63
CA ALA A 297 -31.89 0.76 -7.39
C ALA A 297 -32.36 1.55 -8.60
N VAL A 298 -31.55 2.50 -9.07
CA VAL A 298 -31.95 3.31 -10.21
C VAL A 298 -32.20 2.44 -11.43
N CYS A 299 -31.61 1.26 -11.48
CA CYS A 299 -31.78 0.37 -12.62
C CYS A 299 -32.70 -0.79 -12.33
N THR A 300 -33.27 -0.87 -11.13
CA THR A 300 -34.35 -1.80 -10.84
C THR A 300 -35.71 -1.12 -11.00
N THR A 301 -35.94 -0.04 -10.26
CA THR A 301 -37.18 0.72 -10.39
C THR A 301 -37.54 0.97 -11.84
N LEU A 302 -36.56 1.39 -12.64
CA LEU A 302 -36.82 1.67 -14.04
C LEU A 302 -37.34 0.43 -14.76
N LYS A 303 -37.06 -0.75 -14.21
CA LYS A 303 -37.52 -1.99 -14.83
C LYS A 303 -39.00 -2.25 -14.52
N TYR A 304 -39.34 -2.38 -13.24
CA TYR A 304 -40.74 -2.59 -12.88
C TYR A 304 -41.62 -1.39 -13.22
N VAL A 305 -41.02 -0.25 -13.55
CA VAL A 305 -41.79 0.85 -14.14
C VAL A 305 -41.85 0.69 -15.65
N TRP A 306 -40.80 0.13 -16.25
CA TRP A 306 -40.83 -0.15 -17.68
C TRP A 306 -41.77 -1.31 -17.99
N GLN A 307 -41.64 -2.42 -17.27
CA GLN A 307 -42.52 -3.55 -17.47
C GLN A 307 -43.98 -3.21 -17.23
N SER A 308 -44.28 -2.02 -16.72
CA SER A 308 -45.67 -1.62 -16.51
C SER A 308 -46.51 -1.93 -17.75
N THR A 309 -45.94 -1.75 -18.93
CA THR A 309 -46.65 -2.10 -20.16
C THR A 309 -47.05 -3.57 -20.11
N PRO A 310 -48.26 -3.92 -20.57
CA PRO A 310 -48.65 -5.33 -20.50
C PRO A 310 -47.97 -6.20 -21.55
N TYR A 311 -47.78 -5.67 -22.75
CA TYR A 311 -47.14 -6.43 -23.82
C TYR A 311 -45.63 -6.28 -23.82
N ASN A 312 -45.11 -5.23 -23.20
CA ASN A 312 -43.66 -4.98 -23.25
C ASN A 312 -42.85 -6.05 -22.54
N ASP A 313 -43.50 -7.04 -21.94
CA ASP A 313 -42.82 -8.19 -21.36
C ASP A 313 -43.44 -9.44 -21.95
N GLU A 314 -42.60 -10.38 -22.38
CA GLU A 314 -43.03 -11.62 -23.02
C GLU A 314 -43.96 -11.35 -24.22
N PRO A 315 -43.58 -10.47 -25.13
CA PRO A 315 -44.44 -10.17 -26.28
C PRO A 315 -44.45 -11.30 -27.31
N TRP A 316 -44.89 -12.48 -26.88
CA TRP A 316 -45.17 -13.62 -27.73
C TRP A 316 -43.94 -14.18 -28.43
N TYR A 317 -42.79 -13.51 -28.32
CA TYR A 317 -41.57 -14.05 -28.93
C TYR A 317 -40.54 -14.49 -27.92
N ASN A 318 -40.66 -14.09 -26.65
CA ASN A 318 -39.98 -14.77 -25.55
C ASN A 318 -41.01 -15.04 -24.45
N GLN A 319 -41.74 -16.14 -24.61
CA GLN A 319 -42.77 -16.48 -23.63
C GLN A 319 -42.14 -16.84 -22.30
N LYS A 320 -42.55 -16.14 -21.24
CA LYS A 320 -42.07 -16.47 -19.90
C LYS A 320 -42.26 -17.95 -19.63
N THR A 321 -41.19 -18.60 -19.19
CA THR A 321 -41.29 -20.00 -18.79
C THR A 321 -42.39 -20.16 -17.74
N GLN A 322 -43.29 -21.11 -17.98
CA GLN A 322 -44.49 -21.25 -17.16
C GLN A 322 -44.20 -21.06 -15.67
N LYS A 323 -43.21 -21.79 -15.16
CA LYS A 323 -42.84 -21.66 -13.75
C LYS A 323 -42.65 -20.20 -13.37
N GLU A 324 -41.73 -19.51 -14.05
CA GLU A 324 -41.43 -18.13 -13.72
C GLU A 324 -42.67 -17.24 -13.77
N ARG A 325 -43.74 -17.69 -14.42
CA ARG A 325 -44.93 -16.87 -14.50
C ARG A 325 -45.68 -16.85 -13.17
N GLU A 326 -45.69 -17.98 -12.47
CA GLU A 326 -46.48 -18.13 -11.25
C GLU A 326 -45.71 -17.76 -9.98
N THR A 327 -44.72 -16.88 -10.08
CA THR A 327 -43.90 -16.50 -8.95
C THR A 327 -44.47 -15.27 -8.26
N LEU A 328 -44.35 -15.24 -6.93
CA LEU A 328 -44.83 -14.10 -6.17
C LEU A 328 -44.12 -12.84 -6.61
N LYS A 329 -44.88 -11.85 -7.09
CA LYS A 329 -44.30 -10.65 -7.66
C LYS A 329 -43.25 -10.05 -6.73
N VAL A 330 -43.61 -9.80 -5.48
CA VAL A 330 -42.69 -9.16 -4.54
C VAL A 330 -41.37 -9.91 -4.52
N LEU A 331 -41.42 -11.24 -4.36
CA LEU A 331 -40.20 -12.03 -4.40
C LEU A 331 -39.41 -11.75 -5.67
N LYS A 332 -40.05 -11.91 -6.83
CA LYS A 332 -39.38 -11.60 -8.09
C LYS A 332 -38.79 -10.19 -8.05
N MET A 333 -39.47 -9.26 -7.39
CA MET A 333 -38.90 -7.94 -7.19
C MET A 333 -37.61 -7.98 -6.39
N PHE A 334 -37.30 -9.14 -5.78
CA PHE A 334 -36.04 -9.28 -5.08
C PHE A 334 -34.98 -9.89 -5.99
N THR A 335 -35.26 -11.06 -6.57
CA THR A 335 -34.29 -11.72 -7.42
C THR A 335 -33.68 -10.79 -8.45
N ASP A 336 -34.41 -9.76 -8.88
CA ASP A 336 -33.82 -8.76 -9.76
C ASP A 336 -32.77 -7.94 -9.03
N PHE A 337 -33.17 -7.24 -7.97
CA PHE A 337 -32.23 -6.42 -7.23
C PHE A 337 -31.02 -7.23 -6.77
N LEU A 338 -31.18 -8.54 -6.61
CA LEU A 338 -30.03 -9.40 -6.37
C LEU A 338 -29.33 -9.77 -7.66
N SER A 339 -29.95 -9.50 -8.81
CA SER A 339 -29.28 -9.72 -10.08
C SER A 339 -28.47 -8.49 -10.47
N PHE A 340 -28.97 -7.29 -10.17
CA PHE A 340 -28.27 -6.07 -10.50
C PHE A 340 -27.21 -5.71 -9.48
N MET A 341 -26.83 -6.66 -8.63
CA MET A 341 -25.55 -6.61 -7.93
C MET A 341 -24.58 -7.60 -8.55
N VAL A 342 -25.01 -8.85 -8.69
CA VAL A 342 -24.22 -9.87 -9.38
C VAL A 342 -23.84 -9.45 -10.79
N LEU A 343 -24.52 -8.46 -11.36
CA LEU A 343 -24.20 -7.98 -12.69
C LEU A 343 -23.33 -6.73 -12.68
N PHE A 344 -23.32 -5.97 -11.58
CA PHE A 344 -22.47 -4.79 -11.46
C PHE A 344 -21.41 -4.96 -10.39
N ASN A 345 -21.28 -6.14 -9.81
CA ASN A 345 -20.32 -6.33 -8.71
C ASN A 345 -18.90 -5.96 -9.13
N PHE A 346 -18.58 -6.03 -10.42
CA PHE A 346 -17.22 -5.71 -10.86
C PHE A 346 -16.83 -4.27 -10.56
N ILE A 347 -17.73 -3.46 -10.01
CA ILE A 347 -17.46 -2.04 -9.79
C ILE A 347 -16.68 -1.88 -8.50
N ILE A 348 -16.27 -2.99 -7.91
CA ILE A 348 -15.38 -3.00 -6.74
C ILE A 348 -14.14 -3.79 -7.13
N PRO A 349 -12.96 -3.18 -7.12
CA PRO A 349 -11.76 -3.84 -7.66
C PRO A 349 -11.44 -5.09 -6.86
N VAL A 350 -11.44 -6.23 -7.55
CA VAL A 350 -11.28 -7.52 -6.88
C VAL A 350 -9.82 -7.79 -6.55
N SER A 351 -8.90 -7.36 -7.42
CA SER A 351 -7.49 -7.69 -7.26
C SER A 351 -6.67 -6.53 -6.73
N MET A 352 -7.24 -5.72 -5.85
CA MET A 352 -6.46 -4.67 -5.22
C MET A 352 -5.77 -5.14 -3.95
N TYR A 353 -6.41 -6.04 -3.20
CA TYR A 353 -5.82 -6.52 -1.96
C TYR A 353 -4.72 -7.54 -2.17
N VAL A 354 -4.26 -7.72 -3.41
CA VAL A 354 -3.05 -8.49 -3.68
C VAL A 354 -1.97 -7.60 -4.28
N THR A 355 -2.34 -6.72 -5.20
CA THR A 355 -1.38 -5.77 -5.74
C THR A 355 -0.82 -4.88 -4.65
N VAL A 356 -1.69 -4.11 -3.99
CA VAL A 356 -1.25 -3.16 -2.98
C VAL A 356 -0.46 -3.83 -1.86
N GLU A 357 -0.51 -5.15 -1.76
CA GLU A 357 0.37 -5.88 -0.85
C GLU A 357 1.60 -6.40 -1.58
N MET A 358 1.40 -7.07 -2.72
CA MET A 358 2.53 -7.49 -3.52
C MET A 358 3.47 -6.33 -3.82
N GLN A 359 2.91 -5.13 -3.96
CA GLN A 359 3.75 -3.94 -4.14
C GLN A 359 4.64 -3.73 -2.94
N LYS A 360 4.03 -3.52 -1.76
CA LYS A 360 4.80 -3.24 -0.56
C LYS A 360 5.92 -4.25 -0.35
N PHE A 361 5.58 -5.53 -0.39
CA PHE A 361 6.60 -6.56 -0.21
C PHE A 361 7.71 -6.42 -1.25
N LEU A 362 7.37 -6.55 -2.52
CA LEU A 362 8.37 -6.47 -3.58
C LEU A 362 9.00 -5.08 -3.71
N GLY A 363 8.47 -4.08 -3.02
CA GLY A 363 8.94 -2.73 -3.22
C GLY A 363 9.24 -1.98 -1.95
N SER A 364 9.66 -2.69 -0.90
CA SER A 364 10.09 -2.03 0.32
C SER A 364 11.60 -2.04 0.49
N PHE A 365 12.28 -3.05 -0.07
CA PHE A 365 13.72 -3.13 0.06
C PHE A 365 14.43 -1.88 -0.42
N PHE A 366 13.81 -1.15 -1.35
CA PHE A 366 14.48 0.01 -1.95
C PHE A 366 15.02 0.96 -0.91
N ILE A 367 14.40 1.02 0.27
CA ILE A 367 14.89 1.88 1.34
C ILE A 367 16.00 1.22 2.14
N SER A 368 16.33 -0.03 1.85
CA SER A 368 17.41 -0.73 2.52
C SER A 368 18.62 -0.99 1.63
N TRP A 369 18.51 -0.75 0.33
CA TRP A 369 19.62 -0.95 -0.58
C TRP A 369 20.30 0.35 -0.98
N ASP A 370 19.57 1.46 -1.01
CA ASP A 370 20.11 2.71 -1.50
C ASP A 370 21.47 2.97 -0.88
N LYS A 371 22.52 3.00 -1.71
CA LYS A 371 23.88 3.10 -1.18
C LYS A 371 24.05 4.32 -0.29
N ASP A 372 23.41 5.44 -0.63
CA ASP A 372 23.61 6.66 0.15
C ASP A 372 23.29 6.47 1.62
N PHE A 373 22.45 5.49 1.97
CA PHE A 373 22.19 5.15 3.36
C PHE A 373 23.21 4.14 3.88
N TYR A 374 24.49 4.43 3.68
CA TYR A 374 25.55 3.51 4.09
C TYR A 374 26.78 4.32 4.51
N ASP A 375 26.98 4.45 5.82
CA ASP A 375 28.18 5.07 6.35
C ASP A 375 29.34 4.08 6.29
N GLU A 376 30.50 4.55 5.83
CA GLU A 376 31.67 3.69 5.76
C GLU A 376 32.07 3.22 7.16
N GLU A 377 32.22 4.16 8.10
CA GLU A 377 32.71 3.82 9.43
C GLU A 377 31.87 2.71 10.06
N ILE A 378 30.57 2.95 10.21
CA ILE A 378 29.68 1.98 10.85
C ILE A 378 29.56 0.73 9.99
N ASN A 379 30.15 0.78 8.80
CA ASN A 379 30.15 -0.36 7.87
C ASN A 379 28.77 -1.03 7.82
N GLU A 380 27.72 -0.24 7.81
CA GLU A 380 26.37 -0.76 7.62
C GLU A 380 25.52 0.31 6.98
N GLY A 381 24.36 -0.11 6.46
CA GLY A 381 23.48 0.78 5.75
C GLY A 381 22.21 1.07 6.52
N ALA A 382 21.22 1.59 5.81
CA ALA A 382 19.93 1.86 6.42
C ALA A 382 19.28 0.55 6.83
N LEU A 383 18.13 0.63 7.49
CA LEU A 383 17.43 -0.58 7.90
C LEU A 383 15.96 -0.24 8.10
N VAL A 384 15.10 -1.02 7.48
CA VAL A 384 13.66 -0.75 7.48
C VAL A 384 13.01 -1.80 8.37
N ASN A 385 12.70 -1.42 9.61
CA ASN A 385 12.07 -2.33 10.56
C ASN A 385 10.56 -2.29 10.49
N THR A 386 9.99 -1.81 9.39
CA THR A 386 8.54 -1.85 9.21
C THR A 386 8.24 -1.73 7.72
N SER A 387 7.74 -2.81 7.13
CA SER A 387 7.44 -2.85 5.70
C SER A 387 6.13 -2.17 5.36
N ASP A 388 5.55 -1.40 6.27
CA ASP A 388 4.23 -0.83 6.07
C ASP A 388 4.23 0.69 6.01
N LEU A 389 4.97 1.36 6.88
CA LEU A 389 4.91 2.81 6.97
C LEU A 389 5.61 3.51 5.81
N ASN A 390 6.06 2.77 4.81
CA ASN A 390 6.75 3.38 3.67
C ASN A 390 6.01 4.63 3.19
N GLU A 391 4.77 4.47 2.77
CA GLU A 391 4.00 5.56 2.19
C GLU A 391 3.80 6.70 3.19
N GLU A 392 4.17 6.48 4.44
CA GLU A 392 3.94 7.47 5.49
C GLU A 392 5.11 8.44 5.65
N LEU A 393 6.07 8.41 4.73
CA LEU A 393 7.20 9.32 4.80
C LEU A 393 6.96 10.61 4.03
N GLY A 394 6.27 10.54 2.90
CA GLY A 394 5.90 11.75 2.18
C GLY A 394 4.67 12.40 2.79
N GLN A 395 4.59 12.38 4.12
CA GLN A 395 3.46 12.99 4.82
C GLN A 395 3.86 13.83 6.03
N VAL A 396 5.06 13.64 6.58
CA VAL A 396 5.40 14.26 7.86
C VAL A 396 5.13 15.76 7.82
N ASP A 397 4.64 16.28 8.94
CA ASP A 397 4.45 17.71 9.11
C ASP A 397 5.09 18.25 10.37
N TYR A 398 5.68 17.40 11.20
CA TYR A 398 6.44 17.82 12.36
C TYR A 398 7.58 16.83 12.56
N VAL A 399 8.78 17.35 12.77
CA VAL A 399 9.99 16.53 12.83
C VAL A 399 10.68 16.84 14.15
N PHE A 400 10.67 15.87 15.06
CA PHE A 400 11.19 16.07 16.41
C PHE A 400 12.59 15.48 16.50
N THR A 401 13.59 16.27 16.13
CA THR A 401 14.97 15.81 16.18
C THR A 401 15.41 15.74 17.65
N ASP A 402 16.67 15.38 17.85
CA ASP A 402 17.28 15.37 19.18
C ASP A 402 18.67 15.97 19.07
N LYS A 403 19.00 16.88 19.98
CA LYS A 403 20.19 17.71 19.79
C LYS A 403 21.46 16.88 19.92
N THR A 404 21.69 16.27 21.08
CA THR A 404 22.91 15.54 21.35
C THR A 404 22.76 14.11 20.85
N GLY A 405 23.53 13.76 19.82
CA GLY A 405 23.51 12.42 19.30
C GLY A 405 23.16 12.36 17.84
N THR A 406 22.20 13.19 17.41
CA THR A 406 21.83 13.30 16.01
C THR A 406 22.45 14.53 15.36
N LEU A 407 22.17 15.71 15.89
CA LEU A 407 22.74 16.93 15.35
C LEU A 407 24.22 17.08 15.61
N THR A 408 24.78 16.28 16.51
CA THR A 408 26.19 16.41 16.87
C THR A 408 26.70 15.03 17.26
N GLU A 409 27.59 14.46 16.44
CA GLU A 409 28.13 13.15 16.75
C GLU A 409 28.77 13.16 18.14
N ASN A 410 28.82 11.99 18.76
CA ASN A 410 29.33 11.86 20.11
C ASN A 410 30.84 11.66 20.06
N SER A 411 31.54 12.76 19.79
CA SER A 411 33.00 12.82 19.89
C SER A 411 33.32 14.07 20.70
N MET A 412 33.31 13.92 22.02
CA MET A 412 33.52 15.05 22.92
C MET A 412 35.01 15.23 23.19
N GLU A 413 35.41 16.49 23.37
CA GLU A 413 36.80 16.84 23.63
C GLU A 413 36.84 17.80 24.82
N PHE A 414 37.27 17.29 25.98
CA PHE A 414 37.31 18.08 27.19
C PHE A 414 38.22 19.29 27.02
N ILE A 415 37.67 20.49 27.21
CA ILE A 415 38.42 21.73 27.04
C ILE A 415 37.94 22.74 28.06
N GLU A 416 38.89 23.46 28.68
CA GLU A 416 38.59 24.62 29.50
C GLU A 416 37.68 24.28 30.68
N CYS A 417 38.21 23.44 31.57
CA CYS A 417 37.53 23.17 32.83
C CYS A 417 37.54 24.41 33.70
N CYS A 418 36.93 24.29 34.88
CA CYS A 418 36.84 25.43 35.81
C CYS A 418 36.68 24.87 37.22
N ILE A 419 37.73 25.01 38.02
CA ILE A 419 37.74 24.55 39.40
C ILE A 419 37.67 25.76 40.33
N ASP A 420 36.68 25.78 41.22
CA ASP A 420 36.50 26.88 42.16
C ASP A 420 36.52 28.22 41.43
N GLY A 421 35.90 28.26 40.25
CA GLY A 421 35.85 29.47 39.46
C GLY A 421 37.20 30.05 39.13
N HIS A 422 38.26 29.26 39.32
CA HIS A 422 39.62 29.71 39.03
C HIS A 422 40.08 29.37 37.62
N LYS A 423 39.30 28.57 36.87
CA LYS A 423 39.66 28.15 35.53
C LYS A 423 41.09 27.59 35.50
N TYR A 424 41.27 26.48 36.22
CA TYR A 424 42.57 25.84 36.30
C TYR A 424 43.14 25.61 34.90
N LYS A 425 44.46 25.69 34.80
CA LYS A 425 45.14 25.49 33.52
C LYS A 425 45.91 24.17 33.50
N VAL A 447 44.85 26.53 45.88
CA VAL A 447 44.28 25.99 44.64
C VAL A 447 45.20 24.92 44.06
N ASP A 448 46.50 25.14 44.17
CA ASP A 448 47.48 24.23 43.58
C ASP A 448 47.21 22.79 43.99
N LYS A 449 47.27 22.50 45.29
CA LYS A 449 47.11 21.12 45.76
C LYS A 449 46.24 21.02 47.00
N ASN A 450 45.53 22.09 47.36
CA ASN A 450 44.63 22.02 48.51
C ASN A 450 43.32 21.34 48.15
N ARG A 451 42.73 21.72 47.03
CA ARG A 451 41.50 21.11 46.54
C ARG A 451 41.55 20.68 45.08
N GLU A 452 42.39 21.31 44.25
CA GLU A 452 42.48 20.92 42.85
C GLU A 452 42.80 19.43 42.70
N GLU A 453 43.90 19.00 43.31
CA GLU A 453 44.28 17.59 43.26
C GLU A 453 43.07 16.70 43.52
N LEU A 454 42.22 17.08 44.46
CA LEU A 454 40.98 16.34 44.69
C LEU A 454 40.11 16.35 43.43
N PHE A 455 39.87 17.55 42.88
CA PHE A 455 39.04 17.68 41.69
C PHE A 455 39.39 16.64 40.64
N LEU A 456 40.66 16.59 40.23
CA LEU A 456 41.09 15.60 39.24
C LEU A 456 40.59 14.21 39.63
N ARG A 457 40.79 13.82 40.88
CA ARG A 457 40.26 12.54 41.36
C ARG A 457 38.79 12.40 40.97
N ALA A 458 38.02 13.48 41.10
CA ALA A 458 36.61 13.43 40.72
C ALA A 458 36.47 13.08 39.24
N LEU A 459 37.23 13.74 38.38
CA LEU A 459 37.14 13.47 36.96
C LEU A 459 37.47 12.01 36.66
N CYS A 460 38.53 11.48 37.26
CA CYS A 460 38.98 10.14 36.94
C CYS A 460 38.12 9.05 37.58
N LEU A 461 37.38 9.38 38.63
CA LEU A 461 36.45 8.44 39.24
C LEU A 461 35.02 8.79 38.82
N CYS A 462 34.05 8.12 39.43
CA CYS A 462 32.63 8.40 39.21
C CYS A 462 32.29 8.39 37.73
N HIS A 463 32.43 7.21 37.13
CA HIS A 463 32.15 6.99 35.72
C HIS A 463 32.12 5.48 35.47
N THR A 464 31.97 5.11 34.20
CA THR A 464 31.96 3.71 33.78
C THR A 464 32.84 3.52 32.55
N VAL A 465 34.07 4.06 32.62
CA VAL A 465 34.96 4.04 31.46
C VAL A 465 35.23 2.60 31.03
N GLU A 466 35.78 1.79 31.93
CA GLU A 466 36.08 0.39 31.62
C GLU A 466 37.04 0.29 30.44
N ILE A 467 38.26 0.78 30.66
CA ILE A 467 39.29 0.85 29.63
C ILE A 467 39.46 -0.50 28.97
N LYS A 468 39.90 -0.51 27.71
CA LYS A 468 40.07 -1.75 26.98
C LYS A 468 41.02 -2.68 27.72
N THR A 469 40.50 -3.82 28.19
CA THR A 469 41.28 -4.71 29.03
C THR A 469 42.55 -5.17 28.32
N ASN A 470 42.42 -5.64 27.08
CA ASN A 470 43.58 -6.12 26.34
C ASN A 470 44.65 -5.04 26.27
N ASP A 471 45.89 -5.49 26.07
CA ASP A 471 47.05 -4.61 25.98
C ASP A 471 47.65 -4.71 24.59
N ALA A 472 47.79 -3.56 23.93
CA ALA A 472 48.40 -3.49 22.62
C ALA A 472 49.86 -3.05 22.75
N VAL A 473 50.49 -2.78 21.61
CA VAL A 473 51.89 -2.36 21.60
C VAL A 473 52.00 -0.98 22.21
N ASP A 474 52.57 -0.91 23.42
CA ASP A 474 52.77 0.36 24.12
C ASP A 474 54.23 0.77 23.99
N GLY A 475 54.46 2.00 23.53
CA GLY A 475 55.79 2.48 23.25
C GLY A 475 55.85 3.11 21.87
N ALA A 476 55.03 2.60 20.95
CA ALA A 476 54.85 3.20 19.65
C ALA A 476 53.63 4.11 19.58
N THR A 477 52.55 3.74 20.25
CA THR A 477 51.39 4.61 20.35
C THR A 477 51.74 5.82 21.22
N GLU A 478 50.76 6.73 21.38
CA GLU A 478 51.00 7.92 22.19
C GLU A 478 51.37 7.53 23.62
N SER A 479 50.45 6.88 24.33
CA SER A 479 50.70 6.41 25.68
C SER A 479 50.69 4.88 25.77
N ALA A 480 49.60 4.27 25.32
CA ALA A 480 49.44 2.81 25.32
C ALA A 480 48.23 2.51 24.44
N GLU A 481 47.78 1.25 24.45
CA GLU A 481 46.50 0.94 23.82
C GLU A 481 45.42 1.87 24.37
N LEU A 482 45.16 1.77 25.67
CA LEU A 482 44.34 2.73 26.40
C LEU A 482 43.16 3.23 25.58
N THR A 483 42.35 2.29 25.11
CA THR A 483 41.13 2.60 24.38
C THR A 483 39.95 2.40 25.32
N TYR A 484 39.21 3.47 25.56
CA TYR A 484 38.11 3.45 26.52
C TYR A 484 36.83 3.02 25.82
N ILE A 485 36.12 2.08 26.43
CA ILE A 485 34.88 1.54 25.89
C ILE A 485 33.77 1.89 26.88
N SER A 486 32.95 2.87 26.53
CA SER A 486 31.83 3.27 27.35
C SER A 486 30.71 3.77 26.46
N SER A 487 29.54 3.99 27.06
CA SER A 487 28.35 4.40 26.32
C SER A 487 28.12 5.90 26.34
N SER A 488 28.44 6.58 27.44
CA SER A 488 28.18 8.00 27.57
C SER A 488 29.41 8.80 27.21
N PRO A 489 29.53 9.30 25.98
CA PRO A 489 30.70 10.11 25.63
C PRO A 489 30.85 11.35 26.50
N ASP A 490 29.80 11.76 27.20
CA ASP A 490 29.89 12.94 28.06
C ASP A 490 31.02 12.81 29.07
N GLU A 491 31.54 11.61 29.29
CA GLU A 491 32.60 11.37 30.25
C GLU A 491 33.88 10.87 29.58
N ILE A 492 33.76 9.97 28.60
CA ILE A 492 34.95 9.49 27.89
C ILE A 492 35.82 10.64 27.45
N ALA A 493 35.22 11.79 27.17
CA ALA A 493 36.00 12.99 26.90
C ALA A 493 36.57 13.60 28.18
N LEU A 494 35.97 13.34 29.33
CA LEU A 494 36.54 13.80 30.59
C LEU A 494 37.82 13.05 30.91
N VAL A 495 37.73 11.72 31.00
CA VAL A 495 38.92 10.92 31.30
C VAL A 495 40.07 11.31 30.39
N LYS A 496 39.84 11.26 29.08
CA LYS A 496 40.84 11.74 28.14
C LYS A 496 41.29 13.16 28.48
N GLY A 497 40.43 13.95 29.09
CA GLY A 497 40.82 15.26 29.56
C GLY A 497 41.84 15.16 30.67
N ALA A 498 41.42 14.58 31.79
CA ALA A 498 42.36 14.38 32.90
C ALA A 498 43.66 13.74 32.42
N LYS A 499 43.55 12.79 31.48
CA LYS A 499 44.74 12.18 30.92
C LYS A 499 45.66 13.22 30.29
N ARG A 500 45.12 14.37 29.87
CA ARG A 500 45.96 15.45 29.41
C ARG A 500 46.63 16.16 30.58
N TYR A 501 46.04 16.07 31.76
CA TYR A 501 46.64 16.59 32.98
C TYR A 501 47.28 15.44 33.73
N GLY A 502 47.76 15.72 34.95
CA GLY A 502 48.46 14.73 35.73
C GLY A 502 47.74 13.39 35.87
N PHE A 503 46.61 13.39 36.55
CA PHE A 503 45.91 12.13 36.84
C PHE A 503 45.50 11.44 35.55
N THR A 504 45.26 10.13 35.66
CA THR A 504 44.83 9.31 34.54
C THR A 504 44.28 8.00 35.09
N PHE A 505 43.13 7.57 34.57
CA PHE A 505 42.47 6.36 35.04
C PHE A 505 42.85 5.19 34.14
N LEU A 506 43.31 4.10 34.76
CA LEU A 506 43.72 2.92 34.01
C LEU A 506 43.34 1.62 34.72
N GLY A 507 42.37 1.65 35.63
CA GLY A 507 42.18 0.52 36.52
C GLY A 507 40.89 -0.25 36.43
N ASN A 508 40.15 -0.31 37.54
CA ASN A 508 39.06 -1.26 37.72
C ASN A 508 39.61 -2.67 37.85
N ARG A 509 40.73 -2.80 38.56
CA ARG A 509 41.44 -4.07 38.71
C ARG A 509 40.96 -4.75 39.99
N ASN A 510 40.16 -5.79 39.83
CA ASN A 510 39.76 -6.65 40.95
C ASN A 510 39.05 -5.84 42.04
N GLY A 511 37.92 -5.27 41.67
CA GLY A 511 37.10 -4.49 42.60
C GLY A 511 37.71 -3.18 43.04
N TYR A 512 38.91 -2.84 42.58
CA TYR A 512 39.58 -1.60 42.92
C TYR A 512 39.63 -0.69 41.70
N MET A 513 40.30 0.44 41.84
CA MET A 513 40.51 1.36 40.74
C MET A 513 41.93 1.90 40.80
N ARG A 514 42.57 1.97 39.64
CA ARG A 514 43.94 2.46 39.53
C ARG A 514 43.96 3.81 38.85
N VAL A 515 44.94 4.63 39.24
CA VAL A 515 45.12 5.95 38.63
C VAL A 515 46.59 6.32 38.79
N GLU A 516 47.05 7.21 37.91
CA GLU A 516 48.41 7.74 37.96
C GLU A 516 48.35 9.23 38.20
N ASN A 517 48.71 9.65 39.41
CA ASN A 517 48.60 11.05 39.82
C ASN A 517 49.94 11.74 39.59
N GLN A 518 50.27 11.97 38.32
CA GLN A 518 51.44 12.69 37.87
C GLN A 518 52.74 11.95 38.15
N ARG A 519 52.68 10.76 38.75
CA ARG A 519 53.88 10.01 39.10
C ARG A 519 53.57 8.53 39.00
N LYS A 520 54.43 7.71 39.60
CA LYS A 520 54.24 6.26 39.62
C LYS A 520 53.64 5.86 40.97
N GLU A 521 52.32 6.02 41.05
CA GLU A 521 51.54 5.57 42.21
C GLU A 521 50.21 5.04 41.68
N ILE A 522 50.08 3.72 41.61
CA ILE A 522 48.82 3.12 41.16
C ILE A 522 47.66 3.67 41.98
N GLU A 523 47.84 3.75 43.29
CA GLU A 523 46.88 4.38 44.20
C GLU A 523 45.49 3.74 44.06
N GLU A 524 45.45 2.45 44.39
CA GLU A 524 44.21 1.69 44.29
C GLU A 524 43.09 2.39 45.05
N TYR A 525 41.91 2.43 44.44
CA TYR A 525 40.70 2.94 45.07
C TYR A 525 39.67 1.83 45.15
N GLU A 526 39.07 1.68 46.33
CA GLU A 526 38.09 0.62 46.59
C GLU A 526 36.70 1.16 46.26
N LEU A 527 36.16 0.71 45.14
CA LEU A 527 34.81 1.08 44.76
C LEU A 527 33.80 0.38 45.65
N LEU A 528 32.81 1.11 46.12
CA LEU A 528 31.79 0.57 47.01
C LEU A 528 30.39 0.58 46.41
N HIS A 529 29.99 1.66 45.76
CA HIS A 529 28.67 1.74 45.16
C HIS A 529 28.72 2.68 43.97
N THR A 530 28.35 2.16 42.80
CA THR A 530 28.35 2.92 41.56
C THR A 530 26.88 3.22 41.22
N LEU A 531 26.37 4.32 41.75
CA LEU A 531 24.98 4.70 41.53
C LEU A 531 24.81 5.06 40.06
N ASN A 532 24.17 4.16 39.30
CA ASN A 532 23.99 4.39 37.88
C ASN A 532 23.30 5.71 37.63
N PHE A 533 23.49 6.27 36.44
CA PHE A 533 22.86 7.53 36.07
C PHE A 533 21.41 7.30 35.64
N ASP A 534 20.58 8.31 35.85
CA ASP A 534 19.16 8.21 35.50
C ASP A 534 18.68 9.58 35.06
N ALA A 535 18.33 9.72 33.79
CA ALA A 535 17.94 10.99 33.20
C ALA A 535 17.00 11.78 34.10
N VAL A 536 15.98 11.11 34.64
CA VAL A 536 15.00 11.79 35.46
C VAL A 536 15.63 12.54 36.62
N ARG A 537 16.87 12.19 36.97
CA ARG A 537 17.57 12.83 38.08
C ARG A 537 18.77 13.65 37.65
N ARG A 538 19.46 13.24 36.59
CA ARG A 538 20.56 14.01 36.00
C ARG A 538 21.81 13.99 36.87
N ARG A 539 22.03 12.90 37.61
CA ARG A 539 23.22 12.83 38.46
C ARG A 539 23.61 11.37 38.65
N MET A 540 24.87 11.05 38.34
CA MET A 540 25.46 9.77 38.70
C MET A 540 26.53 10.01 39.76
N SER A 541 26.73 9.01 40.61
CA SER A 541 27.57 9.20 41.77
C SER A 541 28.42 7.95 41.98
N VAL A 542 29.39 8.08 42.89
CA VAL A 542 30.26 6.98 43.27
C VAL A 542 30.73 7.21 44.69
N ILE A 543 30.66 6.16 45.50
CA ILE A 543 31.03 6.22 46.91
C ILE A 543 32.27 5.36 47.09
N VAL A 544 33.44 5.99 47.00
CA VAL A 544 34.70 5.29 47.13
C VAL A 544 35.20 5.43 48.55
N LYS A 545 36.10 4.53 48.93
CA LYS A 545 36.76 4.55 50.24
C LYS A 545 38.21 4.91 50.01
N THR A 546 38.62 6.08 50.49
CA THR A 546 40.02 6.49 50.38
C THR A 546 40.92 5.36 50.86
N GLN A 547 41.79 4.89 49.95
CA GLN A 547 42.61 3.71 50.19
C GLN A 547 43.21 3.70 51.59
N GLU A 548 43.57 4.87 52.10
CA GLU A 548 44.23 5.00 53.40
C GLU A 548 43.46 5.97 54.29
N GLY A 549 42.15 5.79 54.38
CA GLY A 549 41.37 6.64 55.26
C GLY A 549 39.87 6.51 55.15
N ASP A 550 39.19 7.66 55.05
CA ASP A 550 37.75 7.72 55.10
C ASP A 550 37.14 7.50 53.71
N ILE A 551 35.85 7.79 53.58
CA ILE A 551 35.13 7.56 52.34
C ILE A 551 34.87 8.91 51.67
N LEU A 552 34.38 8.85 50.44
CA LEU A 552 34.07 10.05 49.68
C LEU A 552 32.84 9.78 48.82
N LEU A 553 32.14 10.85 48.47
CA LEU A 553 30.95 10.78 47.63
C LEU A 553 31.13 11.75 46.47
N PHE A 554 31.69 11.26 45.38
CA PHE A 554 31.77 12.07 44.17
C PHE A 554 30.44 12.04 43.43
N CYS A 555 30.27 13.02 42.53
CA CYS A 555 29.03 13.08 41.78
C CYS A 555 29.13 14.19 40.76
N LYS A 556 28.33 14.07 39.71
CA LYS A 556 28.26 15.09 38.67
C LYS A 556 26.90 15.04 38.01
N GLY A 557 26.60 16.09 37.26
CA GLY A 557 25.31 16.21 36.61
C GLY A 557 25.09 17.64 36.17
N ALA A 558 23.99 17.84 35.44
CA ALA A 558 23.68 19.17 34.97
C ALA A 558 23.56 20.14 36.14
N ASP A 559 24.00 21.38 35.91
CA ASP A 559 24.02 22.36 36.99
C ASP A 559 22.63 22.54 37.59
N SER A 560 21.60 22.63 36.75
CA SER A 560 20.25 22.85 37.24
C SER A 560 19.78 21.75 38.17
N ALA A 561 20.49 20.63 38.24
CA ALA A 561 20.12 19.53 39.12
C ALA A 561 21.24 19.12 40.07
N VAL A 562 22.32 19.90 40.14
CA VAL A 562 23.37 19.64 41.11
C VAL A 562 23.45 20.81 42.08
N PHE A 563 23.11 22.01 41.60
CA PHE A 563 23.19 23.19 42.46
C PHE A 563 22.19 23.11 43.60
N PRO A 564 20.92 22.75 43.39
CA PRO A 564 19.98 22.64 44.51
C PRO A 564 20.56 21.93 45.72
N ARG A 565 21.47 20.99 45.50
CA ARG A 565 22.13 20.27 46.59
C ARG A 565 23.59 20.68 46.60
N VAL A 566 23.88 21.82 47.22
CA VAL A 566 25.23 22.35 47.33
C VAL A 566 25.29 23.31 48.51
N GLN A 567 26.50 23.59 48.99
CA GLN A 567 26.70 24.68 49.95
C GLN A 567 26.53 25.97 49.18
N ASN A 568 25.29 26.44 49.09
CA ASN A 568 24.86 27.47 48.15
C ASN A 568 25.83 28.65 48.04
N HIS A 569 26.52 29.00 49.13
CA HIS A 569 27.38 30.16 49.12
C HIS A 569 28.49 30.08 48.08
N GLU A 570 28.66 28.95 47.40
CA GLU A 570 29.69 28.79 46.39
C GLU A 570 29.16 28.82 44.96
N ILE A 571 27.85 28.89 44.77
CA ILE A 571 27.29 28.78 43.42
C ILE A 571 27.74 29.94 42.56
N GLU A 572 27.38 31.16 42.96
CA GLU A 572 27.63 32.33 42.12
C GLU A 572 29.09 32.41 41.68
N LEU A 573 30.00 31.99 42.56
CA LEU A 573 31.42 32.05 42.24
C LEU A 573 31.71 31.34 40.92
N THR A 574 31.08 30.18 40.71
CA THR A 574 31.30 29.39 39.51
C THR A 574 30.14 29.45 38.53
N LYS A 575 28.97 29.93 38.96
CA LYS A 575 27.82 29.98 38.06
C LYS A 575 28.14 30.72 36.77
N VAL A 576 28.77 31.89 36.88
CA VAL A 576 29.04 32.71 35.69
C VAL A 576 29.84 31.91 34.67
N HIS A 577 30.88 31.21 35.14
CA HIS A 577 31.68 30.40 34.22
C HIS A 577 30.80 29.40 33.48
N VAL A 578 30.07 28.56 34.21
CA VAL A 578 29.18 27.60 33.57
C VAL A 578 28.28 28.29 32.56
N GLU A 579 27.95 29.57 32.80
CA GLU A 579 27.19 30.32 31.81
C GLU A 579 27.97 30.51 30.53
N ARG A 580 29.15 31.12 30.62
CA ARG A 580 29.96 31.40 29.44
C ARG A 580 30.25 30.12 28.67
N ASN A 581 30.91 29.16 29.32
CA ASN A 581 31.20 27.89 28.66
C ASN A 581 29.96 27.33 27.97
N ALA A 582 28.78 27.58 28.53
CA ALA A 582 27.54 27.23 27.86
C ALA A 582 27.19 28.30 26.82
N MET A 583 27.22 29.57 27.22
CA MET A 583 26.91 30.66 26.31
C MET A 583 27.65 30.53 24.99
N ASP A 584 28.87 30.01 25.00
CA ASP A 584 29.63 29.83 23.77
C ASP A 584 29.26 28.55 23.03
N GLY A 585 28.63 27.59 23.70
CA GLY A 585 28.17 26.39 23.03
C GLY A 585 28.93 25.13 23.42
N TYR A 586 29.38 25.06 24.68
CA TYR A 586 30.02 23.86 25.20
C TYR A 586 29.08 23.15 26.17
N ARG A 587 29.12 21.82 26.15
CA ARG A 587 28.45 21.06 27.19
C ARG A 587 29.04 21.46 28.54
N THR A 588 28.22 21.31 29.58
CA THR A 588 28.64 21.66 30.93
C THR A 588 28.26 20.55 31.90
N LEU A 589 29.10 20.36 32.90
CA LEU A 589 28.85 19.37 33.95
C LEU A 589 29.54 19.83 35.23
N CYS A 590 28.79 19.84 36.33
CA CYS A 590 29.34 20.20 37.62
C CYS A 590 29.72 18.95 38.39
N VAL A 591 30.69 19.10 39.29
CA VAL A 591 31.18 18.00 40.10
C VAL A 591 31.43 18.50 41.51
N ALA A 592 30.99 17.73 42.50
CA ALA A 592 31.19 18.09 43.90
C ALA A 592 31.35 16.81 44.71
N PHE A 593 32.12 16.91 45.78
CA PHE A 593 32.33 15.80 46.69
C PHE A 593 31.70 16.11 48.04
N LYS A 594 31.42 15.05 48.79
CA LYS A 594 30.88 15.19 50.14
C LYS A 594 31.44 14.07 50.99
N GLU A 595 32.42 14.38 51.83
CA GLU A 595 32.99 13.40 52.72
C GLU A 595 31.90 12.87 53.65
N ILE A 596 31.83 11.55 53.78
CA ILE A 596 30.84 10.91 54.62
C ILE A 596 31.53 10.41 55.88
N ALA A 597 30.80 10.41 56.96
CA ALA A 597 31.44 9.88 58.14
C ALA A 597 31.20 8.37 58.25
N PRO A 598 32.22 7.61 58.65
CA PRO A 598 32.03 6.15 58.75
C PRO A 598 30.80 5.76 59.55
N ASP A 599 30.66 6.28 60.76
CA ASP A 599 29.48 6.03 61.58
C ASP A 599 28.20 6.25 60.78
N ASP A 600 28.25 7.18 59.82
CA ASP A 600 27.09 7.43 58.97
C ASP A 600 26.99 6.42 57.84
N TYR A 601 28.11 5.83 57.44
CA TYR A 601 28.11 4.94 56.28
C TYR A 601 27.20 3.75 56.49
N GLU A 602 27.38 3.03 57.60
CA GLU A 602 26.60 1.82 57.83
C GLU A 602 25.11 2.07 57.61
N ARG A 603 24.61 3.21 58.07
CA ARG A 603 23.23 3.57 57.77
C ARG A 603 22.99 3.56 56.27
N ILE A 604 23.80 4.31 55.52
CA ILE A 604 23.67 4.33 54.07
C ILE A 604 23.83 2.92 53.50
N ASN A 605 24.97 2.29 53.79
CA ASN A 605 25.26 0.96 53.26
C ASN A 605 24.05 0.04 53.40
N ARG A 606 23.60 -0.18 54.63
CA ARG A 606 22.38 -0.95 54.84
C ARG A 606 21.23 -0.37 54.02
N GLN A 607 20.91 0.90 54.28
CA GLN A 607 19.83 1.55 53.54
C GLN A 607 20.01 1.43 52.04
N LEU A 608 21.25 1.33 51.57
CA LEU A 608 21.51 1.26 50.13
C LEU A 608 21.20 -0.13 49.58
N ILE A 609 21.91 -1.14 50.08
CA ILE A 609 21.70 -2.50 49.57
C ILE A 609 20.25 -2.91 49.75
N GLU A 610 19.73 -2.77 50.97
CA GLU A 610 18.35 -3.14 51.23
C GLU A 610 17.38 -2.46 50.27
N ALA A 611 17.78 -1.33 49.69
CA ALA A 611 16.98 -0.70 48.65
C ALA A 611 17.18 -1.35 47.30
N LYS A 612 17.78 -2.53 47.24
CA LYS A 612 17.96 -3.27 45.99
C LYS A 612 17.21 -4.59 46.00
N MET A 613 17.23 -5.31 47.11
CA MET A 613 16.60 -6.62 47.19
C MET A 613 15.09 -6.54 46.95
N ALA A 614 14.56 -5.32 46.86
CA ALA A 614 13.13 -5.11 46.64
C ALA A 614 12.82 -5.45 45.19
N LEU A 615 12.03 -6.50 44.99
CA LEU A 615 11.70 -6.93 43.63
C LEU A 615 10.64 -6.05 42.98
N GLN A 616 9.88 -5.31 43.78
CA GLN A 616 8.82 -4.44 43.27
C GLN A 616 9.35 -3.03 43.14
N ASP A 617 9.16 -2.43 41.97
CA ASP A 617 9.60 -1.06 41.67
C ASP A 617 10.99 -0.81 42.26
N ARG A 618 11.93 -1.66 41.86
CA ARG A 618 13.30 -1.53 42.35
C ARG A 618 13.90 -0.19 41.95
N GLU A 619 13.91 0.11 40.66
CA GLU A 619 14.56 1.33 40.19
C GLU A 619 13.98 2.56 40.88
N GLU A 620 12.66 2.63 41.03
CA GLU A 620 12.05 3.73 41.78
C GLU A 620 12.45 3.66 43.25
N LYS A 621 12.11 2.55 43.91
CA LYS A 621 12.46 2.40 45.31
C LYS A 621 13.96 2.57 45.53
N MET A 622 14.78 2.25 44.53
CA MET A 622 16.22 2.48 44.64
C MET A 622 16.55 3.95 44.39
N GLU A 623 16.13 4.47 43.24
CA GLU A 623 16.32 5.88 42.92
C GLU A 623 16.06 6.76 44.13
N LYS A 624 14.99 6.49 44.85
CA LYS A 624 14.60 7.31 45.99
C LYS A 624 15.45 7.07 47.24
N VAL A 625 16.23 5.99 47.28
CA VAL A 625 17.04 5.74 48.47
C VAL A 625 18.25 6.66 48.49
N PHE A 626 18.84 6.93 47.33
CA PHE A 626 20.00 7.80 47.25
C PHE A 626 19.67 9.19 46.71
N ASP A 627 18.45 9.39 46.21
CA ASP A 627 18.01 10.75 45.90
C ASP A 627 18.16 11.65 47.13
N ASP A 628 17.98 11.09 48.32
CA ASP A 628 18.26 11.79 49.57
C ASP A 628 19.66 11.50 50.09
N ILE A 629 20.51 10.89 49.28
CA ILE A 629 21.91 10.70 49.66
C ILE A 629 22.76 11.89 49.23
N GLU A 630 22.35 12.61 48.20
CA GLU A 630 23.06 13.80 47.73
C GLU A 630 22.43 15.03 48.37
N THR A 631 22.53 15.08 49.70
CA THR A 631 21.87 16.13 50.48
C THR A 631 22.56 17.48 50.28
N ASN A 632 23.83 17.57 50.66
CA ASN A 632 24.61 18.79 50.50
C ASN A 632 26.01 18.41 50.09
N MET A 633 26.38 18.70 48.85
CA MET A 633 27.70 18.41 48.33
C MET A 633 28.54 19.67 48.28
N ASN A 634 29.79 19.57 48.70
CA ASN A 634 30.72 20.69 48.65
C ASN A 634 31.22 20.81 47.22
N LEU A 635 30.60 21.69 46.44
CA LEU A 635 30.98 21.85 45.05
C LEU A 635 32.47 22.15 44.94
N ILE A 636 33.10 21.56 43.92
CA ILE A 636 34.53 21.68 43.71
C ILE A 636 34.85 22.51 42.47
N GLY A 637 34.33 22.10 41.32
CA GLY A 637 34.56 22.83 40.09
C GLY A 637 33.67 22.28 38.99
N ALA A 638 33.49 23.10 37.97
CA ALA A 638 32.65 22.74 36.83
C ALA A 638 33.53 22.38 35.64
N THR A 639 32.93 21.71 34.66
CA THR A 639 33.64 21.27 33.48
C THR A 639 32.84 21.64 32.25
N ALA A 640 33.54 21.81 31.13
CA ALA A 640 32.92 22.18 29.87
C ALA A 640 33.50 21.34 28.75
N VAL A 641 32.62 20.73 27.96
CA VAL A 641 33.02 19.89 26.83
C VAL A 641 32.39 20.45 25.56
N GLU A 642 33.14 20.43 24.48
CA GLU A 642 32.67 20.93 23.20
C GLU A 642 32.19 19.78 22.33
N ASP A 643 31.38 20.12 21.33
CA ASP A 643 30.77 19.13 20.46
C ASP A 643 30.87 19.62 19.02
N LYS A 644 30.69 18.69 18.09
CA LYS A 644 30.78 18.98 16.67
C LYS A 644 29.46 18.68 15.98
N LEU A 645 29.20 19.39 14.89
CA LEU A 645 28.05 19.11 14.05
C LEU A 645 28.40 18.01 13.05
N GLN A 646 27.38 17.47 12.40
CA GLN A 646 27.56 16.38 11.46
C GLN A 646 27.93 16.95 10.09
N ASP A 647 27.91 16.09 9.07
CA ASP A 647 28.30 16.52 7.73
C ASP A 647 27.40 17.64 7.23
N GLN A 648 26.10 17.35 7.10
CA GLN A 648 25.14 18.33 6.61
C GLN A 648 24.09 18.70 7.65
N ALA A 649 24.30 18.35 8.92
CA ALA A 649 23.31 18.62 9.96
C ALA A 649 22.98 20.11 10.01
N ALA A 650 23.75 20.93 9.31
CA ALA A 650 23.44 22.33 9.12
C ALA A 650 22.86 22.62 7.75
N GLU A 651 23.09 21.74 6.78
CA GLU A 651 22.50 21.91 5.45
C GLU A 651 21.11 21.30 5.39
N THR A 652 20.94 20.13 6.00
CA THR A 652 19.63 19.48 6.00
C THR A 652 18.56 20.38 6.58
N ILE A 653 18.71 20.77 7.85
CA ILE A 653 17.73 21.62 8.50
C ILE A 653 17.45 22.90 7.71
N GLU A 654 18.34 23.28 6.80
CA GLU A 654 18.02 24.32 5.85
C GLU A 654 17.18 23.80 4.70
N ALA A 655 17.18 22.48 4.47
CA ALA A 655 16.32 21.89 3.46
C ALA A 655 14.91 21.67 4.01
N LEU A 656 14.79 20.92 5.11
CA LEU A 656 13.49 20.64 5.70
C LEU A 656 12.59 21.86 5.71
N HIS A 657 13.09 22.97 6.27
CA HIS A 657 12.33 24.21 6.22
C HIS A 657 11.74 24.46 4.84
N ALA A 658 12.62 24.52 3.83
CA ALA A 658 12.16 24.74 2.47
C ALA A 658 11.17 23.67 2.01
N ALA A 659 11.08 22.55 2.73
CA ALA A 659 10.14 21.50 2.39
C ALA A 659 8.79 21.66 3.08
N GLY A 660 8.64 22.65 3.96
CA GLY A 660 7.39 22.92 4.61
C GLY A 660 7.24 22.35 6.00
N LEU A 661 8.06 21.37 6.37
CA LEU A 661 7.99 20.82 7.70
C LEU A 661 8.20 21.90 8.76
N LYS A 662 7.79 21.60 9.98
CA LYS A 662 8.00 22.49 11.12
C LYS A 662 8.91 21.76 12.09
N VAL A 663 10.21 21.86 11.87
CA VAL A 663 11.17 21.10 12.65
C VAL A 663 11.22 21.63 14.07
N TRP A 664 11.16 20.73 15.04
CA TRP A 664 11.36 21.05 16.44
C TRP A 664 12.72 20.53 16.89
N VAL A 665 13.01 20.72 18.17
CA VAL A 665 14.20 20.13 18.76
C VAL A 665 13.93 19.89 20.24
N LEU A 666 14.15 18.66 20.69
CA LEU A 666 13.90 18.30 22.08
C LEU A 666 15.23 17.85 22.67
N THR A 667 16.03 18.81 23.12
CA THR A 667 17.32 18.51 23.71
C THR A 667 17.14 18.13 25.17
N GLY A 668 18.25 17.97 25.88
CA GLY A 668 18.21 17.81 27.32
C GLY A 668 19.24 18.67 28.01
N ASP A 669 20.15 19.24 27.22
CA ASP A 669 21.25 20.02 27.76
C ASP A 669 20.72 21.38 28.23
N LYS A 670 21.62 22.22 28.71
CA LYS A 670 21.23 23.54 29.19
C LYS A 670 20.63 24.36 28.06
N MET A 671 19.77 25.31 28.43
CA MET A 671 19.08 26.12 27.43
C MET A 671 20.09 26.86 26.56
N GLU A 672 20.99 27.62 27.18
CA GLU A 672 21.98 28.37 26.40
C GLU A 672 22.63 27.50 25.34
N THR A 673 23.13 26.33 25.73
CA THR A 673 23.81 25.44 24.80
C THR A 673 22.93 25.19 23.57
N ALA A 674 21.73 24.68 23.79
CA ALA A 674 20.83 24.41 22.67
C ALA A 674 20.66 25.64 21.79
N LYS A 675 20.51 26.82 22.39
CA LYS A 675 20.37 28.04 21.60
C LYS A 675 21.61 28.30 20.76
N SER A 676 22.76 27.78 21.18
CA SER A 676 24.00 28.00 20.43
C SER A 676 24.12 27.01 19.27
N THR A 677 24.05 25.71 19.56
CA THR A 677 24.08 24.72 18.50
C THR A 677 22.95 24.92 17.51
N CYS A 678 21.85 25.55 17.93
CA CYS A 678 20.75 25.80 16.99
C CYS A 678 21.18 26.71 15.87
N TYR A 679 21.69 27.90 16.21
CA TYR A 679 22.18 28.82 15.19
C TYR A 679 23.07 28.10 14.19
N ALA A 680 24.10 27.40 14.69
CA ALA A 680 24.95 26.63 13.79
C ALA A 680 24.13 25.65 12.96
N CYS A 681 23.26 24.88 13.60
CA CYS A 681 22.37 23.99 12.87
C CYS A 681 21.54 24.75 11.83
N ARG A 682 21.46 26.07 11.95
CA ARG A 682 20.83 26.93 10.97
C ARG A 682 19.30 26.88 11.00
N LEU A 683 18.69 26.53 12.13
CA LEU A 683 17.25 26.62 12.24
C LEU A 683 16.80 27.93 12.86
N PHE A 684 17.73 28.80 13.24
CA PHE A 684 17.44 30.13 13.78
C PHE A 684 18.26 31.14 12.98
N GLN A 685 17.64 31.72 11.96
CA GLN A 685 18.32 32.75 11.19
C GLN A 685 18.71 33.91 12.10
N THR A 686 19.57 34.78 11.58
CA THR A 686 20.07 35.89 12.38
C THR A 686 18.94 36.68 13.02
N ASN A 687 17.90 36.97 12.25
CA ASN A 687 16.77 37.78 12.73
C ASN A 687 15.60 36.84 13.02
N THR A 688 15.50 36.42 14.28
CA THR A 688 14.37 35.64 14.76
C THR A 688 14.03 36.10 16.16
N GLU A 689 12.82 36.62 16.34
CA GLU A 689 12.40 37.16 17.63
C GLU A 689 11.95 36.01 18.51
N LEU A 690 12.90 35.44 19.23
CA LEU A 690 12.63 34.31 20.12
C LEU A 690 11.53 34.64 21.11
N LEU A 691 10.86 33.61 21.62
CA LEU A 691 9.91 33.76 22.72
C LEU A 691 10.31 32.71 23.76
N GLU A 692 11.26 33.07 24.62
CA GLU A 692 11.82 32.14 25.57
C GLU A 692 10.93 32.06 26.80
N LEU A 693 10.79 30.85 27.34
CA LEU A 693 10.04 30.62 28.58
C LEU A 693 10.93 29.98 29.63
N THR A 694 12.22 30.29 29.57
CA THR A 694 13.19 29.67 30.46
C THR A 694 12.90 30.05 31.91
N THR A 695 13.54 29.34 32.83
CA THR A 695 13.48 29.73 34.23
C THR A 695 13.94 31.16 34.44
N LYS A 696 14.78 31.68 33.56
CA LYS A 696 15.27 33.05 33.66
C LYS A 696 14.18 34.09 33.45
N THR A 697 12.94 33.67 33.17
CA THR A 697 11.84 34.60 32.99
C THR A 697 10.57 34.18 33.71
N ILE A 698 10.49 32.96 34.24
CA ILE A 698 9.24 32.42 34.77
C ILE A 698 9.44 31.96 36.20
N GLU A 699 10.32 32.63 36.94
CA GLU A 699 10.68 32.17 38.28
C GLU A 699 9.54 32.45 39.26
N GLU A 700 8.37 31.88 38.98
CA GLU A 700 7.18 32.09 39.80
C GLU A 700 6.13 31.09 39.33
N SER A 701 4.94 31.18 39.95
CA SER A 701 3.85 30.27 39.61
C SER A 701 2.92 30.87 38.57
N GLU A 702 2.54 32.13 38.75
CA GLU A 702 1.59 32.78 37.86
C GLU A 702 2.24 33.67 36.81
N ARG A 703 3.48 34.09 37.03
CA ARG A 703 4.14 35.06 36.15
C ARG A 703 4.03 34.68 34.69
N LYS A 704 4.22 33.40 34.37
CA LYS A 704 4.37 32.99 32.98
C LYS A 704 3.17 33.40 32.15
N GLU A 705 1.98 32.90 32.49
CA GLU A 705 0.79 33.16 31.68
C GLU A 705 0.71 34.62 31.30
N ASP A 706 0.91 35.51 32.27
CA ASP A 706 1.03 36.93 31.98
C ASP A 706 1.98 37.15 30.82
N ARG A 707 3.20 36.62 30.94
CA ARG A 707 4.15 36.70 29.84
C ARG A 707 3.71 35.84 28.67
N LEU A 708 2.97 34.75 28.94
CA LEU A 708 2.54 33.85 27.88
C LEU A 708 1.60 34.53 26.90
N HIS A 709 0.44 34.97 27.38
CA HIS A 709 -0.54 35.59 26.50
C HIS A 709 0.03 36.81 25.80
N GLU A 710 0.92 37.54 26.48
CA GLU A 710 1.50 38.73 25.87
C GLU A 710 2.20 38.40 24.57
N LEU A 711 3.24 37.57 24.64
CA LEU A 711 4.00 37.25 23.44
C LEU A 711 3.28 36.29 22.52
N LEU A 712 2.03 35.93 22.81
CA LEU A 712 1.24 35.14 21.88
C LEU A 712 0.37 36.00 20.98
N ILE A 713 -0.53 36.78 21.57
CA ILE A 713 -1.52 37.52 20.81
C ILE A 713 -1.03 38.92 20.46
N GLU A 714 -0.73 39.72 21.48
CA GLU A 714 -0.19 41.06 21.25
C GLU A 714 1.17 41.04 20.58
N TYR A 715 1.76 39.86 20.39
CA TYR A 715 3.09 39.71 19.83
C TYR A 715 3.12 38.81 18.61
N ARG A 716 2.27 37.79 18.55
CA ARG A 716 2.27 36.85 17.44
C ARG A 716 0.86 36.57 16.90
N LYS A 717 -0.13 37.36 17.29
CA LYS A 717 -1.47 37.24 16.76
C LYS A 717 -1.88 38.42 15.87
N LYS A 718 -1.47 39.64 16.23
CA LYS A 718 -1.76 40.79 15.38
C LYS A 718 -1.13 40.69 14.01
N LEU A 719 -0.29 39.68 13.77
CA LEU A 719 0.36 39.50 12.49
C LEU A 719 0.19 38.07 11.98
N GLU A 736 11.63 37.75 7.28
CA GLU A 736 10.33 37.59 6.62
C GLU A 736 9.27 37.10 7.59
N HIS A 737 8.73 35.92 7.30
CA HIS A 737 7.71 35.32 8.17
C HIS A 737 8.31 34.66 9.40
N GLN A 738 9.52 34.11 9.27
CA GLN A 738 10.13 33.29 10.30
C GLN A 738 10.54 34.07 11.54
N GLU A 739 10.12 35.34 11.66
CA GLU A 739 10.65 36.23 12.68
C GLU A 739 10.56 35.68 14.10
N TYR A 740 9.85 34.58 14.32
CA TYR A 740 9.56 34.15 15.68
C TYR A 740 9.83 32.66 15.86
N GLY A 741 10.58 32.33 16.90
CA GLY A 741 10.74 30.95 17.33
C GLY A 741 10.54 30.86 18.83
N LEU A 742 10.35 29.63 19.30
CA LEU A 742 10.02 29.39 20.70
C LEU A 742 11.14 28.64 21.41
N ILE A 743 11.11 28.69 22.73
CA ILE A 743 12.03 27.95 23.58
C ILE A 743 11.38 27.67 24.92
N ILE A 744 11.46 26.42 25.39
CA ILE A 744 10.76 26.02 26.61
C ILE A 744 11.75 25.29 27.51
N ASP A 745 11.29 24.84 28.67
CA ASP A 745 12.11 24.09 29.63
C ASP A 745 11.36 22.84 30.06
N GLY A 746 12.06 21.98 30.79
CA GLY A 746 11.41 20.83 31.38
C GLY A 746 10.53 21.20 32.55
N SER A 747 10.77 22.34 33.18
CA SER A 747 9.91 22.82 34.26
C SER A 747 8.82 23.74 33.74
N THR A 748 9.21 24.83 33.07
CA THR A 748 8.23 25.74 32.49
C THR A 748 7.18 25.01 31.67
N LEU A 749 7.52 23.86 31.10
CA LEU A 749 6.55 23.08 30.34
C LEU A 749 5.56 22.40 31.27
N SER A 750 6.06 21.58 32.20
CA SER A 750 5.17 20.81 33.07
C SER A 750 4.10 21.69 33.70
N LEU A 751 4.47 22.89 34.13
CA LEU A 751 3.48 23.80 34.70
C LEU A 751 2.31 24.01 33.75
N ILE A 752 2.59 24.12 32.46
CA ILE A 752 1.53 24.44 31.50
C ILE A 752 0.57 23.28 31.35
N LEU A 753 1.07 22.13 30.89
CA LEU A 753 0.19 21.00 30.61
C LEU A 753 -0.50 20.51 31.88
N ASN A 754 0.29 20.09 32.87
CA ASN A 754 -0.29 19.50 34.07
C ASN A 754 -1.24 20.46 34.77
N SER A 755 -0.88 21.73 34.85
CA SER A 755 -1.62 22.72 35.63
C SER A 755 -2.53 23.58 34.76
N SER A 756 -3.11 23.00 33.71
CA SER A 756 -3.98 23.75 32.81
C SER A 756 -5.43 23.81 33.26
N GLN A 757 -5.79 23.07 34.31
CA GLN A 757 -7.19 22.91 34.72
C GLN A 757 -7.69 24.05 35.59
N ASP A 758 -7.01 25.20 35.58
CA ASP A 758 -7.38 26.31 36.45
C ASP A 758 -8.19 27.39 35.73
N SER A 759 -7.65 27.94 34.64
CA SER A 759 -8.31 29.02 33.91
C SER A 759 -9.16 28.42 32.79
N SER A 760 -10.27 27.80 33.18
CA SER A 760 -11.18 27.20 32.21
C SER A 760 -11.85 28.23 31.32
N SER A 761 -11.71 29.52 31.61
CA SER A 761 -12.20 30.55 30.70
C SER A 761 -11.31 30.64 29.45
N ASN A 762 -10.00 30.74 29.66
CA ASN A 762 -9.02 30.62 28.57
C ASN A 762 -7.89 29.75 29.10
N ASN A 763 -8.02 28.44 28.91
CA ASN A 763 -7.09 27.49 29.49
C ASN A 763 -5.68 27.75 29.00
N TYR A 764 -4.71 27.65 29.92
CA TYR A 764 -3.31 27.87 29.58
C TYR A 764 -2.91 27.07 28.35
N LYS A 765 -3.01 25.74 28.43
CA LYS A 765 -2.57 24.88 27.34
C LYS A 765 -3.21 25.29 26.02
N SER A 766 -4.54 25.29 25.97
CA SER A 766 -5.25 25.67 24.75
C SER A 766 -4.70 26.97 24.17
N ILE A 767 -4.16 27.84 25.03
CA ILE A 767 -3.46 29.02 24.54
C ILE A 767 -2.10 28.63 23.98
N PHE A 768 -1.30 27.92 24.79
CA PHE A 768 0.06 27.59 24.38
C PHE A 768 0.10 26.87 23.05
N LEU A 769 -0.67 25.78 22.94
CA LEU A 769 -0.72 25.03 21.68
C LEU A 769 -0.92 25.96 20.50
N GLN A 770 -1.76 26.98 20.68
CA GLN A 770 -2.03 27.91 19.59
C GLN A 770 -0.76 28.50 19.01
N ILE A 771 0.27 28.70 19.84
CA ILE A 771 1.52 29.26 19.33
C ILE A 771 2.28 28.22 18.51
N CYS A 772 2.20 26.96 18.92
CA CYS A 772 2.96 25.90 18.24
C CYS A 772 2.73 25.94 16.73
N MET A 773 1.47 25.79 16.33
CA MET A 773 1.14 25.74 14.90
C MET A 773 1.70 26.92 14.13
N LYS A 774 1.95 28.05 14.79
CA LYS A 774 2.39 29.27 14.11
C LYS A 774 3.85 29.61 14.37
N CYS A 775 4.69 28.63 14.68
CA CYS A 775 6.12 28.83 14.84
C CYS A 775 6.85 27.76 14.05
N THR A 776 7.63 28.18 13.05
CA THR A 776 8.25 27.25 12.13
C THR A 776 9.33 26.39 12.78
N ALA A 777 10.00 26.91 13.81
CA ALA A 777 11.04 26.15 14.49
C ALA A 777 10.96 26.45 15.99
N VAL A 778 10.90 25.39 16.79
CA VAL A 778 10.78 25.52 18.24
C VAL A 778 11.84 24.67 18.89
N LEU A 779 12.19 25.02 20.12
CA LEU A 779 13.21 24.30 20.88
C LEU A 779 12.59 23.77 22.16
N CYS A 780 13.27 22.82 22.79
CA CYS A 780 12.87 22.30 24.10
C CYS A 780 14.15 21.85 24.81
N CYS A 781 14.56 22.60 25.81
CA CYS A 781 15.74 22.28 26.59
C CYS A 781 15.35 21.67 27.92
N ARG A 782 16.33 21.13 28.63
CA ARG A 782 16.11 20.53 29.94
C ARG A 782 14.92 19.58 29.90
N MET A 783 14.79 18.80 28.83
CA MET A 783 13.68 17.87 28.67
C MET A 783 13.98 16.57 29.40
N ALA A 784 13.02 16.12 30.18
CA ALA A 784 13.12 14.83 30.86
C ALA A 784 13.00 13.72 29.83
N PRO A 785 13.13 12.45 30.23
CA PRO A 785 13.00 11.36 29.25
C PRO A 785 11.57 11.09 28.81
N LEU A 786 10.57 11.45 29.62
CA LEU A 786 9.18 11.27 29.26
C LEU A 786 8.56 12.51 28.65
N GLN A 787 8.87 13.70 29.19
CA GLN A 787 8.37 14.93 28.58
C GLN A 787 8.70 15.01 27.10
N LYS A 788 9.68 14.26 26.64
CA LYS A 788 9.88 14.13 25.20
C LYS A 788 8.82 13.28 24.56
N ALA A 789 7.83 12.85 25.34
CA ALA A 789 6.68 12.13 24.82
C ALA A 789 5.40 12.94 24.95
N GLN A 790 5.12 13.49 26.13
CA GLN A 790 3.96 14.37 26.28
C GLN A 790 3.95 15.45 25.22
N ILE A 791 5.12 15.92 24.79
CA ILE A 791 5.19 16.89 23.71
C ILE A 791 4.57 16.31 22.45
N VAL A 792 5.04 15.14 22.03
CA VAL A 792 4.51 14.49 20.83
C VAL A 792 2.99 14.42 20.91
N ARG A 793 2.48 13.75 21.95
CA ARG A 793 1.04 13.66 22.14
C ARG A 793 0.40 15.04 22.09
N MET A 794 0.90 15.96 22.92
CA MET A 794 0.33 17.31 22.96
C MET A 794 0.25 17.93 21.59
N VAL A 795 1.10 17.50 20.65
CA VAL A 795 1.05 18.01 19.28
C VAL A 795 0.19 17.11 18.40
N LYS A 796 0.47 15.80 18.43
CA LYS A 796 -0.28 14.87 17.59
C LYS A 796 -1.79 15.05 17.71
N ASN A 797 -2.26 15.46 18.90
CA ASN A 797 -3.68 15.50 19.19
C ASN A 797 -4.32 16.87 18.96
N LEU A 798 -3.82 17.66 18.02
CA LEU A 798 -4.32 19.01 17.81
C LEU A 798 -4.66 19.24 16.34
N LYS A 799 -5.85 19.78 16.09
CA LYS A 799 -6.25 20.29 14.78
C LYS A 799 -5.95 19.29 13.67
N GLY A 800 -6.60 18.15 13.76
CA GLY A 800 -6.45 17.13 12.75
C GLY A 800 -5.58 15.97 13.21
N SER A 801 -4.49 15.72 12.51
CA SER A 801 -3.57 14.67 12.94
C SER A 801 -2.21 14.89 12.29
N PRO A 802 -1.52 15.99 12.60
CA PRO A 802 -0.19 16.20 12.03
C PRO A 802 0.71 14.99 12.18
N ILE A 803 1.20 14.45 11.07
CA ILE A 803 2.03 13.25 11.08
C ILE A 803 3.40 13.64 11.65
N THR A 804 3.71 13.16 12.85
CA THR A 804 4.93 13.54 13.55
C THR A 804 6.01 12.51 13.31
N LEU A 805 7.12 12.96 12.71
CA LEU A 805 8.28 12.11 12.45
C LEU A 805 9.37 12.48 13.45
N SER A 806 9.57 11.65 14.46
CA SER A 806 10.61 11.86 15.45
C SER A 806 11.85 11.06 15.08
N ILE A 807 12.99 11.50 15.61
CA ILE A 807 14.28 10.92 15.25
C ILE A 807 15.19 10.99 16.48
N GLY A 808 15.60 9.84 17.00
CA GLY A 808 16.41 9.76 18.19
C GLY A 808 17.75 9.11 17.94
N ASP A 809 18.58 9.11 19.00
CA ASP A 809 19.91 8.52 18.95
C ASP A 809 20.14 7.44 19.98
N GLY A 810 19.65 7.61 21.21
CA GLY A 810 19.96 6.69 22.28
C GLY A 810 18.82 6.44 23.24
N ALA A 811 19.11 5.73 24.33
CA ALA A 811 18.09 5.28 25.26
C ALA A 811 17.13 6.39 25.65
N ASN A 812 17.61 7.62 25.72
CA ASN A 812 16.76 8.72 26.17
C ASN A 812 15.55 8.89 25.27
N ASP A 813 15.67 8.55 23.99
CA ASP A 813 14.63 8.83 23.02
C ASP A 813 13.66 7.67 22.82
N VAL A 814 13.88 6.54 23.49
CA VAL A 814 12.95 5.43 23.38
C VAL A 814 11.53 5.82 23.75
N SER A 815 11.35 6.92 24.47
CA SER A 815 10.04 7.31 24.97
C SER A 815 9.22 8.09 23.96
N MET A 816 9.80 8.49 22.83
CA MET A 816 9.06 9.17 21.78
C MET A 816 9.04 8.37 20.48
N ILE A 817 10.19 7.81 20.08
CA ILE A 817 10.22 6.95 18.90
C ILE A 817 9.09 5.94 18.96
N LEU A 818 8.90 5.32 20.13
CA LEU A 818 7.77 4.42 20.32
C LEU A 818 6.44 5.14 20.37
N GLU A 819 6.43 6.46 20.21
CA GLU A 819 5.22 7.25 20.35
C GLU A 819 4.82 8.03 19.11
N SER A 820 5.78 8.41 18.27
CA SER A 820 5.46 9.22 17.10
C SER A 820 4.99 8.34 15.95
N HIS A 821 4.37 8.98 14.96
CA HIS A 821 3.80 8.24 13.85
C HIS A 821 4.82 7.36 13.17
N VAL A 822 5.98 7.92 12.83
CA VAL A 822 7.04 7.14 12.20
C VAL A 822 8.39 7.53 12.78
N GLY A 823 8.90 6.73 13.70
CA GLY A 823 10.21 6.99 14.26
C GLY A 823 11.31 6.90 13.22
N ILE A 824 12.47 7.44 13.59
CA ILE A 824 13.69 7.25 12.81
C ILE A 824 14.86 7.06 13.75
N GLY A 825 15.30 5.82 13.93
CA GLY A 825 16.40 5.58 14.84
C GLY A 825 17.76 5.74 14.18
N ILE A 826 18.59 6.62 14.71
CA ILE A 826 19.95 6.80 14.20
C ILE A 826 20.90 5.95 15.01
N LYS A 827 21.40 4.88 14.40
CA LYS A 827 22.35 3.98 15.03
C LYS A 827 23.69 4.71 15.12
N GLY A 828 23.95 5.33 16.26
CA GLY A 828 25.16 6.11 16.43
C GLY A 828 26.17 5.46 17.36
N LYS A 829 26.76 6.25 18.25
CA LYS A 829 27.82 5.75 19.11
C LYS A 829 27.29 5.18 20.41
N GLU A 830 26.22 5.77 20.97
CA GLU A 830 25.73 5.32 22.27
C GLU A 830 25.32 3.86 22.23
N GLY A 831 24.31 3.54 21.43
CA GLY A 831 23.83 2.17 21.37
C GLY A 831 22.66 2.07 20.42
N ARG A 832 22.07 0.88 20.40
CA ARG A 832 20.94 0.59 19.52
C ARG A 832 19.62 0.57 20.25
N GLN A 833 19.58 1.01 21.51
CA GLN A 833 18.30 1.12 22.20
C GLN A 833 17.32 1.98 21.44
N ALA A 834 17.81 2.93 20.64
CA ALA A 834 16.95 3.80 19.84
C ALA A 834 16.70 3.21 18.47
N ALA A 835 17.74 2.69 17.82
CA ALA A 835 17.59 2.17 16.47
C ALA A 835 16.90 0.81 16.42
N ARG A 836 16.70 0.15 17.56
CA ARG A 836 16.00 -1.12 17.58
C ARG A 836 14.50 -0.99 17.72
N ASN A 837 14.02 0.11 18.31
CA ASN A 837 12.59 0.35 18.41
C ASN A 837 12.06 1.13 17.23
N SER A 838 12.88 2.00 16.64
CA SER A 838 12.44 2.85 15.56
C SER A 838 12.01 2.02 14.35
N ASP A 839 11.00 2.52 13.65
CA ASP A 839 10.52 1.83 12.45
C ASP A 839 11.63 1.69 11.42
N TYR A 840 12.40 2.75 11.21
CA TYR A 840 13.52 2.76 10.28
C TYR A 840 14.80 3.02 11.05
N SER A 841 15.89 3.20 10.31
CA SER A 841 17.17 3.54 10.91
C SER A 841 18.13 3.98 9.83
N VAL A 842 18.99 4.94 10.14
CA VAL A 842 19.90 5.51 9.17
C VAL A 842 21.17 5.95 9.89
N PRO A 843 22.32 5.38 9.57
CA PRO A 843 23.51 5.61 10.40
C PRO A 843 24.08 7.01 10.27
N LYS A 844 23.22 8.02 10.26
CA LYS A 844 23.61 9.42 10.14
C LYS A 844 22.39 10.31 10.35
N PHE A 845 22.57 11.62 10.28
CA PHE A 845 21.43 12.52 10.18
C PHE A 845 21.30 13.14 8.81
N LYS A 846 22.40 13.31 8.09
CA LYS A 846 22.33 13.80 6.71
C LYS A 846 21.44 12.94 5.85
N HIS A 847 21.14 11.70 6.28
CA HIS A 847 20.28 10.83 5.50
C HIS A 847 18.81 11.19 5.62
N LEU A 848 18.40 11.78 6.76
CA LEU A 848 17.00 12.12 6.93
C LEU A 848 16.50 13.07 5.84
N LYS A 849 17.39 13.64 5.03
CA LYS A 849 16.93 14.40 3.87
C LYS A 849 16.61 13.47 2.71
N LYS A 850 17.59 12.70 2.25
CA LYS A 850 17.35 11.78 1.17
C LYS A 850 16.29 10.75 1.51
N LEU A 851 15.90 10.67 2.79
CA LEU A 851 14.88 9.70 3.17
C LEU A 851 13.49 10.28 2.97
N LEU A 852 13.19 11.39 3.63
CA LEU A 852 11.86 11.99 3.49
C LEU A 852 11.55 12.35 2.04
N LEU A 853 12.33 13.27 1.47
CA LEU A 853 12.00 13.76 0.13
C LEU A 853 12.12 12.67 -0.92
N ALA A 854 13.33 12.16 -1.11
CA ALA A 854 13.61 11.28 -2.24
C ALA A 854 12.93 9.93 -2.16
N HIS A 855 12.47 9.53 -0.98
CA HIS A 855 11.73 8.28 -0.84
C HIS A 855 10.31 8.49 -0.34
N GLY A 856 10.15 9.21 0.77
CA GLY A 856 8.82 9.46 1.31
C GLY A 856 7.88 10.01 0.26
N HIS A 857 8.43 10.69 -0.75
CA HIS A 857 7.60 11.19 -1.82
C HIS A 857 7.25 10.09 -2.80
N LEU A 858 8.26 9.46 -3.40
CA LEU A 858 8.00 8.39 -4.36
C LEU A 858 7.19 7.28 -3.73
N TYR A 859 7.42 6.98 -2.46
CA TYR A 859 6.60 5.96 -1.83
C TYR A 859 5.18 6.43 -1.59
N TYR A 860 4.83 7.63 -2.04
CA TYR A 860 3.46 8.11 -2.00
C TYR A 860 2.88 8.30 -3.40
N VAL A 861 3.56 9.07 -4.25
CA VAL A 861 3.10 9.22 -5.63
C VAL A 861 3.16 7.92 -6.41
N ARG A 862 3.77 6.88 -5.84
CA ARG A 862 3.75 5.56 -6.45
C ARG A 862 2.54 4.74 -6.03
N ILE A 863 1.79 5.19 -5.03
CA ILE A 863 0.61 4.50 -4.56
C ILE A 863 -0.64 5.35 -4.72
N ALA A 864 -0.55 6.64 -4.38
CA ALA A 864 -1.67 7.54 -4.56
C ALA A 864 -2.22 7.43 -5.97
N HIS A 865 -1.33 7.25 -6.94
CA HIS A 865 -1.74 6.99 -8.31
C HIS A 865 -1.85 5.51 -8.60
N LEU A 866 -2.05 4.69 -7.57
CA LEU A 866 -2.46 3.31 -7.74
C LEU A 866 -3.85 3.09 -7.16
N VAL A 867 -4.06 3.44 -5.89
CA VAL A 867 -5.39 3.36 -5.30
C VAL A 867 -6.37 4.22 -6.07
N GLN A 868 -5.89 5.18 -6.86
CA GLN A 868 -6.78 5.94 -7.73
C GLN A 868 -7.07 5.17 -9.01
N TYR A 869 -6.03 4.87 -9.78
CA TYR A 869 -6.23 4.14 -11.02
C TYR A 869 -6.88 2.80 -10.79
N PHE A 870 -6.54 2.13 -9.69
CA PHE A 870 -7.08 0.79 -9.47
C PHE A 870 -8.57 0.80 -9.26
N PHE A 871 -9.19 1.98 -9.13
CA PHE A 871 -10.63 2.13 -9.09
C PHE A 871 -11.17 2.58 -10.45
N TYR A 872 -10.64 3.69 -10.97
CA TYR A 872 -10.99 4.17 -12.30
C TYR A 872 -10.80 3.10 -13.37
N LYS A 873 -10.09 2.03 -13.02
CA LYS A 873 -9.92 0.95 -14.01
C LYS A 873 -11.28 0.27 -14.16
N ASN A 874 -12.08 0.26 -13.09
CA ASN A 874 -13.33 -0.49 -13.04
C ASN A 874 -14.54 0.36 -13.36
N LEU A 875 -14.67 1.52 -12.75
CA LEU A 875 -15.86 2.36 -12.92
C LEU A 875 -16.08 2.70 -14.39
N CYS A 876 -15.10 2.42 -15.25
CA CYS A 876 -15.33 2.50 -16.68
C CYS A 876 -15.76 1.13 -17.22
N PHE A 877 -15.03 0.09 -16.83
CA PHE A 877 -15.35 -1.26 -17.28
C PHE A 877 -16.79 -1.67 -16.98
N ILE A 878 -17.43 -1.03 -16.01
CA ILE A 878 -18.77 -1.43 -15.61
C ILE A 878 -19.80 -0.34 -15.83
N LEU A 879 -19.41 0.78 -16.44
CA LEU A 879 -20.41 1.78 -16.81
C LEU A 879 -21.21 1.34 -18.03
N PRO A 880 -20.59 1.06 -19.17
CA PRO A 880 -21.34 0.54 -20.32
C PRO A 880 -22.34 -0.52 -19.92
N GLN A 881 -21.87 -1.56 -19.23
CA GLN A 881 -22.74 -2.67 -18.85
C GLN A 881 -23.91 -2.18 -18.01
N PHE A 882 -23.87 -0.92 -17.59
CA PHE A 882 -25.03 -0.30 -16.95
C PHE A 882 -25.89 0.48 -17.92
N LEU A 883 -25.28 1.23 -18.84
CA LEU A 883 -26.08 1.88 -19.87
C LEU A 883 -26.79 0.84 -20.72
N TYR A 884 -26.07 -0.18 -21.16
CA TYR A 884 -26.65 -1.22 -22.01
C TYR A 884 -27.75 -1.95 -21.27
N GLN A 885 -27.98 -1.60 -20.01
CA GLN A 885 -29.22 -1.94 -19.33
C GLN A 885 -30.27 -0.86 -19.51
N PHE A 886 -30.17 -0.10 -20.59
CA PHE A 886 -31.21 0.83 -21.02
C PHE A 886 -31.78 0.48 -22.38
N PHE A 887 -30.93 0.16 -23.34
CA PHE A 887 -31.36 -0.26 -24.67
C PHE A 887 -31.63 -1.75 -24.74
N CYS A 888 -31.63 -2.43 -23.61
CA CYS A 888 -32.19 -3.75 -23.44
C CYS A 888 -33.38 -3.65 -22.50
N GLY A 889 -34.22 -4.67 -22.50
CA GLY A 889 -35.40 -4.62 -21.67
C GLY A 889 -35.07 -4.75 -20.19
N PHE A 890 -34.04 -4.04 -19.75
CA PHE A 890 -33.57 -4.09 -18.38
C PHE A 890 -33.41 -5.52 -17.89
N SER A 891 -33.17 -6.45 -18.80
CA SER A 891 -33.09 -7.86 -18.46
C SER A 891 -31.69 -8.31 -18.09
N GLN A 892 -30.86 -7.40 -17.63
CA GLN A 892 -29.50 -7.69 -17.18
C GLN A 892 -28.78 -8.60 -18.18
N GLN A 893 -28.60 -8.09 -19.40
CA GLN A 893 -27.88 -8.82 -20.42
C GLN A 893 -26.44 -8.34 -20.45
N PRO A 894 -25.50 -9.06 -19.87
CA PRO A 894 -24.12 -8.55 -19.79
C PRO A 894 -23.57 -8.15 -21.14
N LEU A 895 -23.31 -6.86 -21.33
CA LEU A 895 -22.78 -6.37 -22.58
C LEU A 895 -21.63 -7.23 -23.07
N TYR A 896 -20.60 -7.39 -22.25
CA TYR A 896 -19.40 -8.12 -22.60
C TYR A 896 -19.71 -9.62 -22.67
N ASP A 897 -18.69 -10.39 -22.99
CA ASP A 897 -18.76 -11.84 -22.84
C ASP A 897 -18.52 -12.16 -21.36
N ALA A 898 -18.34 -13.45 -21.04
CA ALA A 898 -17.89 -13.84 -19.71
C ALA A 898 -16.37 -13.99 -19.68
N ALA A 899 -15.78 -14.49 -20.76
CA ALA A 899 -14.33 -14.57 -20.83
C ALA A 899 -13.67 -13.22 -20.69
N TYR A 900 -14.42 -12.13 -20.83
CA TYR A 900 -13.87 -10.79 -20.68
C TYR A 900 -14.34 -10.13 -19.39
N LEU A 901 -14.89 -10.91 -18.47
CA LEU A 901 -15.23 -10.40 -17.15
C LEU A 901 -14.31 -10.91 -16.06
N THR A 902 -13.83 -12.15 -16.19
CA THR A 902 -12.81 -12.64 -15.27
C THR A 902 -11.46 -12.04 -15.61
N MET A 903 -10.99 -12.26 -16.83
CA MET A 903 -9.67 -11.81 -17.23
C MET A 903 -9.43 -10.35 -16.84
N TYR A 904 -10.28 -9.45 -17.31
CA TYR A 904 -9.97 -8.02 -17.29
C TYR A 904 -9.40 -7.52 -15.97
N ASN A 905 -9.79 -8.13 -14.86
CA ASN A 905 -9.32 -7.58 -13.56
C ASN A 905 -8.10 -8.33 -13.01
N ILE A 906 -7.67 -9.44 -13.64
CA ILE A 906 -6.52 -10.16 -13.11
C ILE A 906 -5.44 -10.29 -14.15
N CYS A 907 -5.81 -10.33 -15.42
CA CYS A 907 -4.86 -10.69 -16.47
C CYS A 907 -4.64 -9.58 -17.49
N PHE A 908 -5.70 -9.00 -18.05
CA PHE A 908 -5.53 -8.00 -19.09
C PHE A 908 -4.87 -6.74 -18.54
N THR A 909 -5.34 -6.25 -17.40
CA THR A 909 -4.91 -4.96 -16.89
C THR A 909 -4.55 -5.06 -15.41
N SER A 910 -3.80 -6.09 -15.05
CA SER A 910 -3.26 -6.19 -13.71
C SER A 910 -1.82 -5.69 -13.66
N LEU A 911 -0.94 -6.26 -14.48
CA LEU A 911 0.47 -5.87 -14.45
C LEU A 911 0.67 -4.39 -14.73
N PRO A 912 0.23 -3.84 -15.85
CA PRO A 912 0.59 -2.46 -16.21
C PRO A 912 0.46 -1.46 -15.07
N ILE A 913 -0.40 -1.75 -14.09
CA ILE A 913 -0.49 -0.89 -12.91
C ILE A 913 0.47 -1.32 -11.81
N LEU A 914 0.88 -2.58 -11.78
CA LEU A 914 1.90 -3.00 -10.83
C LEU A 914 3.26 -2.44 -11.23
N ALA A 915 3.65 -2.64 -12.49
CA ALA A 915 4.89 -2.07 -13.00
C ALA A 915 5.03 -0.61 -12.61
N TYR A 916 4.07 0.21 -13.00
CA TYR A 916 4.09 1.62 -12.62
C TYR A 916 4.08 1.82 -11.11
N SER A 917 3.84 0.78 -10.34
CA SER A 917 3.81 0.93 -8.89
C SER A 917 5.17 0.77 -8.25
N LEU A 918 5.91 -0.29 -8.61
CA LEU A 918 7.21 -0.53 -7.98
C LEU A 918 8.25 0.47 -8.46
N LEU A 919 8.53 0.45 -9.76
CA LEU A 919 9.66 1.19 -10.34
C LEU A 919 9.12 2.37 -11.15
N GLU A 920 9.16 3.56 -10.56
CA GLU A 920 8.80 4.76 -11.28
C GLU A 920 9.14 5.96 -10.42
N GLN A 921 9.61 7.03 -11.07
CA GLN A 921 9.91 8.32 -10.43
C GLN A 921 9.37 9.43 -11.31
N HIS A 922 8.15 9.88 -11.03
CA HIS A 922 7.53 10.92 -11.84
C HIS A 922 8.35 12.21 -11.82
N ILE A 923 9.36 12.26 -10.96
CA ILE A 923 10.37 13.32 -11.01
C ILE A 923 11.71 12.69 -10.66
N ASN A 924 12.67 12.80 -11.57
CA ASN A 924 13.95 12.14 -11.42
C ASN A 924 14.46 12.22 -9.98
N ILE A 925 14.89 11.08 -9.45
CA ILE A 925 15.25 10.97 -8.04
C ILE A 925 16.35 11.94 -7.64
N ASP A 926 17.00 12.58 -8.60
CA ASP A 926 18.01 13.59 -8.30
C ASP A 926 17.39 14.99 -8.21
N THR A 927 16.59 15.37 -9.19
CA THR A 927 15.95 16.67 -9.21
C THR A 927 14.98 16.80 -8.06
N LEU A 928 14.65 15.69 -7.41
CA LEU A 928 13.69 15.69 -6.31
C LEU A 928 14.35 15.92 -4.96
N THR A 929 15.55 15.39 -4.75
CA THR A 929 16.27 15.63 -3.51
C THR A 929 17.13 16.88 -3.59
N SER A 930 17.45 17.34 -4.80
CA SER A 930 18.19 18.58 -4.98
C SER A 930 17.29 19.80 -5.12
N ASP A 931 16.02 19.68 -4.75
CA ASP A 931 15.08 20.78 -4.86
C ASP A 931 13.90 20.52 -3.92
N PRO A 932 14.04 20.79 -2.63
CA PRO A 932 12.96 20.47 -1.68
C PRO A 932 11.89 21.54 -1.59
N ARG A 933 11.84 22.50 -2.51
CA ARG A 933 10.92 23.63 -2.42
C ARG A 933 9.50 23.19 -2.06
N LEU A 934 8.90 22.34 -2.89
CA LEU A 934 7.54 21.87 -2.63
C LEU A 934 7.36 20.37 -2.84
N TYR A 935 8.31 19.68 -3.45
CA TYR A 935 8.10 18.30 -3.84
C TYR A 935 7.81 17.42 -2.63
N MET A 936 8.06 17.92 -1.43
CA MET A 936 7.49 17.33 -0.23
C MET A 936 6.28 18.10 0.25
N LYS A 937 5.95 19.21 -0.40
CA LYS A 937 4.78 20.02 -0.08
C LYS A 937 3.63 19.80 -1.05
N ILE A 938 3.93 19.58 -2.33
CA ILE A 938 2.89 19.37 -3.32
C ILE A 938 1.98 18.20 -2.97
N SER A 939 2.39 17.35 -2.03
CA SER A 939 1.58 16.21 -1.61
C SER A 939 1.46 16.23 -0.09
N GLY A 940 0.50 16.99 0.41
CA GLY A 940 0.14 16.95 1.82
C GLY A 940 -1.04 16.03 2.02
N ASN A 941 -0.99 14.86 1.40
CA ASN A 941 -2.07 13.90 1.23
C ASN A 941 -3.00 14.34 0.12
N ALA A 942 -2.76 15.49 -0.51
CA ALA A 942 -3.68 16.00 -1.52
C ALA A 942 -3.93 15.01 -2.65
N MET A 943 -3.02 14.06 -2.87
CA MET A 943 -3.19 13.15 -3.99
C MET A 943 -4.38 12.22 -3.82
N LEU A 944 -4.97 12.13 -2.63
CA LEU A 944 -6.12 11.27 -2.39
C LEU A 944 -7.27 12.02 -1.73
N GLN A 945 -7.18 13.34 -1.64
CA GLN A 945 -8.23 14.11 -1.01
C GLN A 945 -9.50 14.06 -1.85
N LEU A 946 -10.56 14.69 -1.36
CA LEU A 946 -11.84 14.63 -2.07
C LEU A 946 -11.80 15.38 -3.39
N GLY A 947 -10.86 16.32 -3.55
CA GLY A 947 -10.74 17.06 -4.78
C GLY A 947 -10.36 16.17 -5.94
N PRO A 948 -9.15 15.61 -5.91
CA PRO A 948 -8.71 14.77 -7.03
C PRO A 948 -9.56 13.53 -7.23
N PHE A 949 -9.90 12.81 -6.14
CA PHE A 949 -10.65 11.57 -6.28
C PHE A 949 -11.83 11.73 -7.22
N LEU A 950 -12.73 12.65 -6.91
CA LEU A 950 -13.89 12.78 -7.80
C LEU A 950 -13.56 13.45 -9.10
N TYR A 951 -12.28 13.70 -9.40
CA TYR A 951 -11.93 14.06 -10.76
C TYR A 951 -11.77 12.81 -11.62
N TRP A 952 -10.96 11.86 -11.15
CA TRP A 952 -10.86 10.57 -11.84
C TRP A 952 -12.24 10.00 -12.12
N THR A 953 -13.09 9.93 -11.09
CA THR A 953 -14.45 9.43 -11.29
C THR A 953 -15.15 10.18 -12.42
N PHE A 954 -15.24 11.51 -12.30
CA PHE A 954 -15.84 12.30 -13.36
C PHE A 954 -14.97 12.27 -14.60
N LEU A 955 -13.87 11.52 -14.53
CA LEU A 955 -13.15 11.12 -15.73
C LEU A 955 -13.55 9.74 -16.21
N ALA A 956 -13.91 8.83 -15.30
CA ALA A 956 -14.46 7.55 -15.70
C ALA A 956 -15.80 7.74 -16.39
N ALA A 957 -16.74 8.41 -15.71
CA ALA A 957 -18.05 8.66 -16.28
C ALA A 957 -17.96 9.12 -17.73
N PHE A 958 -17.29 10.26 -17.97
CA PHE A 958 -17.12 10.71 -19.34
C PHE A 958 -16.45 9.64 -20.19
N GLU A 959 -15.22 9.28 -19.83
CA GLU A 959 -14.49 8.27 -20.59
C GLU A 959 -15.26 6.96 -20.59
N GLY A 960 -16.25 6.84 -19.71
CA GLY A 960 -17.13 5.69 -19.71
C GLY A 960 -18.22 5.83 -20.74
N THR A 961 -19.00 6.91 -20.64
CA THR A 961 -20.05 7.17 -21.62
C THR A 961 -19.52 7.06 -23.04
N VAL A 962 -18.51 7.87 -23.37
CA VAL A 962 -17.99 7.89 -24.74
C VAL A 962 -17.72 6.49 -25.26
N PHE A 963 -17.41 5.55 -24.35
CA PHE A 963 -17.22 4.17 -24.78
C PHE A 963 -18.50 3.61 -25.38
N PHE A 964 -19.63 3.79 -24.68
CA PHE A 964 -20.88 3.21 -25.14
C PHE A 964 -21.54 4.09 -26.20
N PHE A 965 -21.90 5.31 -25.83
CA PHE A 965 -22.59 6.18 -26.78
C PHE A 965 -21.69 6.45 -27.98
N GLY A 966 -20.39 6.26 -27.81
CA GLY A 966 -19.49 6.36 -28.93
C GLY A 966 -19.68 5.20 -29.87
N THR A 967 -20.05 4.04 -29.32
CA THR A 967 -20.31 2.88 -30.16
C THR A 967 -21.73 2.88 -30.69
N TYR A 968 -22.70 3.16 -29.81
CA TYR A 968 -24.10 3.12 -30.20
C TYR A 968 -24.32 3.82 -31.53
N PHE A 969 -23.99 5.10 -31.62
CA PHE A 969 -24.12 5.82 -32.88
C PHE A 969 -23.42 5.09 -34.02
N LEU A 970 -22.43 4.26 -33.71
CA LEU A 970 -21.72 3.52 -34.74
C LEU A 970 -22.51 2.32 -35.26
N PHE A 971 -23.52 1.85 -34.52
CA PHE A 971 -24.39 0.78 -35.00
C PHE A 971 -25.75 1.30 -35.44
N GLN A 972 -25.80 2.49 -36.02
CA GLN A 972 -26.95 2.94 -36.77
C GLN A 972 -26.73 2.84 -38.27
N THR A 973 -25.82 1.97 -38.69
CA THR A 973 -25.32 1.96 -40.06
C THR A 973 -25.89 0.84 -40.91
N ALA A 974 -26.40 -0.23 -40.31
CA ALA A 974 -26.92 -1.39 -41.00
C ALA A 974 -25.81 -2.32 -41.49
N SER A 975 -24.55 -1.90 -41.41
CA SER A 975 -23.42 -2.78 -41.69
C SER A 975 -22.15 -1.98 -41.46
N LEU A 976 -21.04 -2.69 -41.32
CA LEU A 976 -19.76 -2.01 -41.19
C LEU A 976 -18.74 -2.61 -42.15
N GLU A 977 -18.84 -3.91 -42.42
CA GLU A 977 -17.92 -4.56 -43.34
C GLU A 977 -18.20 -4.07 -44.76
N GLU A 978 -17.43 -4.59 -45.72
CA GLU A 978 -17.64 -4.27 -47.12
C GLU A 978 -18.53 -5.29 -47.82
N ASN A 979 -18.51 -6.54 -47.37
CA ASN A 979 -19.40 -7.55 -47.92
C ASN A 979 -20.84 -7.23 -47.55
N GLY A 980 -21.03 -6.23 -46.70
CA GLY A 980 -22.35 -5.80 -46.32
C GLY A 980 -23.00 -6.55 -45.18
N LYS A 981 -22.33 -7.56 -44.63
CA LYS A 981 -22.94 -8.37 -43.60
C LYS A 981 -23.18 -7.54 -42.34
N VAL A 982 -23.82 -8.16 -41.35
CA VAL A 982 -24.28 -7.47 -40.15
C VAL A 982 -23.42 -7.90 -38.97
N TYR A 983 -23.64 -7.24 -37.84
CA TYR A 983 -22.86 -7.45 -36.62
C TYR A 983 -23.80 -7.73 -35.46
N GLY A 984 -23.56 -8.84 -34.77
CA GLY A 984 -24.41 -9.23 -33.66
C GLY A 984 -24.30 -8.29 -32.49
N ASN A 985 -24.70 -8.75 -31.30
CA ASN A 985 -24.51 -7.99 -30.08
C ASN A 985 -23.19 -8.30 -29.41
N TRP A 986 -22.76 -9.56 -29.43
CA TRP A 986 -21.43 -9.87 -28.90
C TRP A 986 -20.37 -9.01 -29.57
N THR A 987 -20.49 -8.83 -30.89
CA THR A 987 -19.59 -7.93 -31.61
C THR A 987 -19.83 -6.50 -31.15
N PHE A 988 -20.82 -6.30 -30.28
CA PHE A 988 -20.97 -5.06 -29.56
C PHE A 988 -20.33 -5.12 -28.18
N GLY A 989 -19.88 -6.30 -27.76
CA GLY A 989 -19.14 -6.43 -26.53
C GLY A 989 -17.67 -6.17 -26.74
N THR A 990 -17.06 -6.89 -27.69
CA THR A 990 -15.62 -6.73 -27.91
C THR A 990 -15.28 -5.31 -28.35
N ILE A 991 -16.08 -4.69 -29.21
CA ILE A 991 -15.84 -3.30 -29.60
C ILE A 991 -15.75 -2.44 -28.35
N VAL A 992 -16.79 -2.44 -27.54
CA VAL A 992 -16.82 -1.57 -26.36
C VAL A 992 -15.96 -2.18 -25.27
N PHE A 993 -15.30 -3.30 -25.56
CA PHE A 993 -14.24 -3.80 -24.71
C PHE A 993 -12.86 -3.48 -25.28
N THR A 994 -12.59 -3.92 -26.51
CA THR A 994 -11.31 -3.59 -27.12
C THR A 994 -11.04 -2.10 -27.13
N VAL A 995 -12.11 -1.30 -27.14
CA VAL A 995 -11.93 0.14 -26.96
C VAL A 995 -11.72 0.48 -25.50
N LEU A 996 -11.90 -0.49 -24.60
CA LEU A 996 -11.66 -0.28 -23.18
C LEU A 996 -10.22 -0.62 -22.79
N VAL A 997 -9.80 -1.85 -23.06
CA VAL A 997 -8.45 -2.26 -22.71
C VAL A 997 -7.40 -1.38 -23.37
N PHE A 998 -7.76 -0.68 -24.45
CA PHE A 998 -6.82 0.23 -25.08
C PHE A 998 -6.84 1.62 -24.47
N THR A 999 -7.80 1.93 -23.61
CA THR A 999 -7.83 3.22 -22.93
C THR A 999 -7.29 3.13 -21.50
N VAL A 1000 -7.86 2.23 -20.70
CA VAL A 1000 -7.39 2.06 -19.34
C VAL A 1000 -5.91 1.69 -19.28
N THR A 1001 -5.32 1.31 -20.40
CA THR A 1001 -3.87 1.13 -20.46
C THR A 1001 -3.18 2.41 -20.95
N LEU A 1002 -3.55 2.88 -22.14
CA LEU A 1002 -2.93 4.10 -22.65
C LEU A 1002 -3.06 5.25 -21.66
N LYS A 1003 -4.17 5.32 -20.94
CA LYS A 1003 -4.33 6.36 -19.94
C LYS A 1003 -3.20 6.30 -18.92
N LEU A 1004 -2.52 5.15 -18.86
CA LEU A 1004 -1.31 5.04 -18.07
C LEU A 1004 -0.10 5.52 -18.86
N ALA A 1005 -0.01 5.14 -20.13
CA ALA A 1005 1.12 5.51 -20.96
C ALA A 1005 1.15 7.02 -21.20
N LEU A 1006 0.19 7.73 -20.62
CA LEU A 1006 0.24 9.19 -20.54
C LEU A 1006 0.58 9.67 -19.14
N ASP A 1007 0.89 8.76 -18.23
CA ASP A 1007 1.26 9.12 -16.87
C ASP A 1007 2.66 8.71 -16.50
N THR A 1008 3.13 7.55 -16.96
CA THR A 1008 4.49 7.13 -16.67
C THR A 1008 5.48 8.16 -17.20
N ARG A 1009 6.14 8.87 -16.28
CA ARG A 1009 7.17 9.83 -16.64
C ARG A 1009 8.57 9.24 -16.52
N PHE A 1010 8.69 7.92 -16.38
CA PHE A 1010 9.98 7.27 -16.23
C PHE A 1010 9.86 5.89 -16.88
N TRP A 1011 10.24 5.82 -18.16
CA TRP A 1011 10.03 4.61 -18.96
C TRP A 1011 11.29 3.75 -18.92
N THR A 1012 11.30 2.77 -18.02
CA THR A 1012 12.37 1.78 -18.02
C THR A 1012 12.12 0.76 -19.12
N TRP A 1013 12.90 -0.30 -19.12
CA TRP A 1013 12.67 -1.37 -20.09
C TRP A 1013 11.57 -2.31 -19.65
N ILE A 1014 11.17 -2.28 -18.37
CA ILE A 1014 10.06 -3.10 -17.92
C ILE A 1014 8.75 -2.56 -18.47
N ASN A 1015 8.41 -1.32 -18.11
CA ASN A 1015 7.20 -0.69 -18.61
C ASN A 1015 7.01 -0.96 -20.10
N HIS A 1016 8.06 -0.76 -20.89
CA HIS A 1016 7.98 -1.04 -22.31
C HIS A 1016 7.53 -2.47 -22.58
N PHE A 1017 7.84 -3.39 -21.68
CA PHE A 1017 7.50 -4.79 -21.91
C PHE A 1017 6.18 -5.18 -21.27
N VAL A 1018 5.75 -4.47 -20.23
CA VAL A 1018 4.48 -4.81 -19.57
C VAL A 1018 3.30 -4.22 -20.33
N ILE A 1019 3.26 -2.88 -20.44
CA ILE A 1019 2.14 -2.22 -21.07
C ILE A 1019 1.93 -2.77 -22.47
N TRP A 1020 2.94 -2.63 -23.33
CA TRP A 1020 2.85 -3.23 -24.66
C TRP A 1020 2.91 -4.75 -24.55
N GLY A 1021 2.97 -5.26 -23.33
CA GLY A 1021 2.99 -6.70 -23.13
C GLY A 1021 1.68 -7.22 -22.59
N SER A 1022 0.76 -6.32 -22.27
CA SER A 1022 -0.62 -6.69 -21.99
C SER A 1022 -1.51 -6.48 -23.21
N LEU A 1023 -1.35 -5.33 -23.88
CA LEU A 1023 -2.12 -5.05 -25.08
C LEU A 1023 -1.92 -6.15 -26.10
N ALA A 1024 -0.67 -6.35 -26.52
CA ALA A 1024 -0.35 -7.38 -27.50
C ALA A 1024 -0.64 -8.76 -26.93
N PHE A 1025 -1.08 -8.83 -25.68
CA PHE A 1025 -1.66 -10.06 -25.16
C PHE A 1025 -3.16 -10.10 -25.43
N TYR A 1026 -3.88 -9.09 -24.98
CA TYR A 1026 -5.31 -9.00 -25.26
C TYR A 1026 -5.61 -9.29 -26.72
N VAL A 1027 -5.02 -8.51 -27.62
CA VAL A 1027 -5.23 -8.72 -29.05
C VAL A 1027 -4.85 -10.11 -29.50
N PHE A 1028 -4.15 -10.88 -28.65
CA PHE A 1028 -3.95 -12.29 -28.95
C PHE A 1028 -5.03 -13.15 -28.31
N PHE A 1029 -5.30 -12.96 -27.02
CA PHE A 1029 -6.29 -13.76 -26.34
C PHE A 1029 -7.57 -13.84 -27.14
N SER A 1030 -8.20 -12.69 -27.39
CA SER A 1030 -9.41 -12.66 -28.19
C SER A 1030 -9.24 -13.46 -29.48
N PHE A 1031 -8.04 -13.50 -30.04
CA PHE A 1031 -7.80 -14.29 -31.24
C PHE A 1031 -7.80 -15.78 -30.94
N PHE A 1032 -7.26 -16.16 -29.78
CA PHE A 1032 -7.24 -17.58 -29.43
C PHE A 1032 -8.56 -18.01 -28.82
N TRP A 1033 -8.94 -17.42 -27.69
CA TRP A 1033 -10.25 -17.71 -27.11
C TRP A 1033 -11.34 -17.62 -28.15
N GLY A 1034 -11.29 -16.60 -29.00
CA GLY A 1034 -12.18 -16.49 -30.13
C GLY A 1034 -12.26 -17.80 -30.87
N GLY A 1035 -11.12 -18.32 -31.31
CA GLY A 1035 -11.10 -19.54 -32.08
C GLY A 1035 -11.56 -20.74 -31.30
N ILE A 1036 -11.16 -21.94 -31.72
CA ILE A 1036 -11.75 -23.17 -31.21
C ILE A 1036 -11.32 -23.47 -29.78
N ILE A 1037 -12.20 -23.16 -28.82
CA ILE A 1037 -12.09 -23.64 -27.44
C ILE A 1037 -13.43 -24.26 -27.07
N TRP A 1038 -14.12 -24.79 -28.07
CA TRP A 1038 -15.47 -25.31 -27.95
C TRP A 1038 -15.61 -26.39 -26.88
N PRO A 1039 -14.90 -27.51 -27.03
CA PRO A 1039 -15.32 -28.77 -26.41
C PRO A 1039 -15.99 -28.67 -25.05
N PHE A 1040 -15.39 -27.94 -24.12
CA PHE A 1040 -15.91 -27.91 -22.76
C PHE A 1040 -16.89 -26.76 -22.52
N LEU A 1041 -17.00 -25.82 -23.45
CA LEU A 1041 -17.91 -24.70 -23.28
C LEU A 1041 -19.35 -25.17 -23.48
N LYS A 1042 -20.28 -24.22 -23.44
CA LYS A 1042 -21.70 -24.52 -23.64
C LYS A 1042 -22.39 -23.48 -24.51
N GLN A 1043 -21.68 -22.52 -25.05
CA GLN A 1043 -22.30 -21.38 -25.72
C GLN A 1043 -21.75 -21.11 -27.11
N GLN A 1044 -20.45 -21.29 -27.33
CA GLN A 1044 -19.84 -20.95 -28.61
C GLN A 1044 -20.36 -19.60 -29.09
N ARG A 1045 -20.58 -18.66 -28.17
CA ARG A 1045 -21.17 -17.38 -28.52
C ARG A 1045 -20.15 -16.40 -29.07
N MET A 1046 -18.88 -16.57 -28.76
CA MET A 1046 -17.81 -15.71 -29.23
C MET A 1046 -16.89 -16.46 -30.18
N TYR A 1047 -17.46 -17.38 -30.95
CA TYR A 1047 -16.62 -18.25 -31.77
C TYR A 1047 -15.74 -17.46 -32.73
N PHE A 1048 -16.28 -16.42 -33.34
CA PHE A 1048 -15.46 -15.68 -34.28
C PHE A 1048 -15.72 -14.19 -34.18
N VAL A 1049 -16.17 -13.74 -33.00
CA VAL A 1049 -16.57 -12.34 -32.83
C VAL A 1049 -15.40 -11.41 -33.16
N PHE A 1050 -14.30 -11.55 -32.44
CA PHE A 1050 -13.18 -10.63 -32.61
C PHE A 1050 -12.70 -10.61 -34.05
N ALA A 1051 -12.26 -11.77 -34.56
CA ALA A 1051 -11.66 -11.82 -35.89
C ALA A 1051 -12.49 -11.08 -36.94
N GLN A 1052 -13.79 -10.92 -36.72
CA GLN A 1052 -14.62 -10.13 -37.61
C GLN A 1052 -14.76 -8.68 -37.15
N MET A 1053 -14.47 -8.40 -35.88
CA MET A 1053 -14.48 -7.02 -35.41
C MET A 1053 -13.24 -6.25 -35.85
N LEU A 1054 -12.32 -6.89 -36.59
CA LEU A 1054 -11.12 -6.23 -37.08
C LEU A 1054 -11.05 -6.16 -38.59
N SER A 1055 -11.77 -7.02 -39.30
CA SER A 1055 -11.78 -7.01 -40.76
C SER A 1055 -12.72 -5.97 -41.33
N SER A 1056 -13.13 -5.00 -40.52
CA SER A 1056 -14.03 -3.93 -40.94
C SER A 1056 -13.27 -2.62 -40.81
N VAL A 1057 -12.57 -2.24 -41.87
CA VAL A 1057 -11.67 -1.08 -41.86
C VAL A 1057 -12.38 0.13 -41.29
N SER A 1058 -13.70 0.15 -41.39
CA SER A 1058 -14.47 1.24 -40.80
C SER A 1058 -14.69 1.07 -39.30
N THR A 1059 -14.14 0.01 -38.70
CA THR A 1059 -14.26 -0.16 -37.27
C THR A 1059 -13.09 0.49 -36.54
N TRP A 1060 -11.86 0.22 -36.99
CA TRP A 1060 -10.69 0.86 -36.41
C TRP A 1060 -10.90 2.35 -36.25
N LEU A 1061 -11.32 3.00 -37.33
CA LEU A 1061 -11.55 4.44 -37.30
C LEU A 1061 -12.56 4.81 -36.22
N ALA A 1062 -13.29 3.82 -35.72
CA ALA A 1062 -14.12 4.04 -34.54
C ALA A 1062 -13.32 3.82 -33.26
N ILE A 1063 -12.44 2.82 -33.26
CA ILE A 1063 -11.56 2.59 -32.12
C ILE A 1063 -10.52 3.69 -32.04
N ILE A 1064 -9.73 3.85 -33.11
CA ILE A 1064 -8.64 4.83 -33.16
C ILE A 1064 -9.16 6.21 -32.79
N LEU A 1065 -10.46 6.42 -32.92
CA LEU A 1065 -11.06 7.69 -32.52
C LEU A 1065 -11.64 7.63 -31.11
N LEU A 1066 -12.50 6.65 -30.84
CA LEU A 1066 -13.11 6.55 -29.53
C LEU A 1066 -12.07 6.53 -28.43
N ILE A 1067 -10.89 5.99 -28.71
CA ILE A 1067 -9.76 6.15 -27.79
C ILE A 1067 -9.46 7.61 -27.59
N PHE A 1068 -9.17 8.33 -28.69
CA PHE A 1068 -8.76 9.71 -28.59
C PHE A 1068 -9.78 10.56 -27.84
N ILE A 1069 -11.03 10.55 -28.30
CA ILE A 1069 -12.04 11.37 -27.64
C ILE A 1069 -12.16 11.03 -26.17
N SER A 1070 -11.68 9.86 -25.76
CA SER A 1070 -11.68 9.50 -24.36
C SER A 1070 -10.43 9.99 -23.64
N LEU A 1071 -9.32 10.12 -24.35
CA LEU A 1071 -8.09 10.65 -23.76
C LEU A 1071 -7.98 12.15 -23.90
N PHE A 1072 -8.74 12.74 -24.81
CA PHE A 1072 -8.63 14.17 -25.07
C PHE A 1072 -8.86 15.01 -23.82
N PRO A 1073 -9.67 14.55 -22.85
CA PRO A 1073 -9.73 15.24 -21.56
C PRO A 1073 -8.55 14.96 -20.65
N GLU A 1074 -7.56 14.24 -21.12
CA GLU A 1074 -6.31 14.02 -20.40
C GLU A 1074 -5.13 14.63 -21.12
N ILE A 1075 -5.05 14.49 -22.45
CA ILE A 1075 -4.07 15.20 -23.23
C ILE A 1075 -4.18 16.71 -23.08
N LEU A 1076 -5.27 17.18 -22.47
CA LEU A 1076 -5.43 18.62 -22.28
C LEU A 1076 -4.72 19.08 -21.01
N LEU A 1077 -4.97 18.42 -19.88
CA LEU A 1077 -4.35 18.84 -18.63
C LEU A 1077 -2.84 18.94 -18.77
N ILE A 1078 -2.23 18.03 -19.53
CA ILE A 1078 -0.80 18.16 -19.85
C ILE A 1078 -0.52 19.55 -20.40
N VAL A 1079 -1.20 19.91 -21.48
CA VAL A 1079 -0.98 21.22 -22.10
C VAL A 1079 -1.32 22.34 -21.13
N LEU A 1080 -2.51 22.27 -20.52
CA LEU A 1080 -2.92 23.32 -19.60
C LEU A 1080 -2.13 23.33 -18.31
N LYS A 1081 -1.20 22.42 -18.12
CA LYS A 1081 -0.28 22.46 -16.99
C LYS A 1081 1.16 22.69 -17.41
N ASN A 1082 1.57 22.21 -18.59
CA ASN A 1082 2.88 22.56 -19.13
C ASN A 1082 2.91 23.95 -19.73
N VAL A 1083 1.78 24.65 -19.76
CA VAL A 1083 1.72 26.06 -20.11
C VAL A 1083 1.49 26.81 -18.81
N ARG A 1084 2.58 27.27 -18.19
CA ARG A 1084 2.53 27.89 -16.87
C ARG A 1084 2.37 26.81 -15.80
N ARG B 27 30.30 -1.43 -0.34
CA ARG B 27 29.95 -2.76 0.15
C ARG B 27 28.53 -3.16 -0.25
N PRO B 28 27.56 -2.29 0.02
CA PRO B 28 26.19 -2.58 -0.43
C PRO B 28 26.13 -2.78 -1.93
N ASP B 29 25.23 -3.66 -2.36
CA ASP B 29 25.16 -4.06 -3.76
C ASP B 29 24.93 -2.85 -4.66
N ASN B 30 25.91 -2.55 -5.49
CA ASN B 30 25.80 -1.47 -6.47
C ASN B 30 25.29 -1.99 -7.81
N THR B 31 24.18 -2.71 -7.77
CA THR B 31 23.56 -3.20 -8.99
C THR B 31 22.76 -2.09 -9.64
N ALA B 32 22.58 -2.21 -10.95
CA ALA B 32 21.86 -1.18 -11.69
C ALA B 32 20.46 -0.97 -11.13
N PHE B 33 19.79 -2.03 -10.71
CA PHE B 33 18.39 -1.93 -10.31
C PHE B 33 18.26 -1.42 -8.88
N LYS B 34 18.79 -2.17 -7.91
CA LYS B 34 18.52 -1.87 -6.50
C LYS B 34 18.75 -0.40 -6.19
N GLN B 35 19.81 0.18 -6.73
CA GLN B 35 20.02 1.63 -6.55
C GLN B 35 18.86 2.45 -7.09
N GLN B 36 17.94 1.84 -7.83
CA GLN B 36 16.72 2.49 -8.27
C GLN B 36 16.99 3.55 -9.33
N ARG B 37 17.96 3.29 -10.20
CA ARG B 37 18.28 4.20 -11.30
C ARG B 37 18.46 3.41 -12.59
N LEU B 38 17.51 2.53 -12.87
CA LEU B 38 17.54 1.71 -14.07
C LEU B 38 17.66 2.59 -15.32
N PRO B 39 18.03 2.03 -16.47
CA PRO B 39 18.17 2.84 -17.68
C PRO B 39 16.82 3.36 -18.13
N ALA B 40 16.61 4.66 -17.97
CA ALA B 40 15.31 5.27 -18.19
C ALA B 40 15.20 5.87 -19.58
N TRP B 41 13.98 6.27 -19.92
CA TRP B 41 13.74 7.09 -21.10
C TRP B 41 13.52 8.55 -20.74
N GLN B 42 12.72 8.82 -19.70
CA GLN B 42 12.55 10.19 -19.23
C GLN B 42 12.03 11.09 -20.32
N PRO B 43 10.78 10.94 -20.75
CA PRO B 43 10.25 11.79 -21.81
C PRO B 43 9.79 13.14 -21.29
N ILE B 44 10.33 14.21 -21.85
CA ILE B 44 10.03 15.56 -21.38
C ILE B 44 8.76 16.02 -22.08
N LEU B 45 7.62 15.83 -21.43
CA LEU B 45 6.33 16.28 -21.95
C LEU B 45 6.09 17.70 -21.44
N THR B 46 6.25 18.67 -22.33
CA THR B 46 6.09 20.08 -22.00
C THR B 46 5.29 20.77 -23.09
N ALA B 47 4.74 21.94 -22.75
CA ALA B 47 3.97 22.72 -23.70
C ALA B 47 4.77 22.96 -24.98
N GLY B 48 5.94 23.56 -24.84
CA GLY B 48 6.78 23.86 -25.99
C GLY B 48 7.08 22.67 -26.87
N THR B 49 6.87 21.46 -26.35
CA THR B 49 7.07 20.24 -27.11
C THR B 49 5.78 19.43 -27.26
N VAL B 50 4.65 19.94 -26.78
CA VAL B 50 3.37 19.27 -26.95
C VAL B 50 2.41 20.05 -27.82
N LEU B 51 2.52 21.38 -27.88
CA LEU B 51 1.66 22.16 -28.77
C LEU B 51 1.54 21.55 -30.16
N PRO B 52 2.62 21.10 -30.79
CA PRO B 52 2.47 20.42 -32.08
C PRO B 52 1.56 19.20 -32.01
N ILE B 53 1.36 18.66 -30.81
CA ILE B 53 0.50 17.49 -30.67
C ILE B 53 -0.90 17.78 -31.17
N PHE B 54 -1.34 19.03 -31.01
CA PHE B 54 -2.64 19.42 -31.57
C PHE B 54 -2.56 19.59 -33.08
N PHE B 55 -1.62 20.42 -33.54
CA PHE B 55 -1.52 20.74 -34.96
C PHE B 55 -1.01 19.57 -35.80
N ILE B 56 -0.62 18.45 -35.19
CA ILE B 56 -0.19 17.31 -35.99
C ILE B 56 -1.38 16.42 -36.33
N ILE B 57 -2.41 16.41 -35.49
CA ILE B 57 -3.58 15.59 -35.78
C ILE B 57 -4.52 16.31 -36.74
N GLY B 58 -4.81 17.57 -36.47
CA GLY B 58 -5.66 18.37 -37.33
C GLY B 58 -5.32 18.21 -38.80
N LEU B 59 -4.04 18.01 -39.10
CA LEU B 59 -3.64 17.74 -40.47
C LEU B 59 -3.95 16.32 -40.89
N ILE B 60 -4.24 15.42 -39.95
CA ILE B 60 -4.36 14.01 -40.27
C ILE B 60 -5.77 13.47 -40.06
N PHE B 61 -6.60 14.09 -39.22
CA PHE B 61 -7.98 13.64 -39.10
C PHE B 61 -8.84 14.23 -40.22
N ILE B 62 -8.91 15.55 -40.29
CA ILE B 62 -9.72 16.26 -41.27
C ILE B 62 -9.56 15.66 -42.65
N PRO B 63 -8.36 15.31 -43.08
CA PRO B 63 -8.20 14.61 -44.36
C PRO B 63 -8.81 13.22 -44.33
N ILE B 64 -9.43 12.85 -43.20
CA ILE B 64 -10.21 11.64 -43.08
C ILE B 64 -11.67 11.95 -42.79
N GLY B 65 -11.92 12.77 -41.77
CA GLY B 65 -13.26 13.21 -41.45
C GLY B 65 -14.01 13.68 -42.69
N ILE B 66 -13.31 14.35 -43.58
CA ILE B 66 -13.85 14.69 -44.89
C ILE B 66 -13.63 13.56 -45.89
N GLY B 67 -12.49 12.87 -45.78
CA GLY B 67 -12.27 11.71 -46.64
C GLY B 67 -13.38 10.69 -46.54
N ILE B 68 -13.92 10.48 -45.33
CA ILE B 68 -15.03 9.56 -45.17
C ILE B 68 -16.35 10.21 -45.58
N PHE B 69 -16.63 11.38 -45.00
CA PHE B 69 -17.91 12.05 -45.21
C PHE B 69 -18.31 12.07 -46.68
N VAL B 70 -17.33 12.09 -47.58
CA VAL B 70 -17.64 12.02 -49.01
C VAL B 70 -18.21 10.65 -49.35
N THR B 71 -17.50 9.59 -48.96
CA THR B 71 -17.98 8.24 -49.26
C THR B 71 -19.23 7.87 -48.49
N SER B 72 -19.77 8.77 -47.68
CA SER B 72 -21.03 8.53 -46.99
C SER B 72 -22.21 9.08 -47.78
N ASN B 73 -22.16 10.39 -48.10
CA ASN B 73 -23.24 10.99 -48.87
C ASN B 73 -23.28 10.50 -50.31
N ASN B 74 -22.28 9.75 -50.75
CA ASN B 74 -22.29 9.12 -52.07
C ASN B 74 -22.78 7.68 -52.02
N ILE B 75 -23.67 7.37 -51.08
CA ILE B 75 -24.28 6.04 -50.97
C ILE B 75 -25.79 6.24 -50.82
N ARG B 76 -26.54 5.80 -51.82
CA ARG B 76 -27.98 5.96 -51.85
C ARG B 76 -28.65 4.76 -51.18
N GLU B 77 -29.69 5.04 -50.40
CA GLU B 77 -30.46 4.01 -49.72
C GLU B 77 -31.93 4.41 -49.74
N ILE B 78 -32.77 3.49 -49.30
CA ILE B 78 -34.20 3.75 -49.17
C ILE B 78 -34.79 2.75 -48.20
N GLU B 79 -35.60 3.23 -47.26
CA GLU B 79 -36.29 2.38 -46.29
C GLU B 79 -37.79 2.59 -46.46
N ILE B 80 -38.46 1.58 -47.00
CA ILE B 80 -39.88 1.67 -47.31
C ILE B 80 -40.64 1.10 -46.11
N ASP B 81 -40.96 1.95 -45.16
CA ASP B 81 -41.71 1.49 -44.00
C ASP B 81 -43.02 0.88 -44.46
N TYR B 82 -43.16 -0.44 -44.31
CA TYR B 82 -44.36 -1.16 -44.72
C TYR B 82 -45.01 -1.87 -43.55
N THR B 83 -44.84 -1.34 -42.34
CA THR B 83 -45.44 -1.96 -41.18
C THR B 83 -46.96 -1.99 -41.28
N GLY B 84 -47.55 -0.89 -41.76
CA GLY B 84 -48.99 -0.74 -41.76
C GLY B 84 -49.40 0.37 -40.83
N THR B 85 -50.49 0.17 -40.09
CA THR B 85 -50.91 1.15 -39.08
C THR B 85 -51.27 2.47 -39.73
N GLU B 86 -51.25 2.53 -41.05
CA GLU B 86 -51.59 3.74 -41.79
C GLU B 86 -52.92 3.53 -42.49
N PRO B 87 -54.00 4.20 -42.06
CA PRO B 87 -55.29 4.02 -42.72
C PRO B 87 -55.20 4.07 -44.24
N SER B 88 -54.24 4.79 -44.79
CA SER B 88 -54.00 4.84 -46.23
C SER B 88 -52.88 3.90 -46.66
N SER B 89 -52.38 3.05 -45.77
CA SER B 89 -51.31 2.14 -46.13
C SER B 89 -51.81 1.14 -47.18
N PRO B 90 -51.04 0.88 -48.24
CA PRO B 90 -51.57 0.04 -49.33
C PRO B 90 -52.05 -1.32 -48.89
N CYS B 91 -51.48 -1.90 -47.83
CA CYS B 91 -51.91 -3.21 -47.38
C CYS B 91 -52.26 -3.26 -45.89
N ASN B 92 -52.75 -2.17 -45.32
CA ASN B 92 -53.43 -2.26 -44.04
C ASN B 92 -54.45 -3.38 -44.04
N LYS B 93 -54.98 -3.70 -45.22
CA LYS B 93 -56.04 -4.71 -45.34
C LYS B 93 -55.75 -5.96 -44.52
N CYS B 94 -54.48 -6.35 -44.40
CA CYS B 94 -54.13 -7.56 -43.67
C CYS B 94 -53.29 -7.27 -42.43
N LEU B 95 -53.29 -6.02 -41.96
CA LEU B 95 -52.70 -5.75 -40.66
C LEU B 95 -53.43 -6.52 -39.56
N SER B 96 -54.73 -6.72 -39.73
CA SER B 96 -55.50 -7.53 -38.81
C SER B 96 -55.47 -9.00 -39.22
N PRO B 97 -55.91 -9.90 -38.35
CA PRO B 97 -55.86 -11.33 -38.69
C PRO B 97 -56.73 -11.67 -39.89
N ASP B 98 -56.09 -12.05 -40.99
CA ASP B 98 -56.80 -12.46 -42.19
C ASP B 98 -56.25 -13.77 -42.71
N VAL B 99 -56.66 -14.18 -43.91
CA VAL B 99 -56.09 -15.37 -44.52
C VAL B 99 -54.57 -15.28 -44.45
N THR B 100 -53.94 -16.38 -44.02
CA THR B 100 -52.50 -16.41 -43.79
C THR B 100 -51.74 -15.78 -44.95
N PRO B 101 -51.90 -16.29 -46.17
CA PRO B 101 -51.10 -15.76 -47.29
C PRO B 101 -51.52 -14.37 -47.71
N CYS B 102 -51.37 -13.37 -46.84
CA CYS B 102 -51.63 -12.00 -47.24
C CYS B 102 -50.68 -11.61 -48.38
N PHE B 103 -50.98 -10.49 -49.01
CA PHE B 103 -50.20 -10.01 -50.14
C PHE B 103 -50.26 -8.49 -50.17
N CYS B 104 -49.14 -7.85 -49.85
CA CYS B 104 -49.01 -6.41 -49.96
C CYS B 104 -48.46 -6.05 -51.34
N THR B 105 -48.52 -4.76 -51.66
CA THR B 105 -47.89 -4.22 -52.86
C THR B 105 -47.62 -2.74 -52.60
N ILE B 106 -46.35 -2.35 -52.66
CA ILE B 106 -45.95 -0.98 -52.33
C ILE B 106 -45.23 -0.39 -53.52
N ASN B 107 -45.71 0.76 -53.98
CA ASN B 107 -45.05 1.51 -55.04
C ASN B 107 -43.97 2.39 -54.42
N PHE B 108 -42.87 2.57 -55.15
CA PHE B 108 -41.82 3.48 -54.72
C PHE B 108 -40.92 3.77 -55.91
N THR B 109 -40.27 4.93 -55.86
CA THR B 109 -39.55 5.47 -57.00
C THR B 109 -38.10 5.71 -56.64
N LEU B 110 -37.19 5.27 -57.50
CA LEU B 110 -35.77 5.50 -57.34
C LEU B 110 -35.37 6.69 -58.20
N GLU B 111 -34.78 7.71 -57.57
CA GLU B 111 -34.36 8.89 -58.31
C GLU B 111 -33.00 8.67 -58.97
N LYS B 112 -31.98 8.41 -58.16
CA LYS B 112 -30.63 8.18 -58.65
C LYS B 112 -30.35 6.69 -58.67
N SER B 113 -30.17 6.14 -59.87
CA SER B 113 -29.98 4.70 -60.01
C SER B 113 -28.75 4.23 -59.24
N PHE B 114 -28.83 3.00 -58.73
CA PHE B 114 -27.73 2.38 -58.02
C PHE B 114 -26.75 1.77 -59.01
N GLU B 115 -25.45 1.97 -58.75
CA GLU B 115 -24.42 1.50 -59.65
C GLU B 115 -23.88 0.13 -59.25
N GLY B 116 -23.30 0.03 -58.06
CA GLY B 116 -22.67 -1.20 -57.64
C GLY B 116 -23.65 -2.32 -57.40
N ASN B 117 -23.21 -3.36 -56.69
CA ASN B 117 -24.10 -4.43 -56.27
C ASN B 117 -24.77 -4.04 -54.96
N VAL B 118 -26.10 -4.08 -54.96
CA VAL B 118 -26.89 -3.56 -53.85
C VAL B 118 -27.30 -4.70 -52.93
N PHE B 119 -27.48 -4.36 -51.66
CA PHE B 119 -27.93 -5.30 -50.65
C PHE B 119 -29.30 -4.88 -50.16
N MET B 120 -30.16 -5.85 -49.85
CA MET B 120 -31.53 -5.60 -49.42
C MET B 120 -31.68 -6.11 -48.00
N TYR B 121 -31.77 -5.19 -47.05
CA TYR B 121 -31.96 -5.54 -45.65
C TYR B 121 -33.45 -5.62 -45.33
N TYR B 122 -33.76 -5.96 -44.08
CA TYR B 122 -35.15 -5.91 -43.60
C TYR B 122 -35.10 -5.53 -42.12
N GLY B 123 -35.25 -4.24 -41.85
CA GLY B 123 -35.10 -3.75 -40.50
C GLY B 123 -36.21 -4.19 -39.57
N LEU B 124 -36.29 -3.55 -38.42
CA LEU B 124 -37.33 -3.80 -37.42
C LEU B 124 -37.24 -2.66 -36.40
N SER B 125 -38.02 -2.77 -35.34
CA SER B 125 -37.92 -1.81 -34.25
C SER B 125 -38.70 -2.35 -33.06
N ASN B 126 -38.36 -1.81 -31.89
CA ASN B 126 -38.95 -2.26 -30.63
C ASN B 126 -39.09 -3.78 -30.60
N PHE B 127 -38.10 -4.47 -31.14
CA PHE B 127 -38.04 -5.93 -31.12
C PHE B 127 -36.79 -6.30 -30.34
N TYR B 128 -36.95 -6.45 -29.03
CA TYR B 128 -35.80 -6.53 -28.12
C TYR B 128 -35.10 -7.86 -28.25
N GLN B 129 -34.49 -8.13 -29.40
CA GLN B 129 -33.78 -9.38 -29.55
C GLN B 129 -32.57 -9.50 -28.64
N ASN B 130 -32.20 -8.44 -27.93
CA ASN B 130 -31.20 -8.54 -26.86
C ASN B 130 -31.88 -8.51 -25.51
N HIS B 131 -32.37 -9.68 -25.10
CA HIS B 131 -33.15 -9.82 -23.86
C HIS B 131 -32.62 -11.08 -23.16
N ARG B 132 -31.96 -10.89 -22.02
CA ARG B 132 -31.30 -12.01 -21.36
C ARG B 132 -32.17 -13.25 -21.33
N ARG B 133 -33.47 -13.06 -21.13
CA ARG B 133 -34.40 -14.18 -21.21
C ARG B 133 -34.63 -14.63 -22.65
N TYR B 134 -34.08 -13.93 -23.62
CA TYR B 134 -34.25 -14.27 -25.03
C TYR B 134 -32.94 -14.47 -25.75
N VAL B 135 -31.81 -14.21 -25.13
CA VAL B 135 -30.53 -14.54 -25.74
C VAL B 135 -30.04 -15.91 -25.29
N LYS B 136 -30.43 -16.35 -24.09
CA LYS B 136 -30.08 -17.70 -23.64
C LYS B 136 -30.87 -18.76 -24.37
N SER B 137 -31.84 -18.38 -25.21
CA SER B 137 -32.84 -19.32 -25.67
C SER B 137 -32.37 -20.09 -26.89
N ARG B 138 -31.06 -20.21 -27.07
CA ARG B 138 -30.50 -21.07 -28.09
C ARG B 138 -29.63 -22.14 -27.44
N ASP B 139 -29.61 -23.32 -28.04
CA ASP B 139 -28.77 -24.43 -27.57
C ASP B 139 -27.63 -24.57 -28.56
N ASP B 140 -26.58 -23.78 -28.36
CA ASP B 140 -25.53 -23.64 -29.37
C ASP B 140 -24.85 -24.97 -29.68
N SER B 141 -24.86 -25.90 -28.73
CA SER B 141 -24.21 -27.18 -28.96
C SER B 141 -25.08 -28.15 -29.75
N GLN B 142 -26.35 -27.81 -29.99
CA GLN B 142 -27.19 -28.64 -30.83
C GLN B 142 -27.02 -28.25 -32.30
N LEU B 143 -27.20 -26.96 -32.61
CA LEU B 143 -27.04 -26.49 -33.97
C LEU B 143 -25.69 -26.93 -34.56
N ASN B 144 -24.64 -26.96 -33.73
CA ASN B 144 -23.34 -27.44 -34.19
C ASN B 144 -23.41 -28.86 -34.73
N GLY B 145 -24.46 -29.61 -34.40
CA GLY B 145 -24.63 -30.94 -34.93
C GLY B 145 -24.28 -32.07 -33.99
N ASP B 146 -24.18 -31.81 -32.69
CA ASP B 146 -23.84 -32.86 -31.74
C ASP B 146 -25.01 -33.84 -31.69
N SER B 147 -24.82 -35.02 -32.28
CA SER B 147 -25.87 -36.01 -32.39
C SER B 147 -26.59 -36.23 -31.06
N SER B 148 -25.85 -36.68 -30.05
CA SER B 148 -26.48 -36.98 -28.76
C SER B 148 -27.25 -35.79 -28.24
N ALA B 149 -26.66 -34.59 -28.31
CA ALA B 149 -27.33 -33.40 -27.79
C ALA B 149 -28.62 -33.11 -28.54
N LEU B 150 -28.76 -33.61 -29.77
CA LEU B 150 -29.93 -33.31 -30.58
C LEU B 150 -31.21 -33.81 -29.92
N LEU B 151 -31.32 -35.13 -29.75
CA LEU B 151 -32.55 -35.73 -29.26
C LEU B 151 -33.00 -35.17 -27.92
N ASN B 152 -32.10 -34.60 -27.13
CA ASN B 152 -32.44 -34.07 -25.81
C ASN B 152 -31.74 -32.73 -25.63
N PRO B 153 -32.31 -31.67 -26.16
CA PRO B 153 -31.69 -30.35 -26.02
C PRO B 153 -31.57 -29.93 -24.56
N SER B 154 -30.90 -28.81 -24.32
CA SER B 154 -30.58 -28.39 -22.97
C SER B 154 -31.84 -27.93 -22.24
N LYS B 155 -31.65 -27.50 -21.00
CA LYS B 155 -32.70 -26.91 -20.19
C LYS B 155 -32.71 -25.39 -20.28
N GLU B 156 -32.16 -24.83 -21.36
CA GLU B 156 -32.17 -23.39 -21.58
C GLU B 156 -33.30 -22.95 -22.51
N CYS B 157 -33.43 -23.61 -23.66
CA CYS B 157 -34.57 -23.30 -24.52
C CYS B 157 -35.82 -23.92 -23.92
N GLU B 158 -36.19 -23.49 -22.72
CA GLU B 158 -37.27 -24.09 -21.95
C GLU B 158 -38.64 -23.84 -22.56
N PRO B 159 -39.07 -22.58 -22.64
CA PRO B 159 -40.46 -22.31 -23.06
C PRO B 159 -40.83 -22.94 -24.37
N TYR B 160 -39.86 -23.26 -25.23
CA TYR B 160 -40.10 -23.92 -26.50
C TYR B 160 -39.22 -25.16 -26.63
N ARG B 161 -39.03 -25.88 -25.54
CA ARG B 161 -38.14 -27.04 -25.55
C ARG B 161 -38.81 -28.27 -26.12
N ARG B 162 -39.89 -28.75 -25.51
CA ARG B 162 -40.57 -29.94 -25.95
C ARG B 162 -42.04 -29.64 -26.13
N ASN B 163 -42.55 -29.89 -27.34
CA ASN B 163 -43.97 -29.83 -27.62
C ASN B 163 -44.48 -31.23 -27.90
N GLU B 164 -45.63 -31.57 -27.31
CA GLU B 164 -46.16 -32.92 -27.39
C GLU B 164 -45.15 -33.92 -26.84
N ASP B 165 -44.38 -33.49 -25.85
CA ASP B 165 -43.32 -34.30 -25.24
C ASP B 165 -42.42 -34.90 -26.32
N LYS B 166 -41.76 -34.01 -27.05
CA LYS B 166 -40.83 -34.40 -28.10
C LYS B 166 -39.73 -33.36 -28.19
N PRO B 167 -38.57 -33.72 -28.71
CA PRO B 167 -37.48 -32.76 -28.86
C PRO B 167 -37.62 -31.93 -30.12
N ILE B 168 -37.30 -30.65 -30.01
CA ILE B 168 -37.39 -29.71 -31.11
C ILE B 168 -36.01 -29.52 -31.71
N ALA B 169 -35.94 -29.51 -33.03
CA ALA B 169 -34.62 -29.45 -33.67
C ALA B 169 -33.96 -28.10 -33.38
N PRO B 170 -34.50 -26.99 -33.89
CA PRO B 170 -33.93 -25.68 -33.52
C PRO B 170 -34.63 -25.09 -32.31
N CYS B 171 -34.44 -25.71 -31.15
CA CYS B 171 -35.19 -25.31 -29.96
C CYS B 171 -34.91 -23.85 -29.62
N GLY B 172 -35.70 -23.33 -28.72
CA GLY B 172 -35.42 -22.01 -28.19
C GLY B 172 -36.13 -20.90 -28.94
N ALA B 173 -36.52 -19.87 -28.18
CA ALA B 173 -37.31 -18.78 -28.74
C ALA B 173 -36.62 -18.14 -29.94
N ILE B 174 -35.31 -17.95 -29.86
CA ILE B 174 -34.58 -17.25 -30.92
C ILE B 174 -34.86 -17.89 -32.26
N MET B 175 -34.49 -19.17 -32.40
CA MET B 175 -34.73 -19.86 -33.66
C MET B 175 -36.21 -20.09 -33.91
N ASN B 176 -37.03 -20.08 -32.86
CA ASN B 176 -38.46 -20.29 -33.03
C ASN B 176 -39.08 -19.18 -33.86
N SER B 177 -39.07 -17.96 -33.34
CA SER B 177 -39.69 -16.82 -34.00
C SER B 177 -38.81 -16.32 -35.15
N MET B 178 -38.58 -17.19 -36.11
CA MET B 178 -37.74 -16.85 -37.25
C MET B 178 -38.57 -16.04 -38.25
N PHE B 179 -38.13 -14.82 -38.53
CA PHE B 179 -38.79 -13.94 -39.48
C PHE B 179 -39.12 -14.69 -40.76
N ASN B 180 -40.41 -14.77 -41.09
CA ASN B 180 -40.90 -15.73 -42.07
C ASN B 180 -41.87 -15.07 -43.04
N ASP B 181 -41.50 -13.93 -43.59
CA ASP B 181 -42.26 -13.36 -44.70
C ASP B 181 -41.32 -13.17 -45.88
N THR B 182 -41.86 -13.35 -47.08
CA THR B 182 -41.08 -13.33 -48.31
C THR B 182 -41.27 -12.00 -49.02
N LEU B 183 -40.17 -11.32 -49.30
CA LEU B 183 -40.21 -10.07 -50.03
C LEU B 183 -39.99 -10.31 -51.52
N GLU B 184 -40.15 -9.25 -52.29
CA GLU B 184 -40.01 -9.34 -53.73
C GLU B 184 -40.01 -7.94 -54.32
N LEU B 185 -39.19 -7.73 -55.35
CA LEU B 185 -39.10 -6.45 -56.01
C LEU B 185 -39.28 -6.63 -57.50
N PHE B 186 -40.13 -5.80 -58.10
CA PHE B 186 -40.43 -5.86 -59.52
C PHE B 186 -40.12 -4.53 -60.17
N LEU B 187 -39.55 -4.59 -61.36
CA LEU B 187 -39.23 -3.40 -62.15
C LEU B 187 -40.33 -3.17 -63.17
N ILE B 188 -40.91 -1.98 -63.16
CA ILE B 188 -41.99 -1.62 -64.07
C ILE B 188 -41.38 -0.89 -65.26
N GLY B 189 -41.34 -1.58 -66.40
CA GLY B 189 -40.83 -0.99 -67.62
C GLY B 189 -41.81 0.03 -68.19
N GLN B 190 -41.54 0.42 -69.43
CA GLN B 190 -42.42 1.36 -70.12
C GLN B 190 -43.84 0.82 -70.17
N ASP B 191 -44.00 -0.45 -70.58
CA ASP B 191 -45.30 -1.09 -70.52
C ASP B 191 -45.69 -1.33 -69.06
N SER B 192 -46.89 -1.88 -68.87
CA SER B 192 -47.38 -2.16 -67.52
C SER B 192 -46.79 -3.44 -66.93
N TYR B 193 -46.22 -4.30 -67.76
CA TYR B 193 -45.67 -5.55 -67.26
C TYR B 193 -44.43 -5.28 -66.42
N PRO B 194 -44.39 -5.70 -65.16
CA PRO B 194 -43.22 -5.43 -64.33
C PRO B 194 -42.12 -6.46 -64.51
N ILE B 195 -40.90 -6.02 -64.76
CA ILE B 195 -39.75 -6.92 -64.90
C ILE B 195 -39.36 -7.39 -63.50
N PRO B 196 -39.29 -8.71 -63.28
CA PRO B 196 -38.88 -9.21 -61.96
C PRO B 196 -37.38 -9.04 -61.76
N ILE B 197 -37.01 -8.42 -60.66
CA ILE B 197 -35.60 -8.27 -60.31
C ILE B 197 -35.10 -9.56 -59.68
N ALA B 198 -33.90 -9.99 -60.08
CA ALA B 198 -33.36 -11.26 -59.63
C ALA B 198 -32.64 -11.08 -58.30
N LEU B 199 -33.02 -11.88 -57.31
CA LEU B 199 -32.43 -11.84 -55.99
C LEU B 199 -31.56 -13.07 -55.76
N LYS B 200 -30.54 -12.90 -54.92
CA LYS B 200 -29.67 -13.99 -54.51
C LYS B 200 -29.75 -14.14 -53.00
N LYS B 201 -29.60 -15.38 -52.52
CA LYS B 201 -29.73 -15.69 -51.10
C LYS B 201 -28.51 -16.34 -50.50
N LYS B 202 -27.67 -17.00 -51.29
CA LYS B 202 -26.51 -17.68 -50.73
C LYS B 202 -25.42 -16.68 -50.37
N GLY B 203 -24.66 -17.00 -49.33
CA GLY B 203 -23.55 -16.15 -48.94
C GLY B 203 -23.93 -14.87 -48.24
N ILE B 204 -24.92 -14.92 -47.34
CA ILE B 204 -25.34 -13.76 -46.59
C ILE B 204 -25.01 -13.86 -45.12
N ALA B 205 -24.31 -14.91 -44.71
CA ALA B 205 -23.91 -15.11 -43.32
C ALA B 205 -22.40 -15.31 -43.25
N TRP B 206 -21.81 -14.90 -42.13
CA TRP B 206 -20.37 -15.03 -41.96
C TRP B 206 -19.92 -16.42 -42.37
N TRP B 207 -19.07 -16.50 -43.39
CA TRP B 207 -18.58 -17.81 -43.79
C TRP B 207 -17.99 -18.56 -42.60
N THR B 208 -17.45 -17.83 -41.63
CA THR B 208 -16.90 -18.47 -40.44
C THR B 208 -17.96 -19.29 -39.72
N ASP B 209 -19.11 -18.68 -39.41
CA ASP B 209 -20.17 -19.39 -38.70
C ASP B 209 -21.25 -19.92 -39.64
N LYS B 210 -20.90 -20.17 -40.90
CA LYS B 210 -21.82 -20.82 -41.82
C LYS B 210 -21.33 -22.20 -42.25
N ASN B 211 -20.06 -22.52 -42.01
CA ASN B 211 -19.53 -23.83 -42.31
C ASN B 211 -18.88 -24.50 -41.10
N VAL B 212 -18.76 -23.80 -39.98
CA VAL B 212 -18.07 -24.31 -38.80
C VAL B 212 -18.99 -24.31 -37.58
N LYS B 213 -19.71 -23.22 -37.35
CA LYS B 213 -20.52 -23.10 -36.16
C LYS B 213 -21.94 -23.63 -36.33
N PHE B 214 -22.38 -23.89 -37.56
CA PHE B 214 -23.69 -24.49 -37.81
C PHE B 214 -23.49 -25.68 -38.74
N ARG B 215 -23.68 -26.88 -38.21
CA ARG B 215 -23.53 -28.10 -38.99
C ARG B 215 -24.74 -28.99 -38.80
N ASN B 216 -25.12 -29.68 -39.86
CA ASN B 216 -26.23 -30.60 -39.83
C ASN B 216 -25.95 -31.73 -38.85
N PRO B 217 -26.91 -32.63 -38.63
CA PRO B 217 -26.68 -33.78 -37.77
C PRO B 217 -25.46 -34.56 -38.22
N PRO B 218 -24.99 -35.50 -37.42
CA PRO B 218 -23.68 -36.12 -37.69
C PRO B 218 -23.57 -36.76 -39.05
N GLY B 219 -24.46 -37.70 -39.35
CA GLY B 219 -24.36 -38.47 -40.57
C GLY B 219 -25.72 -38.74 -41.16
N GLY B 220 -25.76 -38.75 -42.49
CA GLY B 220 -26.99 -39.04 -43.21
C GLY B 220 -26.82 -38.75 -44.67
N ASP B 221 -27.88 -39.06 -45.42
CA ASP B 221 -27.90 -38.83 -46.86
C ASP B 221 -29.00 -37.87 -47.28
N ASN B 222 -30.23 -38.07 -46.82
CA ASN B 222 -31.31 -37.12 -47.00
C ASN B 222 -31.55 -36.39 -45.69
N LEU B 223 -31.60 -35.06 -45.75
CA LEU B 223 -31.64 -34.25 -44.54
C LEU B 223 -32.83 -34.55 -43.66
N GLU B 224 -33.78 -35.39 -44.09
CA GLU B 224 -34.90 -35.72 -43.24
C GLU B 224 -34.52 -36.81 -42.23
N GLU B 225 -34.02 -37.94 -42.71
CA GLU B 225 -33.75 -39.08 -41.83
C GLU B 225 -32.97 -38.64 -40.59
N ARG B 226 -31.95 -37.80 -40.78
CA ARG B 226 -31.13 -37.37 -39.66
C ARG B 226 -31.98 -36.85 -38.51
N PHE B 227 -33.10 -36.20 -38.82
CA PHE B 227 -34.04 -35.73 -37.81
C PHE B 227 -35.08 -36.83 -37.62
N LYS B 228 -34.82 -37.73 -36.66
CA LYS B 228 -35.71 -38.85 -36.42
C LYS B 228 -36.72 -38.55 -35.32
N GLY B 229 -36.24 -38.23 -34.13
CA GLY B 229 -37.09 -37.97 -32.99
C GLY B 229 -37.46 -36.51 -32.78
N THR B 230 -36.85 -35.59 -33.53
CA THR B 230 -37.14 -34.18 -33.40
C THR B 230 -38.35 -33.81 -34.26
N THR B 231 -38.78 -32.55 -34.12
CA THR B 231 -39.91 -32.03 -34.88
C THR B 231 -39.61 -30.58 -35.24
N LYS B 232 -40.58 -29.92 -35.84
CA LYS B 232 -40.45 -28.50 -36.13
C LYS B 232 -40.74 -27.68 -34.89
N PRO B 233 -40.34 -26.41 -34.89
CA PRO B 233 -40.69 -25.55 -33.76
C PRO B 233 -42.19 -25.33 -33.70
N VAL B 234 -42.67 -24.60 -32.70
CA VAL B 234 -44.12 -24.38 -32.57
C VAL B 234 -44.62 -23.48 -33.69
N ASN B 235 -44.09 -22.27 -33.78
CA ASN B 235 -44.62 -21.29 -34.71
C ASN B 235 -44.38 -21.67 -36.16
N TRP B 236 -43.25 -22.31 -36.46
CA TRP B 236 -42.90 -22.58 -37.85
C TRP B 236 -44.02 -23.33 -38.56
N LEU B 237 -44.00 -23.24 -39.89
CA LEU B 237 -44.98 -23.90 -40.74
C LEU B 237 -44.43 -25.12 -41.46
N LYS B 238 -43.13 -25.24 -41.60
CA LYS B 238 -42.49 -26.36 -42.29
C LYS B 238 -41.31 -26.85 -41.51
N PRO B 239 -40.96 -28.13 -41.64
CA PRO B 239 -39.83 -28.67 -40.90
C PRO B 239 -38.51 -28.09 -41.39
N VAL B 240 -37.53 -28.06 -40.49
CA VAL B 240 -36.24 -27.47 -40.83
C VAL B 240 -35.63 -28.16 -42.04
N TYR B 241 -35.92 -29.44 -42.22
CA TYR B 241 -35.37 -30.13 -43.38
C TYR B 241 -36.10 -29.79 -44.65
N MET B 242 -36.93 -28.77 -44.63
CA MET B 242 -37.61 -28.32 -45.84
C MET B 242 -37.52 -26.81 -46.04
N LEU B 243 -36.57 -26.15 -45.37
CA LEU B 243 -36.43 -24.71 -45.55
C LEU B 243 -35.97 -24.36 -46.95
N ASP B 244 -35.28 -25.27 -47.62
CA ASP B 244 -34.85 -25.05 -48.99
C ASP B 244 -34.55 -26.39 -49.63
N SER B 245 -34.74 -26.45 -50.95
CA SER B 245 -34.46 -27.68 -51.68
C SER B 245 -32.97 -27.92 -51.82
N ASP B 246 -32.21 -26.85 -52.11
CA ASP B 246 -30.77 -26.97 -52.32
C ASP B 246 -30.13 -27.61 -51.11
N PRO B 247 -29.60 -28.83 -51.24
CA PRO B 247 -29.02 -29.49 -50.06
C PRO B 247 -27.95 -28.66 -49.38
N ASP B 248 -27.30 -27.77 -50.11
CA ASP B 248 -26.26 -26.94 -49.53
C ASP B 248 -26.79 -25.88 -48.57
N ASN B 249 -28.12 -25.77 -48.43
CA ASN B 249 -28.67 -24.67 -47.65
C ASN B 249 -29.86 -25.09 -46.79
N ASN B 250 -30.16 -26.38 -46.70
CA ASN B 250 -31.42 -26.81 -46.10
C ASN B 250 -31.34 -26.88 -44.57
N GLY B 251 -30.50 -27.76 -44.04
CA GLY B 251 -30.59 -28.09 -42.63
C GLY B 251 -29.64 -27.35 -41.73
N PHE B 252 -30.16 -26.41 -40.94
CA PHE B 252 -29.34 -25.69 -39.97
C PHE B 252 -28.29 -24.84 -40.67
N ILE B 253 -28.25 -24.92 -42.00
CA ILE B 253 -27.35 -24.10 -42.79
C ILE B 253 -28.08 -22.98 -43.51
N ASN B 254 -29.41 -23.01 -43.53
CA ASN B 254 -30.18 -21.99 -44.22
C ASN B 254 -29.70 -20.61 -43.81
N GLU B 255 -29.17 -19.86 -44.78
CA GLU B 255 -28.70 -18.50 -44.49
C GLU B 255 -29.78 -17.71 -43.76
N ASP B 256 -30.97 -17.62 -44.35
CA ASP B 256 -32.10 -16.97 -43.70
C ASP B 256 -32.16 -17.35 -42.22
N PHE B 257 -32.01 -18.64 -41.93
CA PHE B 257 -32.02 -19.10 -40.55
C PHE B 257 -30.81 -18.56 -39.80
N ILE B 258 -29.61 -18.73 -40.38
CA ILE B 258 -28.40 -18.31 -39.69
C ILE B 258 -28.50 -16.83 -39.30
N VAL B 259 -28.63 -15.96 -40.31
CA VAL B 259 -28.67 -14.53 -40.06
C VAL B 259 -29.76 -14.15 -39.07
N TRP B 260 -30.76 -15.00 -38.89
CA TRP B 260 -31.77 -14.73 -37.87
C TRP B 260 -31.32 -15.12 -36.47
N MET B 261 -30.25 -15.90 -36.34
CA MET B 261 -29.83 -16.35 -35.02
C MET B 261 -28.87 -15.39 -34.35
N ARG B 262 -27.88 -14.90 -35.08
CA ARG B 262 -27.00 -13.88 -34.50
C ARG B 262 -27.88 -12.74 -34.00
N THR B 263 -27.89 -12.52 -32.70
CA THR B 263 -28.86 -11.62 -32.09
C THR B 263 -28.74 -10.22 -32.68
N ALA B 264 -29.72 -9.38 -32.37
CA ALA B 264 -29.87 -8.10 -33.04
C ALA B 264 -28.83 -7.09 -32.59
N ALA B 265 -28.50 -7.10 -31.31
CA ALA B 265 -27.56 -6.18 -30.68
C ALA B 265 -28.19 -4.83 -30.39
N LEU B 266 -29.45 -4.63 -30.70
CA LEU B 266 -30.14 -3.40 -30.38
C LEU B 266 -31.61 -3.53 -30.76
N PRO B 267 -32.50 -2.74 -30.16
CA PRO B 267 -33.90 -2.79 -30.59
C PRO B 267 -34.05 -2.46 -32.06
N THR B 268 -33.60 -1.27 -32.45
CA THR B 268 -33.73 -0.81 -33.84
C THR B 268 -32.58 -1.40 -34.66
N PHE B 269 -32.80 -2.59 -35.19
CA PHE B 269 -31.77 -3.29 -35.92
C PHE B 269 -32.24 -3.59 -37.34
N ARG B 270 -31.38 -4.26 -38.10
CA ARG B 270 -31.72 -4.63 -39.46
C ARG B 270 -30.75 -5.69 -39.97
N LYS B 271 -31.27 -6.81 -40.44
CA LYS B 271 -30.46 -7.97 -40.79
C LYS B 271 -30.49 -8.19 -42.29
N LEU B 272 -29.31 -8.48 -42.87
CA LEU B 272 -29.23 -8.78 -44.28
C LEU B 272 -30.29 -9.81 -44.66
N TYR B 273 -30.95 -9.58 -45.79
CA TYR B 273 -31.98 -10.49 -46.27
C TYR B 273 -31.59 -11.13 -47.60
N ARG B 274 -31.22 -10.33 -48.60
CA ARG B 274 -30.79 -10.84 -49.88
C ARG B 274 -29.99 -9.75 -50.57
N LEU B 275 -28.96 -10.16 -51.31
CA LEU B 275 -28.06 -9.23 -51.98
C LEU B 275 -28.15 -9.45 -53.48
N ILE B 276 -28.25 -8.35 -54.22
CA ILE B 276 -28.30 -8.40 -55.67
C ILE B 276 -26.89 -8.23 -56.21
N GLU B 277 -26.35 -9.28 -56.83
CA GLU B 277 -25.01 -9.22 -57.38
C GLU B 277 -24.98 -8.30 -58.59
N ARG B 278 -24.06 -7.33 -58.58
CA ARG B 278 -23.94 -6.38 -59.67
C ARG B 278 -23.67 -7.11 -60.97
N LYS B 279 -24.61 -7.05 -61.91
CA LYS B 279 -24.45 -7.72 -63.19
C LYS B 279 -23.14 -7.30 -63.83
N SER B 280 -22.53 -8.24 -64.57
CA SER B 280 -21.23 -7.97 -65.18
C SER B 280 -21.30 -6.76 -66.12
N ASP B 281 -22.41 -6.59 -66.82
CA ASP B 281 -22.55 -5.50 -67.75
C ASP B 281 -22.41 -4.16 -67.03
N LEU B 282 -22.35 -3.09 -67.82
CA LEU B 282 -22.18 -1.73 -67.30
C LEU B 282 -23.50 -1.02 -67.08
N HIS B 283 -24.56 -1.76 -66.79
CA HIS B 283 -25.87 -1.19 -66.53
C HIS B 283 -26.05 -0.90 -65.05
N PRO B 284 -26.93 0.03 -64.71
CA PRO B 284 -27.20 0.31 -63.29
C PRO B 284 -28.02 -0.82 -62.68
N THR B 285 -27.45 -1.50 -61.68
CA THR B 285 -28.12 -2.62 -61.06
C THR B 285 -29.56 -2.29 -60.68
N LEU B 286 -29.83 -1.03 -60.38
CA LEU B 286 -31.18 -0.57 -60.07
C LEU B 286 -31.46 0.69 -60.88
N PRO B 287 -32.03 0.55 -62.07
CA PRO B 287 -32.38 1.73 -62.86
C PRO B 287 -33.43 2.56 -62.16
N ALA B 288 -33.27 3.87 -62.23
CA ALA B 288 -34.19 4.77 -61.54
C ALA B 288 -35.61 4.54 -62.05
N GLY B 289 -36.57 5.09 -61.30
CA GLY B 289 -37.98 4.96 -61.61
C GLY B 289 -38.74 4.41 -60.43
N ARG B 290 -39.96 3.97 -60.70
CA ARG B 290 -40.83 3.41 -59.67
C ARG B 290 -40.87 1.90 -59.78
N TYR B 291 -40.96 1.23 -58.64
CA TYR B 291 -40.95 -0.22 -58.56
C TYR B 291 -42.21 -0.72 -57.86
N TRP B 292 -42.32 -2.04 -57.77
CA TRP B 292 -43.36 -2.71 -57.02
C TRP B 292 -42.70 -3.58 -55.95
N LEU B 293 -43.20 -3.50 -54.73
CA LEU B 293 -42.73 -4.33 -53.62
C LEU B 293 -43.94 -5.02 -53.01
N ASN B 294 -44.11 -6.29 -53.36
CA ASN B 294 -45.23 -7.09 -52.86
C ASN B 294 -44.71 -8.08 -51.82
N VAL B 295 -45.09 -7.87 -50.58
CA VAL B 295 -44.56 -8.61 -49.44
C VAL B 295 -45.60 -9.59 -48.96
N THR B 296 -45.25 -10.86 -48.90
CA THR B 296 -46.17 -11.88 -48.42
C THR B 296 -46.31 -11.76 -46.91
N TYR B 297 -47.01 -10.72 -46.46
CA TYR B 297 -47.08 -10.38 -45.04
C TYR B 297 -47.48 -11.58 -44.20
N ASN B 298 -46.55 -12.10 -43.42
CA ASN B 298 -46.82 -13.17 -42.47
C ASN B 298 -46.37 -12.84 -41.06
N TYR B 299 -45.23 -12.20 -40.91
CA TYR B 299 -44.66 -11.88 -39.60
C TYR B 299 -45.40 -10.71 -38.97
N PRO B 300 -46.27 -10.96 -38.00
CA PRO B 300 -47.02 -9.86 -37.39
C PRO B 300 -46.26 -9.21 -36.24
N VAL B 301 -46.06 -7.91 -36.30
CA VAL B 301 -45.37 -7.16 -35.26
C VAL B 301 -46.22 -6.04 -34.70
N HIS B 302 -47.43 -5.82 -35.22
CA HIS B 302 -48.29 -4.78 -34.69
C HIS B 302 -48.58 -4.98 -33.21
N TYR B 303 -48.48 -6.22 -32.72
CA TYR B 303 -48.83 -6.50 -31.34
C TYR B 303 -48.02 -5.65 -30.37
N PHE B 304 -46.70 -5.83 -30.38
CA PHE B 304 -45.83 -5.08 -29.48
C PHE B 304 -45.52 -3.68 -29.98
N ASP B 305 -46.23 -3.19 -30.98
CA ASP B 305 -46.00 -1.85 -31.52
C ASP B 305 -44.65 -1.76 -32.21
N GLY B 306 -44.26 -2.83 -32.89
CA GLY B 306 -43.01 -2.87 -33.63
C GLY B 306 -43.25 -2.65 -35.11
N ARG B 307 -42.45 -1.77 -35.69
CA ARG B 307 -42.57 -1.45 -37.10
C ARG B 307 -41.93 -2.54 -37.94
N LYS B 308 -41.84 -2.28 -39.25
CA LYS B 308 -41.09 -3.11 -40.17
C LYS B 308 -40.64 -2.23 -41.32
N ARG B 309 -39.62 -2.69 -42.05
CA ARG B 309 -39.08 -1.90 -43.14
C ARG B 309 -38.45 -2.82 -44.17
N MET B 310 -37.87 -2.22 -45.20
CA MET B 310 -37.06 -2.92 -46.18
C MET B 310 -36.03 -1.96 -46.72
N ILE B 311 -34.83 -1.97 -46.15
CA ILE B 311 -33.78 -1.02 -46.47
C ILE B 311 -32.98 -1.56 -47.65
N LEU B 312 -33.06 -0.86 -48.77
CA LEU B 312 -32.15 -1.10 -49.89
C LEU B 312 -30.95 -0.18 -49.76
N SER B 313 -29.78 -0.68 -50.15
CA SER B 313 -28.57 0.09 -49.93
C SER B 313 -27.44 -0.42 -50.81
N THR B 314 -26.50 0.49 -51.08
CA THR B 314 -25.21 0.15 -51.67
C THR B 314 -24.22 -0.07 -50.53
N ILE B 315 -22.95 -0.23 -50.87
CA ILE B 315 -21.91 -0.44 -49.87
C ILE B 315 -20.59 0.11 -50.38
N SER B 316 -19.92 0.89 -49.53
CA SER B 316 -18.56 1.35 -49.77
C SER B 316 -17.67 0.79 -48.67
N TRP B 317 -16.35 0.87 -48.89
CA TRP B 317 -15.41 0.32 -47.92
C TRP B 317 -15.76 0.72 -46.50
N MET B 318 -16.37 1.88 -46.29
CA MET B 318 -16.81 2.25 -44.95
C MET B 318 -17.93 1.35 -44.46
N GLY B 319 -18.74 0.83 -45.37
CA GLY B 319 -19.86 -0.02 -45.00
C GLY B 319 -21.17 0.43 -45.61
N GLY B 320 -22.13 0.78 -44.76
CA GLY B 320 -23.38 1.34 -45.24
C GLY B 320 -23.47 2.81 -44.87
N LYS B 321 -24.36 3.54 -45.53
CA LYS B 321 -24.48 4.98 -45.26
C LYS B 321 -24.58 5.24 -43.77
N ASN B 322 -23.62 5.97 -43.25
CA ASN B 322 -23.58 6.33 -41.83
C ASN B 322 -22.80 7.63 -41.67
N PRO B 323 -23.44 8.70 -41.20
CA PRO B 323 -22.76 10.00 -41.13
C PRO B 323 -21.84 10.13 -39.93
N PHE B 324 -22.14 9.42 -38.84
CA PHE B 324 -21.46 9.66 -37.58
C PHE B 324 -19.95 9.76 -37.77
N LEU B 325 -19.32 8.70 -38.27
CA LEU B 325 -17.86 8.68 -38.41
C LEU B 325 -17.36 9.96 -39.07
N GLY B 326 -18.10 10.45 -40.05
CA GLY B 326 -17.74 11.71 -40.68
C GLY B 326 -17.81 12.86 -39.71
N ILE B 327 -19.02 13.19 -39.25
CA ILE B 327 -19.23 14.32 -38.37
C ILE B 327 -18.44 14.20 -37.07
N ALA B 328 -17.91 13.03 -36.75
CA ALA B 328 -17.12 12.89 -35.54
C ALA B 328 -15.70 13.36 -35.77
N TYR B 329 -14.99 12.74 -36.71
CA TYR B 329 -13.64 13.16 -37.05
C TYR B 329 -13.57 14.67 -37.27
N ILE B 330 -14.42 15.19 -38.16
CA ILE B 330 -14.43 16.61 -38.47
C ILE B 330 -14.84 17.45 -37.27
N ALA B 331 -15.41 16.84 -36.23
CA ALA B 331 -15.69 17.56 -35.00
C ALA B 331 -14.59 17.38 -33.97
N VAL B 332 -13.67 16.46 -34.19
CA VAL B 332 -12.48 16.33 -33.35
C VAL B 332 -11.25 16.87 -34.05
N GLY B 333 -11.10 16.56 -35.34
CA GLY B 333 -10.00 17.09 -36.12
C GLY B 333 -10.07 18.59 -36.33
N SER B 334 -11.10 19.23 -35.77
CA SER B 334 -11.23 20.67 -35.87
C SER B 334 -11.61 21.34 -34.55
N ILE B 335 -11.59 20.60 -33.45
CA ILE B 335 -11.63 21.20 -32.11
C ILE B 335 -10.35 20.95 -31.34
N SER B 336 -9.52 20.01 -31.78
CA SER B 336 -8.15 19.94 -31.29
C SER B 336 -7.28 20.95 -32.00
N PHE B 337 -7.40 21.03 -33.32
CA PHE B 337 -6.64 21.97 -34.14
C PHE B 337 -7.05 23.42 -33.92
N LEU B 338 -7.99 23.69 -33.02
CA LEU B 338 -8.37 25.06 -32.71
C LEU B 338 -7.79 25.51 -31.38
N LEU B 339 -7.98 24.72 -30.32
CA LEU B 339 -7.36 25.06 -29.05
C LEU B 339 -5.88 25.36 -29.23
N GLY B 340 -5.19 24.59 -30.07
CA GLY B 340 -3.81 24.90 -30.38
C GLY B 340 -3.61 26.35 -30.77
N VAL B 341 -4.52 26.88 -31.60
CA VAL B 341 -4.50 28.30 -31.93
C VAL B 341 -4.66 29.13 -30.66
N VAL B 342 -5.78 28.94 -29.96
CA VAL B 342 -5.99 29.68 -28.71
C VAL B 342 -4.87 29.43 -27.72
N LEU B 343 -4.15 28.31 -27.86
CA LEU B 343 -2.96 28.08 -27.04
C LEU B 343 -1.75 28.78 -27.63
N LEU B 344 -1.48 28.57 -28.92
CA LEU B 344 -0.35 29.24 -29.55
C LEU B 344 -0.44 30.74 -29.42
N VAL B 345 -1.65 31.30 -29.55
CA VAL B 345 -1.81 32.75 -29.48
C VAL B 345 -1.75 33.22 -28.03
N ILE B 346 -2.29 32.44 -27.10
CA ILE B 346 -2.29 32.86 -25.71
C ILE B 346 -0.90 32.77 -25.11
N ASN B 347 -0.11 31.80 -25.52
CA ASN B 347 1.22 31.61 -24.93
C ASN B 347 2.15 32.74 -25.31
N HIS B 348 2.25 33.05 -26.61
CA HIS B 348 3.15 34.11 -27.04
C HIS B 348 2.76 35.46 -26.46
N LYS B 349 1.46 35.68 -26.24
CA LYS B 349 1.01 36.95 -25.66
C LYS B 349 1.20 37.02 -24.16
N TYR B 350 1.94 36.08 -23.58
CA TYR B 350 2.26 36.12 -22.15
C TYR B 350 3.75 35.90 -21.92
#